data_4P74
#
_entry.id   4P74
#
_cell.length_a   113.060
_cell.length_b   219.260
_cell.length_c   107.400
_cell.angle_alpha   90.00
_cell.angle_beta   101.88
_cell.angle_gamma   90.00
#
_symmetry.space_group_name_H-M   'C 1 2 1'
#
loop_
_entity.id
_entity.type
_entity.pdbx_description
1 polymer 'Phenylalanine--tRNA ligase beta subunit'
2 polymer 'Phenylalanine--tRNA ligase alpha subunit'
3 non-polymer N-[(3S)-1,1-dioxidotetrahydrothiophen-3-yl]-2-[(4-methylphenoxy)methyl]-1,3-thiazole-4-carboxamide
4 water water
#
loop_
_entity_poly.entity_id
_entity_poly.type
_entity_poly.pdbx_seq_one_letter_code
_entity_poly.pdbx_strand_id
1 'polypeptide(L)'
;MKFSEKWLRSWANPQVSHDELVARLSMVGLEVDADLPVAGAFSGVVVGEVLSTEQHPDADKLRVCQVSNGSETFQVVCGA
PNVRAGLKIPFAMIGAELPDDFKIKKAKLRGVESFGMLCSAKELQISEENAGLLELPADAPVGQDVRTYLELADYTIEVG
LTPNRGDCLSLAGLAREVSAIYDVPLAPVAVDAVAAQHDETRPVELAAPAACPRYLGRVIRNVDLSRPTPLWMVERLRRS
DIRSIDPVVDVTNYVMIELGQPMHAFDLAEINGGVRVRMAEDGEKLVLLDGQEITLRADTLVIADHQRALAIAGVMGGEH
SGVSDSTRDLFLEAAFFDTIALAGKARSYGLHTDSSHRFERGVDSQLARKAMERATRLILDIVGGEPGPIVEQVSEAHLP
KVAPITLRAERVTQMLGMPLDAAEIVRLLQALELTVVADGEGQWSVGVPSHRFDISLEVDLIEELARLYGYNRLPVRYPQ
ARLAPNNKPEARAALPLLRRLLVARGYQEAITFSFIDPALFELFDPGTQPLTLANPISADMAAMRSSLWPGLVKALQHNL
NRQQSRVRLFESGLRFVGQLEGLKQEAMLAGAICGKRLPEGWANGRDGVDFFDAKADVEAVLASAGALGDFSFVPGEHPA
LHPGQTARIEREGRLVGYLGALHPELAKKLDLEQPVFLFELLLAEVVDGHLPKFRELSRFPEVRRDLALLVDQDVPAQDI
LTQIRAAAGEWLTDLRLFDVYHGKGIDPHRKSLAVGLTWQHPSRTLNDDEVNSTTQNIVTSLEERFNATLRK
;
A,B
2 'polypeptide(L)'
;MENLDALVSQALEAVRHTEDVNALEQIRVHYLGKKGELTQVMKTLGDLPAEERPKVGALINVAKEKVQDVLNARKTELEG
AALAARLAAERIDVTLPGRGQLSGGLHPVTRTLERIEQCFSRIGYEVAEGPEVEDDYHNFEALNIPGHHPARAMHDTFYF
NANMLLRTHTSPVQVRTMESQQPPIRIVCPGRVYRCDSDLTHSPMFHQVEGLLVDEGVSFADLKGTIEEFLRAFFEKQLE
VRFRPSFFPFTEPSAEVDIQCVICSGNGCRVCKQTGWLEVMGCGMVHPNVLRMSNIDPEKFQGFAFGMGAERLAMLRYGV
NDLRLFFDNDLRFLGQFR
;
C,D
#
loop_
_chem_comp.id
_chem_comp.type
_chem_comp.name
_chem_comp.formula
2U9 non-polymer N-[(3S)-1,1-dioxidotetrahydrothiophen-3-yl]-2-[(4-methylphenoxy)methyl]-1,3-thiazole-4-carboxamide 'C16 H18 N2 O4 S2'
#
# COMPACT_ATOMS: atom_id res chain seq x y z
N MET A 1 -4.87 -44.70 -3.62
CA MET A 1 -4.47 -45.98 -3.00
C MET A 1 -5.44 -46.32 -1.86
N LYS A 2 -6.15 -47.46 -1.96
CA LYS A 2 -7.11 -47.88 -0.94
C LYS A 2 -6.58 -49.11 -0.20
N PHE A 3 -6.86 -49.26 1.08
CA PHE A 3 -6.35 -50.38 1.88
C PHE A 3 -7.15 -50.65 3.16
N SER A 4 -7.02 -51.87 3.68
CA SER A 4 -7.60 -52.31 4.93
C SER A 4 -6.65 -51.84 6.04
N GLU A 5 -7.20 -51.10 7.01
CA GLU A 5 -6.43 -50.62 8.16
C GLU A 5 -5.89 -51.79 9.00
N LYS A 6 -6.70 -52.84 9.16
CA LYS A 6 -6.37 -54.02 9.95
C LYS A 6 -5.12 -54.69 9.39
N TRP A 7 -5.05 -54.79 8.05
CA TRP A 7 -3.92 -55.35 7.32
C TRP A 7 -2.69 -54.44 7.50
N LEU A 8 -2.88 -53.13 7.38
CA LEU A 8 -1.78 -52.19 7.61
C LEU A 8 -1.21 -52.39 9.03
N ARG A 9 -2.10 -52.38 10.04
CA ARG A 9 -1.74 -52.53 11.45
C ARG A 9 -1.04 -53.87 11.74
N SER A 10 -1.23 -54.87 10.85
CA SER A 10 -0.56 -56.16 11.01
C SER A 10 0.96 -56.06 10.70
N TRP A 11 1.38 -54.95 10.01
CA TRP A 11 2.77 -54.66 9.68
C TRP A 11 3.37 -53.66 10.65
N ALA A 12 2.69 -52.53 10.83
CA ALA A 12 3.10 -51.46 11.73
C ALA A 12 1.83 -50.94 12.44
N ASN A 13 1.72 -51.24 13.76
CA ASN A 13 0.55 -50.87 14.56
C ASN A 13 0.75 -49.59 15.38
N PRO A 14 0.28 -48.43 14.87
CA PRO A 14 0.41 -47.18 15.63
C PRO A 14 -0.51 -47.27 16.84
N GLN A 15 -0.01 -46.97 18.05
CA GLN A 15 -0.86 -47.09 19.23
C GLN A 15 -1.73 -45.82 19.39
N VAL A 16 -2.60 -45.61 18.36
CA VAL A 16 -3.53 -44.51 18.15
C VAL A 16 -4.83 -45.05 17.53
N SER A 17 -5.97 -44.37 17.71
CA SER A 17 -7.27 -44.82 17.19
C SER A 17 -7.40 -44.62 15.68
N HIS A 18 -8.53 -45.07 15.07
CA HIS A 18 -8.76 -44.89 13.62
C HIS A 18 -8.71 -43.39 13.27
N ASP A 19 -9.53 -42.59 13.97
CA ASP A 19 -9.65 -41.15 13.75
C ASP A 19 -8.30 -40.42 13.82
N GLU A 20 -7.47 -40.78 14.78
CA GLU A 20 -6.13 -40.22 14.96
C GLU A 20 -5.20 -40.54 13.78
N LEU A 21 -5.25 -41.81 13.30
CA LEU A 21 -4.46 -42.29 12.17
C LEU A 21 -4.85 -41.54 10.89
N VAL A 22 -6.16 -41.48 10.56
CA VAL A 22 -6.67 -40.80 9.37
C VAL A 22 -6.30 -39.30 9.37
N ALA A 23 -6.31 -38.68 10.57
CA ALA A 23 -5.96 -37.27 10.75
C ALA A 23 -4.47 -37.06 10.45
N ARG A 24 -3.60 -37.82 11.15
CA ARG A 24 -2.16 -37.74 10.99
C ARG A 24 -1.69 -37.95 9.56
N LEU A 25 -2.31 -38.92 8.85
CA LEU A 25 -1.97 -39.26 7.47
C LEU A 25 -1.94 -38.06 6.55
N SER A 26 -2.99 -37.25 6.60
CA SER A 26 -3.07 -36.05 5.78
C SER A 26 -1.98 -35.03 6.22
N MET A 27 -1.73 -34.92 7.55
CA MET A 27 -0.75 -34.00 8.11
C MET A 27 0.72 -34.42 7.91
N VAL A 28 0.92 -35.60 7.32
CA VAL A 28 2.27 -36.05 7.01
C VAL A 28 2.45 -36.15 5.51
N GLY A 29 1.43 -35.73 4.75
CA GLY A 29 1.50 -35.70 3.28
C GLY A 29 0.84 -36.84 2.54
N LEU A 30 -0.02 -37.63 3.21
CA LEU A 30 -0.77 -38.69 2.57
C LEU A 30 -2.21 -38.30 2.79
N GLU A 31 -2.77 -37.45 1.90
CA GLU A 31 -4.14 -36.97 2.12
C GLU A 31 -5.18 -38.03 1.96
N VAL A 32 -5.95 -38.25 3.04
CA VAL A 32 -7.05 -39.20 3.08
C VAL A 32 -8.24 -38.63 2.31
N ASP A 33 -8.76 -39.40 1.37
CA ASP A 33 -9.90 -39.00 0.54
C ASP A 33 -11.18 -39.67 1.02
N ALA A 34 -11.04 -40.81 1.75
CA ALA A 34 -12.17 -41.55 2.34
C ALA A 34 -11.71 -42.57 3.40
N ASP A 35 -12.57 -42.80 4.41
CA ASP A 35 -12.37 -43.80 5.47
C ASP A 35 -13.74 -44.40 5.72
N LEU A 36 -13.94 -45.67 5.30
CA LEU A 36 -15.24 -46.35 5.36
C LEU A 36 -15.22 -47.71 6.01
N PRO A 37 -16.29 -48.12 6.72
CA PRO A 37 -16.36 -49.49 7.28
C PRO A 37 -16.42 -50.52 6.12
N VAL A 38 -15.75 -51.70 6.24
CA VAL A 38 -15.54 -52.73 5.18
C VAL A 38 -16.78 -53.57 4.75
N ALA A 39 -17.76 -53.73 5.62
CA ALA A 39 -18.93 -54.52 5.24
C ALA A 39 -20.16 -53.97 5.91
N GLY A 40 -21.32 -54.49 5.49
CA GLY A 40 -22.60 -54.11 6.08
C GLY A 40 -22.75 -54.60 7.50
N ALA A 41 -23.75 -54.06 8.20
CA ALA A 41 -24.02 -54.41 9.60
C ALA A 41 -24.99 -55.57 9.70
N PHE A 42 -24.69 -56.52 10.62
CA PHE A 42 -25.50 -57.71 10.90
C PHE A 42 -25.07 -58.38 12.22
N SER A 43 -25.95 -59.21 12.80
CA SER A 43 -25.72 -59.87 14.08
C SER A 43 -26.35 -61.24 14.07
N GLY A 44 -25.89 -62.09 14.99
CA GLY A 44 -26.38 -63.45 15.12
C GLY A 44 -25.90 -64.42 14.07
N VAL A 45 -24.87 -64.05 13.28
CA VAL A 45 -24.33 -64.95 12.26
C VAL A 45 -23.02 -65.58 12.74
N VAL A 46 -22.99 -66.90 12.82
CA VAL A 46 -21.83 -67.65 13.32
C VAL A 46 -21.27 -68.62 12.28
N VAL A 47 -20.14 -69.27 12.58
CA VAL A 47 -19.57 -70.27 11.67
C VAL A 47 -20.36 -71.59 11.86
N GLY A 48 -20.98 -72.07 10.78
CA GLY A 48 -21.77 -73.30 10.77
C GLY A 48 -21.20 -74.39 9.89
N GLU A 49 -21.30 -75.65 10.34
CA GLU A 49 -20.81 -76.79 9.56
C GLU A 49 -21.93 -77.72 9.11
N VAL A 50 -22.00 -77.94 7.78
CA VAL A 50 -22.99 -78.83 7.18
C VAL A 50 -22.55 -80.26 7.44
N LEU A 51 -23.34 -80.99 8.22
CA LEU A 51 -23.06 -82.39 8.56
C LEU A 51 -23.61 -83.34 7.48
N SER A 52 -24.84 -83.05 7.00
CA SER A 52 -25.49 -83.84 5.95
C SER A 52 -26.48 -83.00 5.16
N THR A 53 -26.76 -83.40 3.92
CA THR A 53 -27.77 -82.79 3.04
C THR A 53 -28.68 -83.91 2.57
N GLU A 54 -29.93 -83.57 2.25
CA GLU A 54 -30.88 -84.54 1.73
C GLU A 54 -31.78 -83.82 0.74
N GLN A 55 -32.35 -84.55 -0.22
CA GLN A 55 -33.23 -83.91 -1.19
C GLN A 55 -34.59 -83.69 -0.54
N HIS A 56 -35.09 -82.46 -0.63
CA HIS A 56 -36.38 -82.06 -0.11
C HIS A 56 -37.50 -82.84 -0.84
N PRO A 57 -38.32 -83.65 -0.12
CA PRO A 57 -39.32 -84.50 -0.81
C PRO A 57 -40.46 -83.80 -1.56
N ASP A 58 -40.60 -82.45 -1.44
CA ASP A 58 -41.70 -81.70 -2.06
C ASP A 58 -41.26 -80.40 -2.78
N ALA A 59 -39.97 -80.29 -3.16
CA ALA A 59 -39.39 -79.14 -3.89
C ALA A 59 -37.98 -79.51 -4.33
N ASP A 60 -37.79 -79.69 -5.65
CA ASP A 60 -36.52 -80.14 -6.23
C ASP A 60 -35.40 -79.11 -6.15
N LYS A 61 -35.75 -77.81 -6.15
CA LYS A 61 -34.77 -76.71 -6.06
C LYS A 61 -34.14 -76.56 -4.65
N LEU A 62 -34.66 -77.34 -3.66
CA LEU A 62 -34.25 -77.30 -2.25
C LEU A 62 -33.60 -78.55 -1.69
N ARG A 63 -32.82 -78.36 -0.62
CA ARG A 63 -32.11 -79.41 0.12
C ARG A 63 -32.46 -79.26 1.60
N VAL A 64 -32.57 -80.39 2.30
CA VAL A 64 -32.82 -80.42 3.72
C VAL A 64 -31.49 -80.82 4.43
N CYS A 65 -30.84 -79.82 5.04
CA CYS A 65 -29.53 -79.94 5.70
C CYS A 65 -29.57 -80.01 7.22
N GLN A 66 -28.58 -80.70 7.79
CA GLN A 66 -28.31 -80.79 9.23
C GLN A 66 -27.03 -79.96 9.44
N VAL A 67 -27.15 -78.85 10.17
CA VAL A 67 -26.02 -77.92 10.38
C VAL A 67 -25.73 -77.72 11.87
N SER A 68 -24.43 -77.77 12.25
CA SER A 68 -23.97 -77.58 13.63
C SER A 68 -23.37 -76.18 13.84
N ASN A 69 -23.59 -75.57 15.02
CA ASN A 69 -23.00 -74.28 15.39
C ASN A 69 -21.90 -74.52 16.47
N GLY A 70 -21.48 -75.79 16.56
CA GLY A 70 -20.49 -76.27 17.54
C GLY A 70 -21.09 -76.52 18.91
N SER A 71 -22.39 -76.24 19.09
CA SER A 71 -23.11 -76.40 20.37
C SER A 71 -24.34 -77.29 20.21
N GLU A 72 -24.96 -77.24 19.02
CA GLU A 72 -26.23 -77.88 18.68
C GLU A 72 -26.36 -78.09 17.17
N THR A 73 -27.16 -79.10 16.76
CA THR A 73 -27.47 -79.41 15.35
C THR A 73 -28.89 -78.94 15.03
N PHE A 74 -28.99 -78.09 14.00
CA PHE A 74 -30.25 -77.51 13.52
C PHE A 74 -30.54 -77.96 12.10
N GLN A 75 -31.83 -78.20 11.81
CA GLN A 75 -32.27 -78.52 10.46
C GLN A 75 -32.51 -77.20 9.70
N VAL A 76 -31.73 -76.99 8.64
CA VAL A 76 -31.88 -75.79 7.81
C VAL A 76 -32.17 -76.21 6.37
N VAL A 77 -33.26 -75.69 5.80
CA VAL A 77 -33.66 -75.95 4.42
C VAL A 77 -32.88 -74.91 3.56
N CYS A 78 -32.07 -75.37 2.59
CA CYS A 78 -31.25 -74.48 1.75
C CYS A 78 -31.44 -74.76 0.26
N GLY A 79 -31.54 -73.69 -0.54
CA GLY A 79 -31.71 -73.78 -1.98
C GLY A 79 -30.49 -73.44 -2.84
N ALA A 80 -29.34 -73.24 -2.22
CA ALA A 80 -28.11 -72.90 -2.94
C ALA A 80 -27.52 -74.13 -3.67
N PRO A 81 -27.11 -73.97 -4.95
CA PRO A 81 -26.53 -75.11 -5.70
C PRO A 81 -25.18 -75.67 -5.17
N ASN A 82 -24.51 -74.95 -4.25
CA ASN A 82 -23.24 -75.41 -3.69
C ASN A 82 -23.34 -76.07 -2.28
N VAL A 83 -24.55 -76.09 -1.66
CA VAL A 83 -24.73 -76.64 -0.31
C VAL A 83 -24.47 -78.19 -0.31
N ARG A 84 -23.45 -78.60 0.46
CA ARG A 84 -23.02 -79.99 0.59
C ARG A 84 -22.42 -80.26 1.98
N ALA A 85 -22.38 -81.54 2.40
CA ALA A 85 -21.78 -81.95 3.67
C ALA A 85 -20.29 -81.57 3.72
N GLY A 86 -19.82 -81.22 4.92
CA GLY A 86 -18.46 -80.82 5.23
C GLY A 86 -18.19 -79.34 5.13
N LEU A 87 -19.04 -78.64 4.37
CA LEU A 87 -18.92 -77.21 4.13
C LEU A 87 -19.07 -76.37 5.37
N LYS A 88 -18.14 -75.41 5.52
CA LYS A 88 -18.10 -74.41 6.59
C LYS A 88 -18.72 -73.16 5.93
N ILE A 89 -19.82 -72.67 6.50
CA ILE A 89 -20.58 -71.56 5.91
C ILE A 89 -21.13 -70.59 6.97
N PRO A 90 -21.54 -69.34 6.62
CA PRO A 90 -22.13 -68.46 7.63
C PRO A 90 -23.55 -68.94 7.98
N PHE A 91 -23.75 -69.36 9.22
CA PHE A 91 -25.06 -69.81 9.69
C PHE A 91 -25.81 -68.72 10.46
N ALA A 92 -26.87 -68.18 9.83
CA ALA A 92 -27.74 -67.17 10.44
C ALA A 92 -28.87 -67.90 11.22
N MET A 93 -28.71 -67.97 12.55
CA MET A 93 -29.65 -68.60 13.47
C MET A 93 -30.93 -67.80 13.60
N ILE A 94 -31.96 -68.39 14.21
CA ILE A 94 -33.30 -67.82 14.33
C ILE A 94 -33.29 -66.31 14.81
N GLY A 95 -32.61 -65.93 15.87
CA GLY A 95 -32.68 -64.52 16.25
C GLY A 95 -31.92 -63.47 15.43
N ALA A 96 -31.18 -63.91 14.38
CA ALA A 96 -30.24 -63.11 13.60
C ALA A 96 -30.85 -61.97 12.81
N GLU A 97 -30.16 -60.83 12.86
CA GLU A 97 -30.50 -59.59 12.20
C GLU A 97 -29.53 -59.38 11.04
N LEU A 98 -30.01 -59.54 9.80
CA LEU A 98 -29.23 -59.37 8.57
C LEU A 98 -29.39 -57.95 7.99
N PRO A 99 -28.54 -57.48 7.01
CA PRO A 99 -28.71 -56.11 6.50
C PRO A 99 -30.10 -55.76 5.94
N ASP A 100 -30.43 -54.44 5.98
CA ASP A 100 -31.69 -53.83 5.53
C ASP A 100 -32.91 -54.43 6.28
N ASP A 101 -32.78 -54.46 7.63
CA ASP A 101 -33.77 -54.96 8.60
C ASP A 101 -34.41 -56.31 8.23
N PHE A 102 -33.54 -57.31 7.95
CA PHE A 102 -33.98 -58.67 7.63
C PHE A 102 -33.80 -59.58 8.86
N LYS A 103 -34.89 -59.86 9.60
CA LYS A 103 -34.86 -60.72 10.78
C LYS A 103 -35.19 -62.16 10.43
N ILE A 104 -34.28 -63.08 10.77
CA ILE A 104 -34.43 -64.51 10.52
C ILE A 104 -35.50 -65.05 11.45
N LYS A 105 -36.50 -65.78 10.91
CA LYS A 105 -37.59 -66.35 11.70
C LYS A 105 -37.61 -67.84 11.49
N LYS A 106 -38.46 -68.55 12.25
CA LYS A 106 -38.63 -70.00 12.11
C LYS A 106 -39.40 -70.18 10.79
N ALA A 107 -39.25 -71.33 10.14
CA ALA A 107 -39.93 -71.62 8.89
C ALA A 107 -40.30 -73.10 8.70
N LYS A 108 -41.38 -73.35 7.95
CA LYS A 108 -41.86 -74.66 7.52
C LYS A 108 -42.02 -74.56 5.99
N LEU A 109 -40.88 -74.72 5.31
CA LEU A 109 -40.77 -74.64 3.87
C LEU A 109 -41.17 -75.96 3.19
N ARG A 110 -42.38 -75.93 2.58
CA ARG A 110 -43.05 -77.03 1.88
C ARG A 110 -43.10 -78.29 2.76
N GLY A 111 -43.63 -78.09 3.97
CA GLY A 111 -43.83 -79.10 4.98
C GLY A 111 -42.61 -79.46 5.80
N VAL A 112 -41.45 -78.84 5.52
CA VAL A 112 -40.21 -79.15 6.25
C VAL A 112 -39.77 -77.97 7.13
N GLU A 113 -39.47 -78.25 8.43
CA GLU A 113 -39.02 -77.27 9.42
C GLU A 113 -37.55 -76.83 9.24
N SER A 114 -37.31 -75.51 9.23
CA SER A 114 -36.00 -74.88 9.05
C SER A 114 -35.72 -73.90 10.22
N PHE A 115 -34.64 -74.15 10.98
CA PHE A 115 -34.24 -73.38 12.16
C PHE A 115 -33.04 -72.44 11.92
N GLY A 116 -33.13 -71.66 10.86
CA GLY A 116 -32.09 -70.73 10.47
C GLY A 116 -31.95 -70.64 8.97
N MET A 117 -30.90 -69.94 8.54
CA MET A 117 -30.59 -69.72 7.13
C MET A 117 -29.07 -69.73 6.94
N LEU A 118 -28.60 -70.27 5.80
CA LEU A 118 -27.18 -70.27 5.42
C LEU A 118 -27.00 -69.10 4.43
N CYS A 119 -25.87 -68.36 4.49
CA CYS A 119 -25.76 -67.13 3.68
C CYS A 119 -24.65 -67.09 2.63
N SER A 120 -24.90 -66.23 1.65
CA SER A 120 -24.03 -65.81 0.57
C SER A 120 -23.36 -64.51 1.05
N ALA A 121 -22.23 -64.15 0.42
CA ALA A 121 -21.51 -62.89 0.70
C ALA A 121 -22.45 -61.70 0.43
N LYS A 122 -23.26 -61.79 -0.64
CA LYS A 122 -24.25 -60.77 -1.02
C LYS A 122 -25.26 -60.47 0.10
N GLU A 123 -25.95 -61.51 0.63
CA GLU A 123 -26.92 -61.50 1.74
C GLU A 123 -26.37 -60.75 2.95
N LEU A 124 -25.04 -60.85 3.19
CA LEU A 124 -24.33 -60.24 4.33
C LEU A 124 -23.63 -58.91 4.02
N GLN A 125 -23.68 -58.48 2.74
CA GLN A 125 -23.03 -57.28 2.21
C GLN A 125 -21.52 -57.38 2.38
N ILE A 126 -20.98 -58.58 2.10
CA ILE A 126 -19.55 -58.91 2.17
C ILE A 126 -18.96 -58.68 0.77
N SER A 127 -19.58 -59.27 -0.25
CA SER A 127 -19.23 -59.10 -1.65
C SER A 127 -20.56 -59.04 -2.44
N GLU A 128 -20.51 -59.13 -3.78
CA GLU A 128 -21.71 -59.13 -4.62
C GLU A 128 -21.96 -60.56 -5.17
N GLU A 129 -21.22 -61.54 -4.58
CA GLU A 129 -21.28 -62.97 -4.91
C GLU A 129 -22.54 -63.61 -4.29
N ASN A 130 -23.65 -63.63 -5.06
CA ASN A 130 -24.90 -64.26 -4.64
C ASN A 130 -25.09 -65.59 -5.38
N ALA A 131 -24.08 -66.00 -6.20
CA ALA A 131 -24.07 -67.25 -6.97
C ALA A 131 -24.41 -68.44 -6.07
N GLY A 132 -23.87 -68.42 -4.86
CA GLY A 132 -24.08 -69.44 -3.85
C GLY A 132 -23.67 -68.98 -2.47
N LEU A 133 -23.56 -69.93 -1.54
CA LEU A 133 -23.17 -69.70 -0.15
C LEU A 133 -21.72 -69.33 -0.04
N LEU A 134 -21.40 -68.37 0.85
CA LEU A 134 -20.02 -67.98 1.12
C LEU A 134 -19.24 -69.15 1.80
N GLU A 135 -18.55 -69.96 0.96
CA GLU A 135 -17.77 -71.12 1.40
C GLU A 135 -16.55 -70.66 2.21
N LEU A 136 -16.55 -71.00 3.53
CA LEU A 136 -15.48 -70.65 4.48
C LEU A 136 -14.38 -71.72 4.57
N PRO A 137 -13.11 -71.32 4.91
CA PRO A 137 -12.01 -72.32 5.04
C PRO A 137 -12.39 -73.59 5.77
N ALA A 138 -11.87 -74.72 5.31
CA ALA A 138 -12.15 -76.04 5.87
C ALA A 138 -11.86 -76.10 7.38
N ASP A 139 -10.91 -75.25 7.83
CA ASP A 139 -10.47 -75.17 9.21
C ASP A 139 -11.09 -73.98 10.00
N ALA A 140 -12.21 -73.39 9.50
CA ALA A 140 -12.89 -72.26 10.19
C ALA A 140 -13.37 -72.66 11.64
N PRO A 141 -13.35 -71.74 12.65
CA PRO A 141 -13.81 -72.12 13.99
C PRO A 141 -15.34 -72.12 14.11
N VAL A 142 -15.94 -73.33 14.13
CA VAL A 142 -17.41 -73.51 14.18
C VAL A 142 -17.98 -72.94 15.48
N GLY A 143 -18.93 -72.01 15.31
CA GLY A 143 -19.63 -71.33 16.38
C GLY A 143 -19.22 -69.87 16.58
N GLN A 144 -18.00 -69.50 16.11
CA GLN A 144 -17.48 -68.13 16.24
C GLN A 144 -18.30 -67.12 15.41
N ASP A 145 -18.48 -65.90 15.92
CA ASP A 145 -19.18 -64.87 15.14
C ASP A 145 -18.40 -64.62 13.82
N VAL A 146 -19.14 -64.65 12.71
CA VAL A 146 -18.65 -64.50 11.35
C VAL A 146 -17.96 -63.11 11.16
N ARG A 147 -18.43 -62.05 11.87
CA ARG A 147 -17.81 -60.73 11.82
C ARG A 147 -16.43 -60.79 12.44
N THR A 148 -16.30 -61.52 13.59
CA THR A 148 -15.03 -61.72 14.31
C THR A 148 -14.06 -62.43 13.38
N TYR A 149 -14.46 -63.63 12.93
CA TYR A 149 -13.68 -64.49 12.06
C TYR A 149 -13.26 -63.83 10.74
N LEU A 150 -14.19 -63.18 10.05
CA LEU A 150 -13.88 -62.54 8.78
C LEU A 150 -13.34 -61.12 8.90
N GLU A 151 -13.04 -60.68 10.15
CA GLU A 151 -12.48 -59.35 10.48
C GLU A 151 -13.26 -58.23 9.75
N LEU A 152 -14.60 -58.24 9.90
CA LEU A 152 -15.55 -57.31 9.27
C LEU A 152 -15.69 -55.97 10.00
N ALA A 153 -15.17 -55.90 11.22
CA ALA A 153 -15.13 -54.67 11.99
C ALA A 153 -13.76 -54.10 11.56
N ASP A 154 -13.73 -53.37 10.43
CA ASP A 154 -12.51 -52.81 9.86
C ASP A 154 -12.90 -51.65 8.96
N TYR A 155 -11.92 -50.80 8.61
CA TYR A 155 -12.12 -49.68 7.71
C TYR A 155 -11.18 -49.76 6.54
N THR A 156 -11.62 -49.16 5.45
CA THR A 156 -10.84 -49.04 4.25
C THR A 156 -10.45 -47.54 4.11
N ILE A 157 -9.14 -47.24 4.26
CA ILE A 157 -8.62 -45.88 4.14
C ILE A 157 -8.12 -45.67 2.71
N GLU A 158 -8.58 -44.59 2.07
CA GLU A 158 -8.19 -44.23 0.72
C GLU A 158 -7.36 -42.97 0.75
N VAL A 159 -6.18 -43.06 0.20
CA VAL A 159 -5.19 -42.00 0.15
C VAL A 159 -5.04 -41.48 -1.28
N GLY A 160 -5.04 -40.16 -1.42
CA GLY A 160 -4.79 -39.49 -2.69
C GLY A 160 -3.33 -39.13 -2.72
N LEU A 161 -2.51 -40.04 -3.24
CA LEU A 161 -1.05 -39.89 -3.25
C LEU A 161 -0.53 -38.84 -4.24
N THR A 162 0.59 -38.21 -3.87
CA THR A 162 1.27 -37.19 -4.66
C THR A 162 2.26 -37.94 -5.57
N PRO A 163 2.47 -37.47 -6.83
CA PRO A 163 3.35 -38.20 -7.78
C PRO A 163 4.74 -38.60 -7.28
N ASN A 164 5.25 -37.97 -6.23
CA ASN A 164 6.57 -38.31 -5.66
C ASN A 164 6.54 -39.56 -4.73
N ARG A 165 5.34 -40.03 -4.32
CA ARG A 165 5.24 -41.14 -3.40
C ARG A 165 4.68 -42.41 -4.03
N GLY A 166 5.31 -42.84 -5.11
CA GLY A 166 5.00 -44.08 -5.79
C GLY A 166 5.24 -45.29 -4.91
N ASP A 167 6.19 -45.16 -3.98
CA ASP A 167 6.56 -46.16 -2.99
C ASP A 167 5.38 -46.52 -2.06
N CYS A 168 4.42 -45.58 -1.87
CA CYS A 168 3.24 -45.76 -1.05
C CYS A 168 2.06 -46.41 -1.78
N LEU A 169 2.30 -46.96 -2.99
CA LEU A 169 1.28 -47.64 -3.79
C LEU A 169 1.14 -49.13 -3.40
N SER A 170 1.39 -49.43 -2.13
CA SER A 170 1.35 -50.77 -1.55
C SER A 170 1.20 -50.69 -0.06
N LEU A 171 0.86 -51.83 0.54
CA LEU A 171 0.77 -51.96 1.97
C LEU A 171 2.16 -51.89 2.57
N ALA A 172 3.17 -52.45 1.87
CA ALA A 172 4.58 -52.39 2.32
C ALA A 172 5.05 -50.93 2.45
N GLY A 173 4.75 -50.10 1.45
CA GLY A 173 5.10 -48.69 1.38
C GLY A 173 4.41 -47.88 2.45
N LEU A 174 3.07 -48.02 2.56
CA LEU A 174 2.24 -47.35 3.58
C LEU A 174 2.59 -47.74 5.02
N ALA A 175 2.90 -49.03 5.27
CA ALA A 175 3.28 -49.49 6.60
C ALA A 175 4.64 -48.96 7.02
N ARG A 176 5.56 -48.74 6.04
CA ARG A 176 6.88 -48.19 6.32
C ARG A 176 6.72 -46.76 6.84
N GLU A 177 5.81 -46.00 6.19
CA GLU A 177 5.49 -44.63 6.55
C GLU A 177 4.98 -44.60 7.96
N VAL A 178 3.92 -45.37 8.26
CA VAL A 178 3.33 -45.45 9.59
C VAL A 178 4.40 -45.73 10.67
N SER A 179 5.27 -46.73 10.45
CA SER A 179 6.35 -47.07 11.36
C SER A 179 7.23 -45.84 11.62
N ALA A 180 7.54 -45.06 10.56
CA ALA A 180 8.35 -43.84 10.66
C ALA A 180 7.59 -42.76 11.41
N ILE A 181 6.35 -42.44 10.98
CA ILE A 181 5.45 -41.44 11.60
C ILE A 181 5.38 -41.62 13.09
N TYR A 182 5.08 -42.82 13.54
CA TYR A 182 4.83 -43.16 14.93
C TYR A 182 5.98 -43.78 15.71
N ASP A 183 7.14 -44.04 15.08
CA ASP A 183 8.27 -44.69 15.75
C ASP A 183 7.80 -46.00 16.41
N VAL A 184 7.18 -46.85 15.63
CA VAL A 184 6.65 -48.13 16.09
C VAL A 184 7.33 -49.24 15.24
N PRO A 185 7.75 -50.42 15.79
CA PRO A 185 8.43 -51.44 14.95
C PRO A 185 7.68 -51.84 13.68
N LEU A 186 8.43 -52.08 12.59
CA LEU A 186 7.90 -52.53 11.29
C LEU A 186 8.16 -54.02 11.13
N ALA A 187 7.07 -54.82 11.06
CA ALA A 187 7.06 -56.28 10.92
C ALA A 187 6.63 -56.67 9.49
N PRO A 188 7.56 -56.65 8.48
CA PRO A 188 7.15 -57.02 7.12
C PRO A 188 6.95 -58.51 6.98
N VAL A 189 6.13 -58.91 6.00
CA VAL A 189 5.89 -60.32 5.75
C VAL A 189 7.24 -61.00 5.40
N ALA A 190 7.57 -62.06 6.17
CA ALA A 190 8.79 -62.84 5.96
C ALA A 190 8.55 -63.65 4.69
N VAL A 191 9.44 -63.46 3.69
CA VAL A 191 9.33 -64.09 2.39
C VAL A 191 10.49 -65.03 2.19
N ASP A 192 10.24 -66.30 2.46
CA ASP A 192 11.23 -67.34 2.31
C ASP A 192 11.33 -67.72 0.85
N ALA A 193 12.54 -67.97 0.38
CA ALA A 193 12.76 -68.41 -1.00
C ALA A 193 12.11 -69.77 -1.20
N VAL A 194 11.36 -69.92 -2.30
CA VAL A 194 10.74 -71.19 -2.63
C VAL A 194 11.81 -71.97 -3.41
N ALA A 195 12.18 -73.17 -2.96
CA ALA A 195 13.16 -74.04 -3.62
C ALA A 195 12.58 -74.68 -4.88
N ALA A 196 13.39 -74.68 -5.98
CA ALA A 196 13.06 -75.30 -7.26
C ALA A 196 12.83 -76.80 -7.02
N GLN A 197 11.82 -77.34 -7.65
CA GLN A 197 11.47 -78.76 -7.57
C GLN A 197 11.93 -79.45 -8.85
N HIS A 198 12.24 -78.66 -9.89
CA HIS A 198 12.74 -79.12 -11.20
C HIS A 198 13.66 -78.06 -11.80
N ASP A 199 14.20 -78.31 -13.00
CA ASP A 199 15.15 -77.41 -13.65
C ASP A 199 14.65 -76.70 -14.90
N GLU A 200 13.35 -76.87 -15.24
CA GLU A 200 12.80 -76.21 -16.42
C GLU A 200 12.77 -74.69 -16.26
N THR A 201 13.37 -74.01 -17.27
CA THR A 201 13.40 -72.57 -17.37
C THR A 201 13.01 -72.18 -18.79
N ARG A 202 13.06 -70.90 -19.08
CA ARG A 202 12.84 -70.31 -20.40
C ARG A 202 13.85 -69.19 -20.43
N PRO A 203 14.64 -69.13 -21.53
CA PRO A 203 15.62 -68.03 -21.68
C PRO A 203 14.93 -66.67 -21.75
N VAL A 204 15.65 -65.61 -21.33
CA VAL A 204 15.17 -64.23 -21.28
C VAL A 204 16.26 -63.34 -21.89
N GLU A 205 15.90 -62.54 -22.91
CA GLU A 205 16.80 -61.61 -23.60
C GLU A 205 16.38 -60.19 -23.27
N LEU A 206 17.34 -59.32 -22.90
CA LEU A 206 17.07 -57.92 -22.61
C LEU A 206 17.56 -57.17 -23.80
N ALA A 207 16.73 -57.06 -24.83
CA ALA A 207 17.05 -56.37 -26.07
C ALA A 207 17.03 -54.85 -25.91
N ALA A 208 16.38 -54.34 -24.83
CA ALA A 208 16.31 -52.91 -24.46
C ALA A 208 16.58 -52.81 -22.93
N PRO A 209 17.87 -52.91 -22.53
CA PRO A 209 18.19 -52.91 -21.09
C PRO A 209 18.02 -51.55 -20.42
N ALA A 210 18.03 -50.48 -21.24
CA ALA A 210 17.83 -49.14 -20.76
C ALA A 210 16.39 -48.97 -20.31
N ALA A 211 15.45 -49.69 -20.94
CA ALA A 211 14.03 -49.61 -20.56
C ALA A 211 13.60 -50.68 -19.52
N CYS A 212 14.35 -51.78 -19.43
CA CYS A 212 14.13 -52.85 -18.48
C CYS A 212 15.51 -53.39 -18.08
N PRO A 213 16.14 -52.81 -17.03
CA PRO A 213 17.45 -53.29 -16.60
C PRO A 213 17.38 -54.57 -15.76
N ARG A 214 16.18 -55.03 -15.37
CA ARG A 214 16.03 -56.26 -14.61
C ARG A 214 14.72 -56.91 -14.94
N TYR A 215 14.78 -58.20 -15.31
CA TYR A 215 13.61 -59.03 -15.62
C TYR A 215 13.80 -60.42 -15.00
N LEU A 216 12.78 -60.88 -14.25
CA LEU A 216 12.76 -62.19 -13.60
C LEU A 216 11.63 -63.05 -14.13
N GLY A 217 11.96 -64.31 -14.39
CA GLY A 217 11.04 -65.29 -14.96
C GLY A 217 11.06 -66.64 -14.28
N ARG A 218 9.87 -67.26 -14.14
CA ARG A 218 9.79 -68.54 -13.46
C ARG A 218 8.72 -69.43 -14.04
N VAL A 219 9.09 -70.69 -14.27
CA VAL A 219 8.20 -71.74 -14.78
C VAL A 219 7.50 -72.38 -13.57
N ILE A 220 6.17 -72.43 -13.62
CA ILE A 220 5.38 -73.13 -12.60
C ILE A 220 4.56 -74.22 -13.30
N ARG A 221 4.99 -75.47 -13.13
CA ARG A 221 4.38 -76.62 -13.80
C ARG A 221 3.20 -77.23 -13.07
N ASN A 222 2.22 -77.67 -13.86
CA ASN A 222 1.05 -78.45 -13.47
C ASN A 222 0.22 -77.82 -12.37
N VAL A 223 -0.32 -76.64 -12.71
CA VAL A 223 -1.21 -75.85 -11.85
C VAL A 223 -2.68 -76.26 -12.10
N ASP A 224 -3.51 -76.29 -11.04
CA ASP A 224 -4.95 -76.60 -11.11
C ASP A 224 -5.73 -75.28 -10.99
N LEU A 225 -6.03 -74.70 -12.14
CA LEU A 225 -6.69 -73.39 -12.21
C LEU A 225 -8.18 -73.40 -11.92
N SER A 226 -8.73 -74.57 -11.61
CA SER A 226 -10.13 -74.74 -11.24
C SER A 226 -10.30 -74.40 -9.76
N ARG A 227 -9.18 -74.45 -8.99
CA ARG A 227 -9.15 -74.19 -7.54
C ARG A 227 -9.52 -72.72 -7.21
N PRO A 228 -10.17 -72.47 -6.04
CA PRO A 228 -10.61 -71.10 -5.76
C PRO A 228 -9.60 -70.23 -5.05
N THR A 229 -9.74 -68.90 -5.24
CA THR A 229 -8.92 -67.93 -4.53
C THR A 229 -9.40 -67.94 -3.07
N PRO A 230 -8.49 -68.10 -2.06
CA PRO A 230 -8.94 -68.11 -0.65
C PRO A 230 -9.58 -66.79 -0.21
N LEU A 231 -10.52 -66.88 0.77
CA LEU A 231 -11.25 -65.72 1.27
C LEU A 231 -10.37 -64.59 1.81
N TRP A 232 -9.34 -64.91 2.59
CA TRP A 232 -8.47 -63.87 3.12
C TRP A 232 -7.93 -62.97 1.99
N MET A 233 -7.51 -63.58 0.85
CA MET A 233 -6.98 -62.84 -0.28
C MET A 233 -8.06 -62.02 -1.01
N VAL A 234 -9.25 -62.61 -1.20
CA VAL A 234 -10.38 -61.92 -1.83
C VAL A 234 -10.74 -60.69 -1.03
N GLU A 235 -10.84 -60.86 0.32
CA GLU A 235 -11.14 -59.78 1.25
C GLU A 235 -10.10 -58.67 1.24
N ARG A 236 -8.78 -59.05 1.30
CA ARG A 236 -7.67 -58.09 1.22
C ARG A 236 -7.68 -57.32 -0.09
N LEU A 237 -7.82 -58.02 -1.24
CA LEU A 237 -7.93 -57.37 -2.56
C LEU A 237 -9.13 -56.42 -2.63
N ARG A 238 -10.32 -56.88 -2.13
CA ARG A 238 -11.59 -56.14 -2.17
C ARG A 238 -11.51 -54.82 -1.42
N ARG A 239 -10.94 -54.87 -0.20
CA ARG A 239 -10.72 -53.72 0.66
C ARG A 239 -9.67 -52.75 0.04
N SER A 240 -9.12 -53.08 -1.15
CA SER A 240 -8.19 -52.24 -1.91
C SER A 240 -8.80 -51.93 -3.29
N ASP A 241 -10.10 -52.20 -3.45
CA ASP A 241 -10.90 -52.00 -4.67
C ASP A 241 -10.50 -52.91 -5.82
N ILE A 242 -9.95 -54.08 -5.49
CA ILE A 242 -9.61 -55.04 -6.51
C ILE A 242 -10.58 -56.18 -6.44
N ARG A 243 -11.32 -56.40 -7.54
CA ARG A 243 -12.30 -57.46 -7.71
C ARG A 243 -11.57 -58.75 -8.07
N SER A 244 -11.93 -59.85 -7.38
CA SER A 244 -11.41 -61.21 -7.62
C SER A 244 -11.87 -61.68 -9.00
N ILE A 245 -10.96 -62.18 -9.84
CA ILE A 245 -11.33 -62.64 -11.18
C ILE A 245 -11.01 -64.16 -11.32
N ASP A 246 -9.74 -64.53 -11.10
CA ASP A 246 -9.18 -65.88 -11.23
C ASP A 246 -8.02 -66.05 -10.26
N PRO A 247 -7.76 -67.28 -9.77
CA PRO A 247 -6.67 -67.45 -8.79
C PRO A 247 -5.31 -66.86 -9.18
N VAL A 248 -4.86 -67.02 -10.41
CA VAL A 248 -3.55 -66.54 -10.86
C VAL A 248 -3.47 -65.02 -10.95
N VAL A 249 -4.50 -64.36 -11.52
CA VAL A 249 -4.53 -62.89 -11.60
C VAL A 249 -4.67 -62.30 -10.21
N ASP A 250 -5.43 -62.98 -9.34
CA ASP A 250 -5.65 -62.56 -7.96
C ASP A 250 -4.34 -62.53 -7.20
N VAL A 251 -3.50 -63.57 -7.38
CA VAL A 251 -2.18 -63.64 -6.76
C VAL A 251 -1.28 -62.48 -7.23
N THR A 252 -1.18 -62.24 -8.57
CA THR A 252 -0.29 -61.20 -9.12
C THR A 252 -0.76 -59.79 -8.65
N ASN A 253 -2.09 -59.58 -8.57
CA ASN A 253 -2.67 -58.34 -8.06
C ASN A 253 -2.41 -58.21 -6.55
N TYR A 254 -2.52 -59.33 -5.82
CA TYR A 254 -2.29 -59.34 -4.38
C TYR A 254 -0.86 -58.99 -4.05
N VAL A 255 0.11 -59.60 -4.75
CA VAL A 255 1.55 -59.32 -4.56
C VAL A 255 1.82 -57.82 -4.83
N MET A 256 1.17 -57.26 -5.87
CA MET A 256 1.34 -55.85 -6.24
C MET A 256 0.84 -54.92 -5.16
N ILE A 257 -0.34 -55.18 -4.65
CA ILE A 257 -0.98 -54.39 -3.61
C ILE A 257 -0.30 -54.61 -2.27
N GLU A 258 0.21 -55.83 -2.01
CA GLU A 258 0.92 -56.14 -0.77
C GLU A 258 2.33 -55.54 -0.72
N LEU A 259 3.15 -55.79 -1.75
CA LEU A 259 4.56 -55.39 -1.77
C LEU A 259 4.91 -54.18 -2.64
N GLY A 260 4.10 -53.94 -3.66
CA GLY A 260 4.30 -52.83 -4.58
C GLY A 260 4.79 -53.25 -5.95
N GLN A 261 5.03 -54.57 -6.13
CA GLN A 261 5.55 -55.11 -7.39
C GLN A 261 4.47 -55.63 -8.34
N PRO A 262 4.20 -54.91 -9.46
CA PRO A 262 3.25 -55.42 -10.45
C PRO A 262 3.88 -56.66 -11.09
N MET A 263 3.09 -57.73 -11.19
CA MET A 263 3.56 -58.99 -11.78
C MET A 263 2.57 -59.46 -12.79
N HIS A 264 3.03 -60.31 -13.70
CA HIS A 264 2.23 -60.86 -14.76
C HIS A 264 2.50 -62.36 -14.99
N ALA A 265 1.44 -63.15 -15.21
CA ALA A 265 1.55 -64.59 -15.55
C ALA A 265 1.09 -64.86 -16.97
N PHE A 266 1.91 -65.61 -17.71
CA PHE A 266 1.63 -66.05 -19.07
C PHE A 266 1.33 -67.56 -19.03
N ASP A 267 0.62 -68.07 -20.06
CA ASP A 267 0.41 -69.49 -20.25
C ASP A 267 1.71 -69.94 -20.95
N LEU A 268 2.51 -70.76 -20.26
CA LEU A 268 3.79 -71.22 -20.75
C LEU A 268 3.73 -71.76 -22.18
N ALA A 269 2.61 -72.42 -22.56
CA ALA A 269 2.37 -73.00 -23.89
C ALA A 269 2.28 -71.94 -25.02
N GLU A 270 2.06 -70.67 -24.64
CA GLU A 270 1.95 -69.55 -25.56
C GLU A 270 3.27 -68.83 -25.80
N ILE A 271 4.36 -69.35 -25.20
CA ILE A 271 5.69 -68.77 -25.30
C ILE A 271 6.59 -69.61 -26.17
N ASN A 272 6.87 -69.06 -27.35
CA ASN A 272 7.71 -69.70 -28.34
C ASN A 272 9.15 -69.19 -28.29
N GLY A 273 10.01 -70.03 -27.74
CA GLY A 273 11.44 -69.83 -27.68
C GLY A 273 11.96 -68.86 -26.66
N GLY A 274 11.27 -68.70 -25.54
CA GLY A 274 11.77 -67.79 -24.53
C GLY A 274 11.44 -66.33 -24.80
N VAL A 275 11.62 -65.53 -23.76
CA VAL A 275 11.29 -64.13 -23.68
C VAL A 275 12.37 -63.24 -24.27
N ARG A 276 11.91 -62.21 -24.98
CA ARG A 276 12.69 -61.17 -25.62
C ARG A 276 12.00 -59.87 -25.14
N VAL A 277 12.68 -59.09 -24.30
CA VAL A 277 12.18 -57.83 -23.76
C VAL A 277 12.75 -56.79 -24.71
N ARG A 278 11.90 -56.30 -25.62
CA ARG A 278 12.33 -55.40 -26.68
C ARG A 278 11.34 -54.34 -27.00
N MET A 279 11.79 -53.38 -27.80
CA MET A 279 10.96 -52.34 -28.32
C MET A 279 10.07 -52.93 -29.43
N ALA A 280 8.88 -52.35 -29.58
CA ALA A 280 7.95 -52.75 -30.63
C ALA A 280 8.49 -52.28 -31.99
N GLU A 281 8.07 -52.92 -33.06
CA GLU A 281 8.39 -52.45 -34.41
C GLU A 281 7.25 -51.47 -34.73
N ASP A 282 7.53 -50.40 -35.54
CA ASP A 282 6.50 -49.41 -35.91
C ASP A 282 5.36 -50.12 -36.71
N GLY A 283 4.15 -50.05 -36.14
CA GLY A 283 2.96 -50.69 -36.68
C GLY A 283 2.76 -52.14 -36.28
N GLU A 284 3.47 -52.60 -35.24
CA GLU A 284 3.32 -53.96 -34.73
C GLU A 284 1.98 -53.99 -34.01
N LYS A 285 1.15 -54.99 -34.35
CA LYS A 285 -0.19 -55.12 -33.79
C LYS A 285 -0.28 -56.15 -32.67
N LEU A 286 -0.93 -55.76 -31.57
CA LEU A 286 -1.15 -56.63 -30.40
C LEU A 286 -2.58 -56.49 -29.83
N VAL A 287 -3.27 -57.63 -29.67
CA VAL A 287 -4.60 -57.67 -29.07
C VAL A 287 -4.41 -57.88 -27.57
N LEU A 288 -4.94 -56.97 -26.75
CA LEU A 288 -4.84 -57.03 -25.28
C LEU A 288 -5.85 -58.00 -24.69
N LEU A 289 -5.73 -58.31 -23.37
CA LEU A 289 -6.67 -59.26 -22.78
C LEU A 289 -8.11 -58.73 -22.74
N ASP A 290 -8.26 -57.41 -22.82
CA ASP A 290 -9.55 -56.74 -22.85
C ASP A 290 -10.15 -56.61 -24.30
N GLY A 291 -9.46 -57.20 -25.28
CA GLY A 291 -9.90 -57.19 -26.67
C GLY A 291 -9.44 -56.03 -27.53
N GLN A 292 -8.85 -54.99 -26.90
CA GLN A 292 -8.34 -53.81 -27.60
C GLN A 292 -7.16 -54.17 -28.52
N GLU A 293 -7.24 -53.75 -29.82
CA GLU A 293 -6.18 -54.02 -30.79
C GLU A 293 -5.35 -52.77 -30.96
N ILE A 294 -4.18 -52.78 -30.33
CA ILE A 294 -3.28 -51.66 -30.33
C ILE A 294 -2.25 -51.77 -31.45
N THR A 295 -2.04 -50.63 -32.14
CA THR A 295 -1.08 -50.49 -33.23
C THR A 295 0.09 -49.74 -32.61
N LEU A 296 1.14 -50.51 -32.27
CA LEU A 296 2.30 -50.01 -31.54
C LEU A 296 3.28 -49.15 -32.35
N ARG A 297 4.03 -48.36 -31.57
CA ARG A 297 5.10 -47.42 -31.96
C ARG A 297 6.48 -47.96 -31.51
N ALA A 298 7.56 -47.64 -32.26
CA ALA A 298 8.94 -48.05 -31.96
C ALA A 298 9.50 -47.61 -30.58
N ASP A 299 8.84 -46.65 -29.94
CA ASP A 299 9.25 -46.11 -28.63
C ASP A 299 8.65 -46.88 -27.46
N THR A 300 7.85 -47.92 -27.75
CA THR A 300 7.13 -48.68 -26.74
C THR A 300 7.77 -50.03 -26.47
N LEU A 301 8.02 -50.29 -25.17
CA LEU A 301 8.58 -51.53 -24.73
C LEU A 301 7.50 -52.63 -24.64
N VAL A 302 7.81 -53.78 -25.21
CA VAL A 302 6.92 -54.93 -25.22
C VAL A 302 7.65 -56.14 -24.64
N ILE A 303 6.86 -57.08 -24.14
CA ILE A 303 7.38 -58.36 -23.72
C ILE A 303 6.94 -59.18 -24.89
N ALA A 304 7.93 -59.84 -25.51
CA ALA A 304 7.76 -60.64 -26.69
C ALA A 304 8.41 -62.01 -26.50
N ASP A 305 8.13 -62.94 -27.43
CA ASP A 305 8.76 -64.26 -27.50
C ASP A 305 9.59 -64.23 -28.79
N HIS A 306 9.93 -65.37 -29.37
CA HIS A 306 10.74 -65.28 -30.58
C HIS A 306 9.92 -65.07 -31.84
N GLN A 307 8.63 -65.33 -31.75
CA GLN A 307 7.69 -65.18 -32.85
C GLN A 307 6.97 -63.81 -32.87
N ARG A 308 6.45 -63.34 -31.71
CA ARG A 308 5.60 -62.14 -31.63
C ARG A 308 5.60 -61.43 -30.26
N ALA A 309 4.98 -60.24 -30.22
CA ALA A 309 4.77 -59.51 -28.97
C ALA A 309 3.68 -60.22 -28.14
N LEU A 310 3.90 -60.35 -26.84
CA LEU A 310 3.00 -61.00 -25.89
C LEU A 310 2.25 -59.98 -24.99
N ALA A 311 2.89 -58.85 -24.66
CA ALA A 311 2.32 -57.85 -23.76
C ALA A 311 2.92 -56.47 -24.00
N ILE A 312 2.24 -55.40 -23.53
CA ILE A 312 2.84 -54.07 -23.59
C ILE A 312 3.46 -53.94 -22.19
N ALA A 313 4.81 -54.09 -22.13
CA ALA A 313 5.61 -54.09 -20.90
C ALA A 313 5.17 -53.12 -19.83
N GLY A 314 4.85 -53.69 -18.67
CA GLY A 314 4.46 -52.99 -17.47
C GLY A 314 3.14 -52.26 -17.51
N VAL A 315 2.29 -52.55 -18.52
CA VAL A 315 1.00 -51.88 -18.62
C VAL A 315 -0.09 -52.96 -18.71
N MET A 316 -0.11 -53.79 -19.79
CA MET A 316 -1.16 -54.80 -19.97
C MET A 316 -0.74 -55.98 -20.85
N GLY A 317 -1.21 -57.16 -20.47
CA GLY A 317 -0.95 -58.40 -21.18
C GLY A 317 -1.77 -58.58 -22.43
N GLY A 318 -1.28 -59.44 -23.32
CA GLY A 318 -2.01 -59.78 -24.54
C GLY A 318 -3.02 -60.88 -24.29
N GLU A 319 -3.98 -61.02 -25.21
CA GLU A 319 -5.03 -62.05 -25.13
C GLU A 319 -4.46 -63.46 -25.30
N HIS A 320 -3.72 -63.68 -26.41
CA HIS A 320 -3.11 -64.95 -26.76
C HIS A 320 -2.19 -65.55 -25.64
N SER A 321 -1.18 -64.79 -25.20
CA SER A 321 -0.21 -65.17 -24.16
C SER A 321 -0.77 -65.43 -22.76
N GLY A 322 -1.92 -64.83 -22.45
CA GLY A 322 -2.53 -64.92 -21.14
C GLY A 322 -3.15 -66.24 -20.77
N VAL A 323 -3.38 -66.42 -19.46
CA VAL A 323 -3.97 -67.62 -18.88
C VAL A 323 -5.43 -67.75 -19.22
N SER A 324 -5.83 -68.98 -19.61
CA SER A 324 -7.20 -69.37 -19.94
C SER A 324 -7.53 -70.57 -19.06
N ASP A 325 -8.64 -71.27 -19.35
CA ASP A 325 -9.05 -72.46 -18.61
C ASP A 325 -8.14 -73.65 -18.97
N SER A 326 -7.80 -73.77 -20.27
CA SER A 326 -6.91 -74.80 -20.81
C SER A 326 -5.44 -74.76 -20.25
N THR A 327 -5.05 -73.67 -19.53
CA THR A 327 -3.70 -73.52 -18.96
C THR A 327 -3.38 -74.58 -17.91
N ARG A 328 -2.22 -75.25 -18.07
CA ARG A 328 -1.73 -76.26 -17.12
C ARG A 328 -0.39 -75.84 -16.52
N ASP A 329 0.34 -74.94 -17.22
CA ASP A 329 1.66 -74.42 -16.85
C ASP A 329 1.77 -72.90 -17.00
N LEU A 330 2.55 -72.29 -16.08
CA LEU A 330 2.74 -70.84 -16.03
C LEU A 330 4.13 -70.37 -16.23
N PHE A 331 4.24 -69.10 -16.67
CA PHE A 331 5.48 -68.37 -16.74
C PHE A 331 5.25 -67.08 -16.01
N LEU A 332 5.76 -67.01 -14.77
CA LEU A 332 5.65 -65.84 -13.93
C LEU A 332 6.66 -64.79 -14.29
N GLU A 333 6.25 -63.52 -14.27
CA GLU A 333 7.12 -62.38 -14.55
C GLU A 333 7.06 -61.35 -13.42
N ALA A 334 8.25 -60.86 -12.98
CA ALA A 334 8.47 -59.75 -12.08
C ALA A 334 9.71 -59.03 -12.67
N ALA A 335 9.52 -57.77 -13.13
CA ALA A 335 10.57 -56.97 -13.76
C ALA A 335 10.59 -55.55 -13.24
N PHE A 336 11.70 -54.84 -13.49
CA PHE A 336 11.79 -53.43 -13.20
C PHE A 336 11.85 -52.72 -14.55
N PHE A 337 10.94 -51.77 -14.73
CA PHE A 337 10.86 -50.94 -15.93
C PHE A 337 11.21 -49.52 -15.54
N ASP A 338 12.10 -48.90 -16.34
CA ASP A 338 12.56 -47.53 -16.12
C ASP A 338 11.35 -46.60 -16.22
N THR A 339 11.24 -45.66 -15.29
CA THR A 339 10.15 -44.68 -15.21
C THR A 339 10.13 -43.71 -16.40
N ILE A 340 11.31 -43.25 -16.82
CA ILE A 340 11.43 -42.30 -17.91
C ILE A 340 10.94 -42.94 -19.20
N ALA A 341 11.37 -44.18 -19.45
CA ALA A 341 11.03 -44.99 -20.62
C ALA A 341 9.53 -45.31 -20.75
N LEU A 342 8.82 -45.30 -19.60
CA LEU A 342 7.41 -45.67 -19.54
C LEU A 342 6.44 -44.50 -19.43
N ALA A 343 6.96 -43.31 -19.08
CA ALA A 343 6.20 -42.09 -18.92
C ALA A 343 5.32 -41.75 -20.17
N GLY A 344 3.99 -41.66 -19.91
CA GLY A 344 2.95 -41.32 -20.87
C GLY A 344 2.58 -42.38 -21.86
N LYS A 345 3.33 -43.50 -21.89
CA LYS A 345 3.11 -44.57 -22.85
C LYS A 345 1.72 -45.18 -22.76
N ALA A 346 1.24 -45.55 -21.57
CA ALA A 346 -0.12 -46.11 -21.41
C ALA A 346 -1.16 -45.11 -21.94
N ARG A 347 -1.05 -43.82 -21.51
CA ARG A 347 -1.96 -42.75 -21.95
C ARG A 347 -2.03 -42.59 -23.47
N SER A 348 -0.88 -42.71 -24.14
CA SER A 348 -0.78 -42.56 -25.58
C SER A 348 -1.55 -43.63 -26.37
N TYR A 349 -1.95 -44.73 -25.69
CA TYR A 349 -2.78 -45.80 -26.28
C TYR A 349 -4.18 -45.78 -25.65
N GLY A 350 -4.45 -44.75 -24.85
CA GLY A 350 -5.70 -44.58 -24.13
C GLY A 350 -5.90 -45.57 -22.99
N LEU A 351 -4.80 -46.04 -22.39
CA LEU A 351 -4.83 -47.05 -21.31
C LEU A 351 -4.31 -46.54 -19.97
N HIS A 352 -4.80 -47.14 -18.88
CA HIS A 352 -4.36 -46.84 -17.52
C HIS A 352 -4.60 -48.06 -16.65
N THR A 353 -3.53 -48.66 -16.10
CA THR A 353 -3.61 -49.84 -15.24
C THR A 353 -2.88 -49.62 -13.92
N ASP A 354 -3.13 -50.51 -12.93
CA ASP A 354 -2.45 -50.48 -11.62
C ASP A 354 -0.94 -50.69 -11.84
N SER A 355 -0.61 -51.48 -12.87
CA SER A 355 0.76 -51.73 -13.26
C SER A 355 1.34 -50.51 -13.90
N SER A 356 0.67 -49.93 -14.93
CA SER A 356 1.19 -48.74 -15.62
C SER A 356 1.46 -47.60 -14.64
N HIS A 357 0.53 -47.42 -13.69
CA HIS A 357 0.65 -46.38 -12.70
C HIS A 357 1.89 -46.53 -11.80
N ARG A 358 2.06 -47.72 -11.19
CA ARG A 358 3.18 -48.01 -10.29
C ARG A 358 4.52 -47.91 -10.99
N PHE A 359 4.62 -48.46 -12.21
CA PHE A 359 5.86 -48.36 -12.96
C PHE A 359 6.24 -46.92 -13.34
N GLU A 360 5.22 -46.10 -13.69
CA GLU A 360 5.46 -44.70 -14.07
C GLU A 360 5.91 -43.90 -12.88
N ARG A 361 5.29 -44.15 -11.74
CA ARG A 361 5.59 -43.50 -10.45
C ARG A 361 6.89 -44.07 -9.82
N GLY A 362 7.28 -45.30 -10.21
CA GLY A 362 8.47 -45.98 -9.72
C GLY A 362 8.24 -47.20 -8.86
N VAL A 363 8.71 -48.37 -9.28
CA VAL A 363 8.64 -49.53 -8.40
C VAL A 363 10.07 -49.82 -7.97
N ASP A 364 10.28 -50.15 -6.67
CA ASP A 364 11.59 -50.44 -6.08
C ASP A 364 12.40 -51.36 -7.06
N SER A 365 13.56 -50.89 -7.60
CA SER A 365 14.39 -51.65 -8.56
C SER A 365 14.93 -53.02 -8.03
N GLN A 366 14.98 -53.19 -6.70
CA GLN A 366 15.48 -54.43 -6.10
C GLN A 366 14.40 -55.45 -5.70
N LEU A 367 13.13 -55.05 -5.79
CA LEU A 367 11.95 -55.78 -5.33
C LEU A 367 11.58 -57.05 -6.07
N ALA A 368 11.78 -57.10 -7.40
CA ALA A 368 11.38 -58.26 -8.22
C ALA A 368 11.57 -59.65 -7.58
N ARG A 369 12.72 -59.91 -6.92
CA ARG A 369 13.03 -61.22 -6.32
C ARG A 369 12.15 -61.61 -5.11
N LYS A 370 11.93 -60.70 -4.17
CA LYS A 370 11.08 -60.94 -2.98
C LYS A 370 9.66 -61.20 -3.50
N ALA A 371 9.22 -60.38 -4.48
CA ALA A 371 7.91 -60.50 -5.13
C ALA A 371 7.75 -61.84 -5.83
N MET A 372 8.79 -62.27 -6.57
CA MET A 372 8.78 -63.53 -7.27
C MET A 372 8.56 -64.68 -6.30
N GLU A 373 9.36 -64.74 -5.22
CA GLU A 373 9.26 -65.78 -4.18
C GLU A 373 7.89 -65.78 -3.50
N ARG A 374 7.40 -64.59 -3.14
CA ARG A 374 6.08 -64.45 -2.53
C ARG A 374 4.96 -64.99 -3.46
N ALA A 375 4.98 -64.60 -4.74
CA ALA A 375 3.97 -65.04 -5.70
C ALA A 375 4.08 -66.55 -5.96
N THR A 376 5.33 -67.08 -5.97
CA THR A 376 5.55 -68.52 -6.16
C THR A 376 4.83 -69.29 -5.04
N ARG A 377 5.09 -68.91 -3.78
CA ARG A 377 4.50 -69.54 -2.59
C ARG A 377 2.98 -69.48 -2.64
N LEU A 378 2.41 -68.34 -3.05
CA LEU A 378 0.97 -68.17 -3.10
C LEU A 378 0.34 -69.00 -4.22
N ILE A 379 1.01 -69.06 -5.39
CA ILE A 379 0.54 -69.88 -6.50
C ILE A 379 0.52 -71.37 -6.07
N LEU A 380 1.60 -71.86 -5.42
CA LEU A 380 1.63 -73.27 -5.00
C LEU A 380 0.61 -73.58 -3.93
N ASP A 381 0.34 -72.62 -3.05
CA ASP A 381 -0.64 -72.75 -1.98
C ASP A 381 -2.04 -72.76 -2.55
N ILE A 382 -2.31 -71.90 -3.56
CA ILE A 382 -3.65 -71.73 -4.11
C ILE A 382 -3.98 -72.75 -5.21
N VAL A 383 -3.07 -72.96 -6.17
CA VAL A 383 -3.34 -73.82 -7.32
C VAL A 383 -2.36 -75.01 -7.46
N GLY A 384 -1.45 -75.15 -6.50
CA GLY A 384 -0.44 -76.20 -6.53
C GLY A 384 0.55 -75.99 -7.66
N GLY A 385 1.20 -77.07 -8.05
CA GLY A 385 2.20 -77.02 -9.11
C GLY A 385 3.59 -77.23 -8.56
N GLU A 386 4.55 -77.22 -9.44
CA GLU A 386 5.94 -77.39 -9.05
C GLU A 386 6.76 -76.27 -9.67
N PRO A 387 7.56 -75.59 -8.83
CA PRO A 387 8.34 -74.45 -9.33
C PRO A 387 9.69 -74.86 -9.88
N GLY A 388 10.15 -74.16 -10.90
CA GLY A 388 11.49 -74.36 -11.44
C GLY A 388 12.38 -73.31 -10.84
N PRO A 389 13.64 -73.16 -11.32
CA PRO A 389 14.48 -72.06 -10.81
C PRO A 389 14.08 -70.70 -11.37
N ILE A 390 14.47 -69.63 -10.67
CA ILE A 390 14.23 -68.26 -11.12
C ILE A 390 15.33 -67.91 -12.13
N VAL A 391 14.92 -67.35 -13.28
CA VAL A 391 15.82 -66.84 -14.31
C VAL A 391 15.83 -65.32 -14.15
N GLU A 392 16.97 -64.80 -13.75
CA GLU A 392 17.17 -63.37 -13.55
C GLU A 392 18.14 -62.88 -14.62
N GLN A 393 17.63 -61.97 -15.42
CA GLN A 393 18.36 -61.31 -16.48
C GLN A 393 18.46 -59.84 -16.05
N VAL A 394 19.68 -59.40 -15.78
CA VAL A 394 19.94 -58.06 -15.25
C VAL A 394 21.05 -57.32 -16.08
N SER A 395 20.97 -55.98 -16.13
CA SER A 395 21.91 -55.10 -16.80
C SER A 395 22.40 -54.08 -15.77
N GLU A 396 23.47 -54.44 -15.05
CA GLU A 396 24.11 -53.65 -13.99
C GLU A 396 24.36 -52.21 -14.42
N ALA A 397 24.70 -51.99 -15.71
CA ALA A 397 24.94 -50.66 -16.28
C ALA A 397 23.73 -49.75 -16.30
N HIS A 398 22.53 -50.33 -16.49
CA HIS A 398 21.31 -49.52 -16.57
C HIS A 398 20.47 -49.49 -15.32
N LEU A 399 20.95 -50.09 -14.22
CA LEU A 399 20.22 -50.08 -12.95
C LEU A 399 20.20 -48.64 -12.38
N PRO A 400 19.08 -48.18 -11.76
CA PRO A 400 19.08 -46.80 -11.21
C PRO A 400 20.01 -46.68 -10.00
N LYS A 401 20.78 -45.58 -9.93
CA LYS A 401 21.75 -45.31 -8.87
C LYS A 401 21.69 -43.85 -8.43
N VAL A 402 21.51 -43.65 -7.10
CA VAL A 402 21.50 -42.33 -6.48
C VAL A 402 22.79 -42.23 -5.64
N ALA A 403 23.60 -41.18 -5.84
CA ALA A 403 24.81 -41.00 -5.02
C ALA A 403 24.42 -40.60 -3.59
N PRO A 404 25.22 -40.92 -2.55
CA PRO A 404 24.88 -40.42 -1.20
C PRO A 404 24.82 -38.88 -1.13
N ILE A 405 23.95 -38.37 -0.27
CA ILE A 405 23.69 -36.95 -0.08
C ILE A 405 24.27 -36.48 1.24
N THR A 406 25.00 -35.35 1.23
CA THR A 406 25.49 -34.79 2.48
C THR A 406 24.44 -33.80 3.04
N LEU A 407 23.99 -34.07 4.26
CA LEU A 407 23.03 -33.26 5.01
C LEU A 407 23.78 -32.53 6.10
N ARG A 408 23.60 -31.21 6.16
CA ARG A 408 24.20 -30.31 7.18
C ARG A 408 23.11 -29.88 8.14
N ALA A 409 23.34 -30.06 9.45
CA ALA A 409 22.41 -29.69 10.54
C ALA A 409 22.02 -28.20 10.50
N GLU A 410 22.98 -27.32 10.14
CA GLU A 410 22.76 -25.88 10.08
C GLU A 410 21.70 -25.56 9.02
N ARG A 411 21.75 -26.29 7.89
CA ARG A 411 20.80 -26.11 6.80
C ARG A 411 19.40 -26.53 7.22
N VAL A 412 19.29 -27.47 8.18
CA VAL A 412 18.03 -27.95 8.76
C VAL A 412 17.46 -26.81 9.59
N THR A 413 18.25 -26.39 10.59
CA THR A 413 17.95 -25.30 11.54
C THR A 413 17.51 -24.04 10.78
N GLN A 414 18.30 -23.57 9.80
CA GLN A 414 17.99 -22.40 8.99
C GLN A 414 16.61 -22.54 8.27
N MET A 415 16.40 -23.64 7.55
CA MET A 415 15.18 -23.94 6.78
C MET A 415 13.92 -24.10 7.65
N LEU A 416 14.04 -24.84 8.76
CA LEU A 416 12.92 -25.15 9.66
C LEU A 416 12.62 -24.02 10.65
N GLY A 417 13.60 -23.15 10.84
CA GLY A 417 13.49 -22.04 11.76
C GLY A 417 13.73 -22.48 13.20
N MET A 418 14.29 -23.71 13.36
CA MET A 418 14.58 -24.33 14.65
C MET A 418 15.53 -25.50 14.53
N PRO A 419 16.37 -25.75 15.55
CA PRO A 419 17.25 -26.92 15.48
C PRO A 419 16.55 -28.21 15.85
N LEU A 420 16.97 -29.31 15.18
CA LEU A 420 16.55 -30.68 15.48
C LEU A 420 17.76 -31.43 16.06
N ASP A 421 17.56 -32.27 17.09
CA ASP A 421 18.69 -33.02 17.70
C ASP A 421 19.21 -34.09 16.74
N ALA A 422 20.53 -34.40 16.82
CA ALA A 422 21.17 -35.38 15.95
C ALA A 422 20.48 -36.73 16.07
N ALA A 423 20.16 -37.17 17.31
CA ALA A 423 19.46 -38.42 17.60
C ALA A 423 18.09 -38.45 16.88
N GLU A 424 17.34 -37.34 16.95
CA GLU A 424 16.03 -37.18 16.31
C GLU A 424 16.17 -37.29 14.80
N ILE A 425 17.14 -36.58 14.21
CA ILE A 425 17.43 -36.60 12.76
C ILE A 425 17.70 -38.04 12.27
N VAL A 426 18.64 -38.74 12.93
CA VAL A 426 19.05 -40.11 12.63
C VAL A 426 17.84 -41.02 12.79
N ARG A 427 17.12 -40.91 13.93
CA ARG A 427 15.94 -41.74 14.14
C ARG A 427 14.96 -41.63 13.01
N LEU A 428 14.59 -40.38 12.64
CA LEU A 428 13.64 -40.11 11.58
C LEU A 428 14.09 -40.62 10.22
N LEU A 429 15.32 -40.24 9.79
CA LEU A 429 15.83 -40.68 8.50
C LEU A 429 15.99 -42.19 8.41
N GLN A 430 16.44 -42.84 9.50
CA GLN A 430 16.61 -44.29 9.51
C GLN A 430 15.28 -45.04 9.42
N ALA A 431 14.16 -44.51 9.94
CA ALA A 431 12.86 -45.19 9.86
C ALA A 431 12.32 -45.18 8.45
N LEU A 432 12.76 -44.19 7.65
CA LEU A 432 12.40 -44.05 6.24
C LEU A 432 13.33 -44.93 5.40
N GLU A 433 14.21 -45.69 6.09
CA GLU A 433 15.17 -46.66 5.57
C GLU A 433 16.34 -46.01 4.84
N LEU A 434 16.67 -44.77 5.24
CA LEU A 434 17.82 -44.07 4.70
C LEU A 434 19.03 -44.47 5.54
N THR A 435 20.21 -44.48 4.92
CA THR A 435 21.48 -44.89 5.55
C THR A 435 22.17 -43.65 6.01
N VAL A 436 22.25 -43.47 7.34
CA VAL A 436 22.80 -42.26 7.96
C VAL A 436 24.15 -42.51 8.67
N VAL A 437 25.23 -42.04 8.04
CA VAL A 437 26.58 -42.15 8.61
C VAL A 437 27.04 -40.75 8.94
N ALA A 438 27.58 -40.56 10.15
CA ALA A 438 28.10 -39.28 10.64
C ALA A 438 29.35 -38.90 9.82
N ASP A 439 29.45 -37.59 9.49
CA ASP A 439 30.52 -37.02 8.68
C ASP A 439 31.01 -35.70 9.35
N GLY A 440 31.41 -35.85 10.61
CA GLY A 440 31.88 -34.75 11.43
C GLY A 440 30.77 -34.08 12.21
N GLU A 441 31.03 -32.85 12.68
CA GLU A 441 30.07 -32.10 13.47
C GLU A 441 28.94 -31.54 12.63
N GLY A 442 27.72 -31.87 13.05
CA GLY A 442 26.48 -31.43 12.42
C GLY A 442 26.42 -31.64 10.93
N GLN A 443 26.95 -32.79 10.47
CA GLN A 443 26.98 -33.23 9.08
C GLN A 443 26.84 -34.75 9.01
N TRP A 444 26.17 -35.25 7.97
CA TRP A 444 26.00 -36.69 7.70
C TRP A 444 26.06 -37.01 6.22
N SER A 445 26.42 -38.25 5.90
CA SER A 445 26.34 -38.78 4.55
C SER A 445 25.14 -39.71 4.62
N VAL A 446 24.14 -39.43 3.79
CA VAL A 446 22.93 -40.23 3.83
C VAL A 446 22.68 -40.91 2.47
N GLY A 447 22.37 -42.23 2.53
CA GLY A 447 22.12 -43.12 1.40
C GLY A 447 20.64 -43.37 1.20
N VAL A 448 20.21 -43.34 -0.06
CA VAL A 448 18.82 -43.47 -0.48
C VAL A 448 18.41 -44.92 -0.77
N PRO A 449 17.35 -45.46 -0.11
CA PRO A 449 16.89 -46.81 -0.43
C PRO A 449 16.27 -46.84 -1.84
N SER A 450 16.33 -48.05 -2.47
CA SER A 450 15.90 -48.40 -3.84
C SER A 450 14.41 -48.16 -4.14
N HIS A 451 13.56 -47.97 -3.09
CA HIS A 451 12.13 -47.72 -3.24
C HIS A 451 11.76 -46.23 -3.37
N ARG A 452 12.70 -45.32 -3.08
CA ARG A 452 12.49 -43.88 -3.15
C ARG A 452 13.09 -43.29 -4.41
N PHE A 453 12.21 -42.78 -5.28
CA PHE A 453 12.57 -42.15 -6.56
C PHE A 453 12.62 -40.59 -6.45
N ASP A 454 12.18 -40.03 -5.29
CA ASP A 454 12.06 -38.60 -5.04
C ASP A 454 13.20 -38.01 -4.20
N ILE A 455 14.16 -38.83 -3.75
CA ILE A 455 15.22 -38.31 -2.87
C ILE A 455 16.60 -38.30 -3.55
N SER A 456 17.11 -37.11 -3.88
CA SER A 456 18.42 -37.03 -4.50
C SER A 456 19.22 -35.87 -3.98
N LEU A 457 18.53 -34.89 -3.32
CA LEU A 457 19.13 -33.65 -2.78
C LEU A 457 18.96 -33.48 -1.29
N GLU A 458 19.79 -32.59 -0.72
CA GLU A 458 19.81 -32.22 0.71
C GLU A 458 18.45 -31.67 1.15
N VAL A 459 17.79 -30.89 0.28
CA VAL A 459 16.50 -30.29 0.58
C VAL A 459 15.38 -31.37 0.71
N ASP A 460 15.51 -32.48 -0.04
CA ASP A 460 14.57 -33.61 0.00
C ASP A 460 14.65 -34.27 1.37
N LEU A 461 15.86 -34.26 1.97
CA LEU A 461 16.10 -34.81 3.30
C LEU A 461 15.48 -33.91 4.36
N ILE A 462 15.68 -32.59 4.23
CA ILE A 462 15.08 -31.59 5.11
C ILE A 462 13.52 -31.69 5.07
N GLU A 463 12.94 -31.85 3.84
CA GLU A 463 11.49 -32.01 3.65
C GLU A 463 11.02 -33.25 4.45
N GLU A 464 11.78 -34.38 4.39
CA GLU A 464 11.41 -35.59 5.12
C GLU A 464 11.36 -35.31 6.62
N LEU A 465 12.37 -34.59 7.12
CA LEU A 465 12.47 -34.19 8.52
C LEU A 465 11.28 -33.32 8.92
N ALA A 466 10.97 -32.26 8.15
CA ALA A 466 9.85 -31.33 8.40
C ALA A 466 8.49 -32.06 8.46
N ARG A 467 8.26 -32.94 7.47
CA ARG A 467 7.07 -33.73 7.33
C ARG A 467 6.81 -34.57 8.58
N LEU A 468 7.77 -35.44 8.93
CA LEU A 468 7.66 -36.32 10.09
C LEU A 468 7.73 -35.61 11.43
N TYR A 469 8.36 -34.43 11.48
CA TYR A 469 8.39 -33.64 12.72
C TYR A 469 6.99 -33.08 12.96
N GLY A 470 6.39 -32.54 11.88
CA GLY A 470 5.06 -31.96 11.88
C GLY A 470 5.11 -30.52 11.45
N TYR A 471 4.65 -30.23 10.21
CA TYR A 471 4.59 -28.89 9.61
C TYR A 471 3.98 -27.86 10.56
N ASN A 472 2.88 -28.22 11.24
CA ASN A 472 2.17 -27.35 12.15
C ASN A 472 2.85 -27.20 13.50
N ARG A 473 3.90 -28.01 13.80
CA ARG A 473 4.71 -27.89 15.02
C ARG A 473 5.88 -26.91 14.80
N LEU A 474 6.19 -26.58 13.54
CA LEU A 474 7.30 -25.71 13.17
C LEU A 474 7.02 -24.26 13.54
N PRO A 475 8.08 -23.45 13.78
CA PRO A 475 7.87 -22.05 14.16
C PRO A 475 7.20 -21.16 13.10
N VAL A 476 6.77 -19.97 13.55
CA VAL A 476 6.13 -18.96 12.72
C VAL A 476 6.88 -17.64 12.93
N ARG A 477 7.31 -17.05 11.83
CA ARG A 477 8.08 -15.83 11.79
C ARG A 477 7.53 -15.01 10.64
N TYR A 478 7.83 -13.72 10.63
CA TYR A 478 7.47 -12.77 9.56
C TYR A 478 8.79 -12.25 9.02
N PRO A 479 9.00 -12.29 7.71
CA PRO A 479 10.30 -11.88 7.18
C PRO A 479 10.62 -10.38 7.31
N GLN A 480 11.86 -10.11 7.76
CA GLN A 480 12.41 -8.77 7.94
C GLN A 480 12.74 -8.18 6.58
N ALA A 481 12.56 -6.83 6.46
CA ALA A 481 12.83 -6.09 5.23
C ALA A 481 13.31 -4.66 5.51
N ARG A 482 14.41 -4.28 4.85
CA ARG A 482 14.98 -2.93 4.87
C ARG A 482 14.21 -2.19 3.75
N LEU A 483 13.02 -1.66 4.09
CA LEU A 483 12.17 -0.98 3.14
C LEU A 483 12.31 0.55 3.12
N ALA A 484 12.29 1.09 1.90
CA ALA A 484 12.47 2.52 1.63
C ALA A 484 11.21 3.15 1.06
N PRO A 485 10.82 4.39 1.49
CA PRO A 485 9.65 5.04 0.89
C PRO A 485 9.80 5.19 -0.62
N ASN A 486 8.71 4.93 -1.35
CA ASN A 486 8.73 4.97 -2.81
C ASN A 486 7.36 5.19 -3.39
N ASN A 487 7.32 5.60 -4.65
CA ASN A 487 6.06 5.83 -5.35
C ASN A 487 6.30 5.91 -6.87
N LYS A 488 5.23 5.69 -7.62
CA LYS A 488 5.20 5.80 -9.07
C LYS A 488 4.99 7.29 -9.38
N PRO A 489 5.37 7.81 -10.60
CA PRO A 489 5.12 9.23 -10.91
C PRO A 489 3.65 9.65 -10.75
N GLU A 490 3.45 10.88 -10.34
CA GLU A 490 2.14 11.45 -10.08
C GLU A 490 1.24 11.52 -11.31
N ALA A 491 1.77 12.05 -12.42
CA ALA A 491 1.05 12.28 -13.65
C ALA A 491 1.01 11.08 -14.58
N ARG A 492 0.23 10.08 -14.17
CA ARG A 492 0.03 8.85 -14.93
C ARG A 492 -1.39 8.26 -14.68
N ALA A 493 -2.04 7.79 -15.75
CA ALA A 493 -3.37 7.19 -15.72
C ALA A 493 -3.22 5.67 -15.74
N ALA A 494 -3.23 5.06 -14.54
CA ALA A 494 -3.08 3.61 -14.38
C ALA A 494 -4.40 2.93 -14.71
N LEU A 495 -4.36 1.63 -15.07
CA LEU A 495 -5.55 0.83 -15.40
C LEU A 495 -6.56 0.72 -14.23
N PRO A 496 -6.15 0.53 -12.93
CA PRO A 496 -7.16 0.50 -11.85
C PRO A 496 -7.96 1.81 -11.75
N LEU A 497 -7.32 2.92 -12.12
CA LEU A 497 -7.86 4.26 -12.10
C LEU A 497 -8.96 4.42 -13.15
N LEU A 498 -8.63 4.01 -14.38
CA LEU A 498 -9.45 4.04 -15.58
C LEU A 498 -10.66 3.16 -15.47
N ARG A 499 -10.48 1.97 -14.87
CA ARG A 499 -11.56 1.01 -14.61
C ARG A 499 -12.66 1.67 -13.77
N ARG A 500 -12.24 2.33 -12.66
CA ARG A 500 -13.13 3.02 -11.71
C ARG A 500 -13.82 4.22 -12.34
N LEU A 501 -13.14 4.85 -13.30
CA LEU A 501 -13.70 5.97 -14.02
C LEU A 501 -14.82 5.46 -14.91
N LEU A 502 -14.54 4.38 -15.68
CA LEU A 502 -15.54 3.74 -16.52
C LEU A 502 -16.72 3.19 -15.69
N VAL A 503 -16.46 2.68 -14.45
CA VAL A 503 -17.51 2.29 -13.51
C VAL A 503 -18.42 3.52 -13.20
N ALA A 504 -17.82 4.65 -12.79
CA ALA A 504 -18.56 5.87 -12.51
C ALA A 504 -19.33 6.41 -13.72
N ARG A 505 -18.79 6.15 -14.93
CA ARG A 505 -19.36 6.60 -16.18
C ARG A 505 -20.47 5.64 -16.71
N GLY A 506 -20.80 4.62 -15.92
CA GLY A 506 -21.90 3.68 -16.15
C GLY A 506 -21.59 2.40 -16.88
N TYR A 507 -20.36 1.90 -16.72
CA TYR A 507 -19.92 0.67 -17.36
C TYR A 507 -19.75 -0.49 -16.39
N GLN A 508 -20.05 -1.67 -16.93
CA GLN A 508 -19.96 -2.95 -16.27
C GLN A 508 -18.71 -3.64 -16.81
N GLU A 509 -17.90 -4.24 -15.92
CA GLU A 509 -16.68 -4.89 -16.37
C GLU A 509 -16.88 -6.35 -16.74
N ALA A 510 -16.53 -6.67 -18.01
CA ALA A 510 -16.55 -8.01 -18.60
C ALA A 510 -15.14 -8.59 -18.69
N ILE A 511 -15.01 -9.92 -18.67
CA ILE A 511 -13.75 -10.66 -18.88
C ILE A 511 -14.09 -11.75 -19.87
N THR A 512 -13.51 -11.68 -21.08
CA THR A 512 -13.81 -12.63 -22.16
C THR A 512 -12.59 -13.52 -22.47
N PHE A 513 -12.83 -14.71 -23.08
CA PHE A 513 -11.76 -15.64 -23.43
C PHE A 513 -10.81 -15.03 -24.47
N SER A 514 -9.51 -15.16 -24.24
CA SER A 514 -8.45 -14.62 -25.11
C SER A 514 -8.43 -15.24 -26.51
N PHE A 515 -8.93 -16.50 -26.61
CA PHE A 515 -9.03 -17.25 -27.86
C PHE A 515 -10.49 -17.31 -28.30
N ILE A 516 -10.71 -16.91 -29.53
CA ILE A 516 -12.01 -16.80 -30.16
C ILE A 516 -12.13 -17.69 -31.39
N ASP A 517 -13.30 -17.68 -32.00
CA ASP A 517 -13.56 -18.43 -33.20
C ASP A 517 -12.82 -17.76 -34.39
N PRO A 518 -12.07 -18.55 -35.20
CA PRO A 518 -11.34 -17.96 -36.36
C PRO A 518 -12.23 -17.13 -37.29
N ALA A 519 -13.50 -17.56 -37.43
CA ALA A 519 -14.49 -16.90 -38.26
C ALA A 519 -14.81 -15.56 -37.69
N LEU A 520 -14.90 -15.45 -36.33
CA LEU A 520 -15.22 -14.18 -35.67
C LEU A 520 -14.06 -13.22 -35.86
N PHE A 521 -12.82 -13.72 -35.64
CA PHE A 521 -11.54 -13.03 -35.82
C PHE A 521 -11.48 -12.40 -37.22
N GLU A 522 -11.82 -13.17 -38.24
CA GLU A 522 -11.82 -12.74 -39.63
C GLU A 522 -12.77 -11.58 -39.88
N LEU A 523 -13.96 -11.59 -39.19
CA LEU A 523 -14.99 -10.56 -39.33
C LEU A 523 -14.46 -9.18 -38.90
N PHE A 524 -13.69 -9.15 -37.80
CA PHE A 524 -13.15 -7.93 -37.20
C PHE A 524 -11.76 -7.56 -37.74
N ASP A 525 -10.96 -8.60 -38.07
CA ASP A 525 -9.61 -8.44 -38.60
C ASP A 525 -9.45 -9.08 -39.99
N PRO A 526 -10.14 -8.54 -41.04
CA PRO A 526 -10.01 -9.13 -42.39
C PRO A 526 -8.57 -9.17 -42.90
N GLY A 527 -8.24 -10.24 -43.58
CA GLY A 527 -6.90 -10.43 -44.15
C GLY A 527 -5.82 -10.91 -43.21
N THR A 528 -6.03 -10.86 -41.88
CA THR A 528 -4.91 -11.31 -41.09
C THR A 528 -5.07 -12.77 -40.64
N GLN A 529 -3.93 -13.46 -40.63
CA GLN A 529 -3.83 -14.82 -40.16
C GLN A 529 -3.73 -14.74 -38.63
N PRO A 530 -4.70 -15.29 -37.84
CA PRO A 530 -4.55 -15.24 -36.38
C PRO A 530 -3.45 -16.16 -35.93
N LEU A 531 -2.96 -15.95 -34.70
CA LEU A 531 -2.02 -16.83 -34.07
C LEU A 531 -2.95 -17.94 -33.54
N THR A 532 -2.97 -19.08 -34.28
CA THR A 532 -3.83 -20.23 -34.04
C THR A 532 -3.19 -21.34 -33.21
N LEU A 533 -3.96 -21.87 -32.26
CA LEU A 533 -3.56 -22.95 -31.39
C LEU A 533 -3.47 -24.28 -32.11
N ALA A 534 -2.51 -25.15 -31.69
CA ALA A 534 -2.34 -26.48 -32.28
C ALA A 534 -3.32 -27.46 -31.65
N ASN A 535 -3.56 -27.35 -30.32
CA ASN A 535 -4.51 -28.22 -29.64
C ASN A 535 -5.63 -27.38 -28.96
N PRO A 536 -6.49 -26.66 -29.73
CA PRO A 536 -7.54 -25.86 -29.07
C PRO A 536 -8.57 -26.73 -28.37
N ILE A 537 -9.18 -26.24 -27.28
CA ILE A 537 -10.20 -26.94 -26.48
C ILE A 537 -11.38 -27.32 -27.38
N SER A 538 -11.80 -26.37 -28.27
CA SER A 538 -12.80 -26.56 -29.32
C SER A 538 -12.30 -25.77 -30.54
N ALA A 539 -12.93 -25.91 -31.70
CA ALA A 539 -12.48 -25.21 -32.90
C ALA A 539 -12.91 -23.74 -32.89
N ASP A 540 -13.94 -23.42 -32.07
CA ASP A 540 -14.46 -22.05 -31.93
C ASP A 540 -13.71 -21.27 -30.81
N MET A 541 -12.55 -21.80 -30.40
CA MET A 541 -11.65 -21.24 -29.41
C MET A 541 -10.19 -21.49 -29.84
N ALA A 542 -9.96 -21.36 -31.17
CA ALA A 542 -8.70 -21.65 -31.85
C ALA A 542 -7.83 -20.44 -32.17
N ALA A 543 -8.43 -19.24 -32.26
CA ALA A 543 -7.70 -18.03 -32.63
C ALA A 543 -7.38 -17.10 -31.47
N MET A 544 -6.09 -16.69 -31.32
CA MET A 544 -5.74 -15.66 -30.33
C MET A 544 -6.24 -14.33 -30.87
N ARG A 545 -6.99 -13.62 -30.04
CA ARG A 545 -7.57 -12.30 -30.37
C ARG A 545 -6.53 -11.24 -30.66
N SER A 546 -6.84 -10.39 -31.64
CA SER A 546 -6.03 -9.24 -32.04
C SER A 546 -6.79 -7.95 -31.60
N SER A 547 -7.98 -8.13 -31.00
CA SER A 547 -8.88 -7.09 -30.51
C SER A 547 -9.79 -7.68 -29.42
N LEU A 548 -10.19 -6.85 -28.41
CA LEU A 548 -11.13 -7.32 -27.41
C LEU A 548 -12.59 -7.12 -27.88
N TRP A 549 -12.75 -6.48 -29.03
CA TRP A 549 -14.03 -6.21 -29.66
C TRP A 549 -14.87 -7.45 -30.01
N PRO A 550 -14.34 -8.49 -30.69
CA PRO A 550 -15.19 -9.67 -30.96
C PRO A 550 -15.78 -10.29 -29.69
N GLY A 551 -14.95 -10.44 -28.65
CA GLY A 551 -15.35 -10.93 -27.33
C GLY A 551 -16.35 -10.03 -26.62
N LEU A 552 -16.14 -8.70 -26.68
CA LEU A 552 -17.07 -7.73 -26.08
C LEU A 552 -18.40 -7.71 -26.79
N VAL A 553 -18.38 -7.72 -28.13
CA VAL A 553 -19.58 -7.73 -28.96
C VAL A 553 -20.37 -9.00 -28.68
N LYS A 554 -19.67 -10.13 -28.56
CA LYS A 554 -20.29 -11.41 -28.28
C LYS A 554 -20.97 -11.44 -26.90
N ALA A 555 -20.34 -10.82 -25.87
CA ALA A 555 -20.89 -10.71 -24.50
C ALA A 555 -22.06 -9.74 -24.51
N LEU A 556 -22.02 -8.76 -25.39
CA LEU A 556 -23.08 -7.78 -25.54
C LEU A 556 -24.28 -8.47 -26.12
N GLN A 557 -24.12 -9.28 -27.19
CA GLN A 557 -25.28 -9.94 -27.80
C GLN A 557 -25.77 -11.09 -26.96
N HIS A 558 -24.88 -11.74 -26.17
CA HIS A 558 -25.28 -12.76 -25.19
C HIS A 558 -26.38 -12.20 -24.29
N ASN A 559 -26.17 -10.95 -23.81
CA ASN A 559 -27.07 -10.22 -22.96
C ASN A 559 -28.31 -9.74 -23.69
N LEU A 560 -28.16 -9.22 -24.90
CA LEU A 560 -29.27 -8.77 -25.75
C LEU A 560 -30.30 -9.89 -25.91
N ASN A 561 -29.82 -11.12 -26.18
CA ASN A 561 -30.63 -12.33 -26.32
C ASN A 561 -31.22 -12.80 -24.97
N ARG A 562 -30.75 -12.23 -23.85
CA ARG A 562 -31.20 -12.56 -22.51
C ARG A 562 -32.05 -11.44 -21.88
N GLN A 563 -32.84 -10.74 -22.73
CA GLN A 563 -33.77 -9.67 -22.35
C GLN A 563 -33.06 -8.47 -21.72
N GLN A 564 -31.96 -8.03 -22.33
CA GLN A 564 -31.23 -6.82 -21.89
C GLN A 564 -31.29 -5.81 -23.07
N SER A 565 -31.61 -4.55 -22.78
CA SER A 565 -31.69 -3.50 -23.80
C SER A 565 -30.44 -2.61 -23.79
N ARG A 566 -30.01 -2.19 -22.58
CA ARG A 566 -28.88 -1.30 -22.35
C ARG A 566 -27.72 -2.14 -21.82
N VAL A 567 -26.72 -2.37 -22.68
CA VAL A 567 -25.53 -3.14 -22.34
C VAL A 567 -24.31 -2.22 -22.51
N ARG A 568 -23.62 -1.94 -21.39
CA ARG A 568 -22.47 -1.06 -21.34
C ARG A 568 -21.36 -1.84 -20.68
N LEU A 569 -20.44 -2.36 -21.50
CA LEU A 569 -19.36 -3.21 -21.03
C LEU A 569 -17.97 -2.73 -21.40
N PHE A 570 -17.00 -3.02 -20.53
CA PHE A 570 -15.62 -2.75 -20.83
C PHE A 570 -14.76 -3.93 -20.40
N GLU A 571 -13.64 -4.09 -21.10
CA GLU A 571 -12.66 -5.12 -20.80
C GLU A 571 -11.26 -4.54 -21.02
N SER A 572 -10.32 -5.08 -20.26
CA SER A 572 -8.90 -4.77 -20.33
C SER A 572 -8.16 -6.12 -20.46
N GLY A 573 -7.16 -6.15 -21.31
CA GLY A 573 -6.37 -7.35 -21.52
C GLY A 573 -5.48 -7.28 -22.74
N LEU A 574 -4.72 -8.35 -22.93
CA LEU A 574 -3.76 -8.50 -24.00
C LEU A 574 -4.38 -8.77 -25.37
N ARG A 575 -3.72 -8.23 -26.40
CA ARG A 575 -4.04 -8.53 -27.78
C ARG A 575 -2.79 -9.21 -28.35
N PHE A 576 -3.03 -10.13 -29.25
CA PHE A 576 -1.98 -10.91 -29.84
C PHE A 576 -1.90 -10.53 -31.30
N VAL A 577 -0.78 -9.89 -31.70
CA VAL A 577 -0.61 -9.37 -33.06
C VAL A 577 0.68 -9.88 -33.74
N GLY A 578 0.46 -10.66 -34.80
CA GLY A 578 1.51 -11.27 -35.60
C GLY A 578 1.64 -12.74 -35.35
N GLN A 579 2.60 -13.36 -36.03
CA GLN A 579 2.88 -14.78 -35.79
C GLN A 579 3.99 -14.83 -34.73
N LEU A 580 4.29 -16.00 -34.17
CA LEU A 580 5.26 -16.18 -33.08
C LEU A 580 6.52 -15.31 -33.23
N GLU A 581 7.09 -15.33 -34.46
CA GLU A 581 8.24 -14.54 -34.81
C GLU A 581 7.79 -13.09 -35.03
N GLY A 582 7.89 -12.27 -33.99
CA GLY A 582 7.48 -10.88 -34.07
C GLY A 582 6.20 -10.51 -33.35
N LEU A 583 5.58 -11.53 -32.67
CA LEU A 583 4.36 -11.39 -31.89
C LEU A 583 4.41 -10.22 -30.88
N LYS A 584 3.36 -9.39 -30.90
CA LYS A 584 3.20 -8.25 -30.01
C LYS A 584 2.05 -8.61 -29.09
N GLN A 585 2.29 -8.52 -27.79
CA GLN A 585 1.27 -8.85 -26.77
C GLN A 585 1.07 -7.54 -25.98
N GLU A 586 0.14 -6.70 -26.46
CA GLU A 586 -0.15 -5.37 -25.91
C GLU A 586 -1.43 -5.32 -25.09
N ALA A 587 -1.37 -4.61 -23.95
CA ALA A 587 -2.53 -4.40 -23.08
C ALA A 587 -3.41 -3.31 -23.66
N MET A 588 -4.72 -3.63 -23.75
CA MET A 588 -5.75 -2.79 -24.34
C MET A 588 -6.86 -2.54 -23.38
N LEU A 589 -7.55 -1.42 -23.57
CA LEU A 589 -8.76 -1.10 -22.83
C LEU A 589 -9.77 -0.82 -23.89
N ALA A 590 -10.79 -1.66 -23.94
CA ALA A 590 -11.84 -1.57 -24.92
C ALA A 590 -13.22 -1.51 -24.25
N GLY A 591 -14.16 -0.87 -24.93
CA GLY A 591 -15.53 -0.71 -24.43
C GLY A 591 -16.53 -0.85 -25.53
N ALA A 592 -17.73 -1.31 -25.17
CA ALA A 592 -18.84 -1.52 -26.11
C ALA A 592 -20.16 -1.12 -25.48
N ILE A 593 -20.96 -0.32 -26.20
CA ILE A 593 -22.24 0.16 -25.68
C ILE A 593 -23.37 0.05 -26.69
N CYS A 594 -24.59 -0.14 -26.17
CA CYS A 594 -25.84 -0.20 -26.92
C CYS A 594 -27.02 0.13 -26.02
N GLY A 595 -28.15 0.42 -26.66
CA GLY A 595 -29.40 0.72 -26.00
C GLY A 595 -29.60 2.19 -25.75
N LYS A 596 -30.54 2.50 -24.85
CA LYS A 596 -30.82 3.89 -24.52
C LYS A 596 -29.57 4.59 -23.94
N ARG A 597 -29.41 5.87 -24.23
CA ARG A 597 -28.30 6.67 -23.72
C ARG A 597 -28.31 6.62 -22.16
N LEU A 598 -29.52 6.69 -21.59
CA LEU A 598 -29.75 6.70 -20.16
C LEU A 598 -30.56 5.52 -19.71
N PRO A 599 -30.47 5.12 -18.42
CA PRO A 599 -31.34 4.04 -17.94
C PRO A 599 -32.80 4.52 -17.90
N GLU A 600 -33.78 3.59 -17.94
CA GLU A 600 -35.21 3.93 -17.88
C GLU A 600 -35.51 4.62 -16.53
N GLY A 601 -36.06 5.83 -16.60
CA GLY A 601 -36.38 6.63 -15.43
C GLY A 601 -37.25 7.82 -15.74
N TRP A 602 -38.08 8.24 -14.74
CA TRP A 602 -39.05 9.32 -14.85
C TRP A 602 -38.47 10.64 -15.34
N ALA A 603 -37.21 10.92 -14.94
CA ALA A 603 -36.49 12.16 -15.17
C ALA A 603 -35.58 12.13 -16.41
N ASN A 604 -35.45 10.96 -17.04
CA ASN A 604 -34.56 10.66 -18.17
C ASN A 604 -35.20 10.55 -19.57
N GLY A 605 -34.56 11.23 -20.52
CA GLY A 605 -34.92 11.20 -21.94
C GLY A 605 -34.73 9.82 -22.51
N ARG A 606 -35.63 9.43 -23.42
CA ARG A 606 -35.67 8.09 -24.01
C ARG A 606 -34.83 7.94 -25.30
N ASP A 607 -33.84 8.83 -25.50
CA ASP A 607 -32.93 8.79 -26.65
C ASP A 607 -31.99 7.58 -26.54
N GLY A 608 -31.71 6.98 -27.70
CA GLY A 608 -30.77 5.87 -27.81
C GLY A 608 -29.34 6.42 -27.88
N VAL A 609 -28.42 5.67 -27.35
CA VAL A 609 -26.98 5.99 -27.34
C VAL A 609 -26.47 6.22 -28.79
N ASP A 610 -25.46 7.06 -28.93
CA ASP A 610 -24.82 7.32 -30.22
C ASP A 610 -23.32 7.52 -30.03
N PHE A 611 -22.61 7.82 -31.13
CA PHE A 611 -21.18 8.03 -31.23
C PHE A 611 -20.64 8.96 -30.16
N PHE A 612 -21.30 10.12 -30.01
CA PHE A 612 -20.89 11.20 -29.13
C PHE A 612 -20.98 10.85 -27.62
N ASP A 613 -21.75 9.82 -27.27
CA ASP A 613 -21.86 9.33 -25.91
C ASP A 613 -20.61 8.51 -25.58
N ALA A 614 -20.22 7.63 -26.52
CA ALA A 614 -19.00 6.86 -26.44
C ALA A 614 -17.80 7.81 -26.49
N LYS A 615 -17.88 8.87 -27.34
CA LYS A 615 -16.81 9.87 -27.46
C LYS A 615 -16.45 10.49 -26.12
N ALA A 616 -17.48 10.89 -25.33
CA ALA A 616 -17.31 11.51 -24.01
C ALA A 616 -16.60 10.56 -23.07
N ASP A 617 -16.90 9.27 -23.17
CA ASP A 617 -16.31 8.22 -22.36
C ASP A 617 -14.81 8.11 -22.67
N VAL A 618 -14.45 8.14 -23.95
CA VAL A 618 -13.05 8.11 -24.40
C VAL A 618 -12.34 9.39 -23.94
N GLU A 619 -12.99 10.57 -24.10
CA GLU A 619 -12.45 11.85 -23.71
C GLU A 619 -12.08 11.84 -22.25
N ALA A 620 -13.03 11.41 -21.39
CA ALA A 620 -12.84 11.30 -19.94
C ALA A 620 -11.63 10.45 -19.54
N VAL A 621 -11.41 9.33 -20.26
CA VAL A 621 -10.29 8.41 -20.07
C VAL A 621 -9.02 9.11 -20.53
N LEU A 622 -9.04 9.67 -21.74
CA LEU A 622 -7.90 10.39 -22.32
C LEU A 622 -7.43 11.61 -21.53
N ALA A 623 -8.32 12.17 -20.66
CA ALA A 623 -8.00 13.36 -19.84
C ALA A 623 -7.58 12.99 -18.42
N SER A 624 -7.66 11.72 -18.04
CA SER A 624 -7.36 11.18 -16.70
C SER A 624 -6.02 11.52 -16.09
N ALA A 625 -5.05 11.96 -16.89
CA ALA A 625 -3.72 12.30 -16.38
C ALA A 625 -3.27 13.67 -16.90
N GLY A 626 -4.25 14.56 -17.10
CA GLY A 626 -4.09 15.92 -17.59
C GLY A 626 -3.30 16.04 -18.87
N ALA A 627 -3.58 15.17 -19.86
CA ALA A 627 -2.88 15.21 -21.14
C ALA A 627 -3.85 15.12 -22.35
N LEU A 628 -5.16 15.41 -22.12
CA LEU A 628 -6.20 15.39 -23.16
C LEU A 628 -5.80 16.07 -24.46
N GLY A 629 -5.12 17.21 -24.36
CA GLY A 629 -4.65 17.99 -25.49
C GLY A 629 -3.67 17.27 -26.40
N ASP A 630 -2.92 16.28 -25.85
CA ASP A 630 -1.95 15.45 -26.57
C ASP A 630 -2.60 14.53 -27.58
N PHE A 631 -3.89 14.25 -27.41
CA PHE A 631 -4.69 13.36 -28.26
C PHE A 631 -5.56 14.12 -29.26
N SER A 632 -5.75 13.49 -30.40
CA SER A 632 -6.59 14.00 -31.48
C SER A 632 -7.41 12.87 -32.07
N PHE A 633 -8.68 13.19 -32.36
CA PHE A 633 -9.64 12.30 -32.98
C PHE A 633 -9.72 12.78 -34.41
N VAL A 634 -9.18 11.99 -35.33
CA VAL A 634 -9.14 12.31 -36.75
C VAL A 634 -10.09 11.36 -37.51
N PRO A 635 -10.85 11.86 -38.53
CA PRO A 635 -11.73 10.95 -39.29
C PRO A 635 -10.92 9.84 -39.92
N GLY A 636 -11.15 8.61 -39.47
CA GLY A 636 -10.45 7.42 -39.95
C GLY A 636 -11.37 6.30 -40.39
N GLU A 637 -10.76 5.14 -40.70
CA GLU A 637 -11.49 3.95 -41.15
C GLU A 637 -10.92 2.66 -40.55
N HIS A 638 -11.82 1.74 -40.20
CA HIS A 638 -11.51 0.45 -39.61
C HIS A 638 -12.49 -0.58 -40.21
N PRO A 639 -12.00 -1.79 -40.58
CA PRO A 639 -12.91 -2.78 -41.19
C PRO A 639 -14.11 -3.21 -40.36
N ALA A 640 -14.01 -3.20 -39.02
CA ALA A 640 -15.12 -3.58 -38.13
C ALA A 640 -16.09 -2.44 -37.89
N LEU A 641 -15.72 -1.23 -38.31
CA LEU A 641 -16.52 -0.05 -38.03
C LEU A 641 -17.14 0.65 -39.24
N HIS A 642 -18.24 1.37 -38.96
CA HIS A 642 -18.97 2.20 -39.91
C HIS A 642 -18.03 3.31 -40.43
N PRO A 643 -17.69 3.32 -41.74
CA PRO A 643 -16.76 4.35 -42.26
C PRO A 643 -17.24 5.79 -42.19
N GLY A 644 -18.54 5.98 -41.98
CA GLY A 644 -19.13 7.30 -41.81
C GLY A 644 -19.17 7.76 -40.36
N GLN A 645 -18.92 6.84 -39.42
CA GLN A 645 -18.93 7.15 -37.97
C GLN A 645 -17.73 6.50 -37.27
N THR A 646 -16.50 6.76 -37.78
CA THR A 646 -15.23 6.22 -37.22
C THR A 646 -14.16 7.30 -36.99
N ALA A 647 -13.59 7.32 -35.78
CA ALA A 647 -12.49 8.20 -35.44
C ALA A 647 -11.24 7.40 -35.09
N ARG A 648 -10.13 7.76 -35.78
CA ARG A 648 -8.78 7.24 -35.53
C ARG A 648 -8.24 8.17 -34.43
N ILE A 649 -7.75 7.61 -33.31
CA ILE A 649 -7.21 8.37 -32.15
C ILE A 649 -5.69 8.34 -32.16
N GLU A 650 -5.09 9.53 -32.13
CA GLU A 650 -3.63 9.68 -32.21
C GLU A 650 -3.01 10.55 -31.14
N ARG A 651 -1.73 10.31 -30.87
CA ARG A 651 -0.89 11.05 -29.93
C ARG A 651 0.50 11.12 -30.60
N GLU A 652 0.94 12.36 -30.95
CA GLU A 652 2.19 12.62 -31.67
C GLU A 652 2.25 11.85 -33.01
N GLY A 653 1.08 11.72 -33.65
CA GLY A 653 0.93 10.99 -34.90
C GLY A 653 0.85 9.48 -34.71
N ARG A 654 1.24 8.96 -33.53
CA ARG A 654 1.19 7.52 -33.24
C ARG A 654 -0.26 7.10 -32.96
N LEU A 655 -0.62 5.86 -33.34
CA LEU A 655 -1.97 5.35 -33.15
C LEU A 655 -2.25 4.87 -31.72
N VAL A 656 -3.27 5.48 -31.10
CA VAL A 656 -3.77 5.14 -29.75
C VAL A 656 -4.86 4.06 -29.91
N GLY A 657 -5.70 4.25 -30.91
CA GLY A 657 -6.77 3.31 -31.19
C GLY A 657 -7.86 3.90 -32.05
N TYR A 658 -9.04 3.34 -31.91
CA TYR A 658 -10.21 3.68 -32.71
C TYR A 658 -11.45 3.79 -31.85
N LEU A 659 -12.40 4.57 -32.33
CA LEU A 659 -13.71 4.80 -31.75
C LEU A 659 -14.68 4.87 -32.92
N GLY A 660 -15.77 4.12 -32.82
CA GLY A 660 -16.79 4.14 -33.86
C GLY A 660 -17.97 3.21 -33.66
N ALA A 661 -18.94 3.34 -34.57
CA ALA A 661 -20.12 2.47 -34.57
C ALA A 661 -19.74 1.19 -35.26
N LEU A 662 -20.20 0.06 -34.71
CA LEU A 662 -19.97 -1.23 -35.33
C LEU A 662 -20.63 -1.20 -36.71
N HIS A 663 -19.85 -1.59 -37.75
CA HIS A 663 -20.25 -1.64 -39.15
C HIS A 663 -21.59 -2.32 -39.33
N PRO A 664 -22.55 -1.68 -40.02
CA PRO A 664 -23.88 -2.30 -40.23
C PRO A 664 -23.83 -3.69 -40.89
N GLU A 665 -22.85 -3.92 -41.77
CA GLU A 665 -22.68 -5.24 -42.40
C GLU A 665 -22.25 -6.31 -41.42
N LEU A 666 -21.38 -5.96 -40.45
CA LEU A 666 -20.91 -6.88 -39.41
C LEU A 666 -22.08 -7.24 -38.50
N ALA A 667 -22.92 -6.23 -38.17
CA ALA A 667 -24.14 -6.41 -37.38
C ALA A 667 -25.06 -7.41 -38.08
N LYS A 668 -25.35 -7.20 -39.41
CA LYS A 668 -26.19 -8.11 -40.21
C LYS A 668 -25.74 -9.53 -39.97
N LYS A 669 -24.44 -9.79 -40.23
CA LYS A 669 -23.73 -11.07 -40.10
C LYS A 669 -23.83 -11.72 -38.72
N LEU A 670 -23.93 -10.90 -37.68
CA LEU A 670 -24.01 -11.36 -36.30
C LEU A 670 -25.43 -11.46 -35.80
N ASP A 671 -26.39 -11.01 -36.62
CA ASP A 671 -27.82 -10.94 -36.31
C ASP A 671 -28.02 -10.03 -35.06
N LEU A 672 -27.49 -8.83 -35.20
CA LEU A 672 -27.56 -7.74 -34.24
C LEU A 672 -28.37 -6.64 -34.92
N GLU A 673 -29.54 -6.30 -34.34
CA GLU A 673 -30.46 -5.30 -34.90
C GLU A 673 -30.25 -3.88 -34.34
N GLN A 674 -29.56 -3.79 -33.20
CA GLN A 674 -29.31 -2.51 -32.52
C GLN A 674 -27.97 -1.84 -32.91
N PRO A 675 -27.89 -0.50 -33.00
CA PRO A 675 -26.56 0.11 -33.19
C PRO A 675 -25.69 -0.08 -31.92
N VAL A 676 -24.40 -0.40 -32.11
CA VAL A 676 -23.43 -0.61 -31.03
C VAL A 676 -22.19 0.26 -31.29
N PHE A 677 -21.67 0.87 -30.21
CA PHE A 677 -20.52 1.76 -30.25
C PHE A 677 -19.35 1.17 -29.51
N LEU A 678 -18.23 1.12 -30.22
CA LEU A 678 -16.99 0.50 -29.77
C LEU A 678 -15.86 1.47 -29.67
N PHE A 679 -14.94 1.22 -28.76
CA PHE A 679 -13.68 1.94 -28.64
C PHE A 679 -12.66 0.96 -28.15
N GLU A 680 -11.39 1.18 -28.49
CA GLU A 680 -10.26 0.35 -28.07
C GLU A 680 -9.04 1.21 -28.04
N LEU A 681 -8.34 1.19 -26.91
CA LEU A 681 -7.18 2.03 -26.67
C LEU A 681 -5.99 1.20 -26.26
N LEU A 682 -4.80 1.52 -26.84
CA LEU A 682 -3.51 0.92 -26.53
C LEU A 682 -3.08 1.59 -25.21
N LEU A 683 -3.17 0.87 -24.07
CA LEU A 683 -2.85 1.43 -22.75
C LEU A 683 -1.49 2.11 -22.62
N ALA A 684 -0.46 1.58 -23.30
CA ALA A 684 0.87 2.20 -23.30
C ALA A 684 0.86 3.68 -23.72
N GLU A 685 -0.07 4.07 -24.65
CA GLU A 685 -0.23 5.44 -25.16
C GLU A 685 -1.17 6.34 -24.36
N VAL A 686 -1.78 5.80 -23.29
CA VAL A 686 -2.76 6.53 -22.49
C VAL A 686 -2.19 6.86 -21.11
N VAL A 687 -1.35 5.97 -20.55
CA VAL A 687 -0.82 6.08 -19.18
C VAL A 687 -0.06 7.38 -18.89
N ASP A 688 0.79 7.88 -19.82
CA ASP A 688 1.54 9.12 -19.50
C ASP A 688 0.73 10.40 -19.64
N GLY A 689 0.92 11.24 -18.65
CA GLY A 689 0.27 12.54 -18.56
C GLY A 689 1.23 13.65 -18.24
N HIS A 690 0.69 14.71 -17.68
CA HIS A 690 1.47 15.89 -17.35
C HIS A 690 1.14 16.39 -15.97
N LEU A 691 2.19 16.79 -15.24
CA LEU A 691 2.05 17.36 -13.92
C LEU A 691 1.59 18.82 -14.07
N PRO A 692 0.61 19.26 -13.23
CA PRO A 692 0.17 20.67 -13.29
C PRO A 692 1.32 21.66 -13.08
N LYS A 693 1.41 22.64 -14.00
CA LYS A 693 2.35 23.77 -13.98
C LYS A 693 1.46 24.98 -13.91
N PHE A 694 1.36 25.57 -12.71
CA PHE A 694 0.51 26.74 -12.45
C PHE A 694 0.83 27.92 -13.36
N ARG A 695 -0.23 28.55 -13.86
CA ARG A 695 -0.22 29.71 -14.73
C ARG A 695 -0.95 30.84 -13.99
N GLU A 696 -0.26 31.95 -13.75
CA GLU A 696 -0.79 33.13 -13.04
C GLU A 696 -2.12 33.66 -13.59
N LEU A 697 -3.01 34.08 -12.66
CA LEU A 697 -4.36 34.54 -12.96
C LEU A 697 -4.45 36.07 -13.17
N SER A 698 -5.12 36.49 -14.27
CA SER A 698 -5.38 37.90 -14.55
C SER A 698 -6.31 38.47 -13.44
N ARG A 699 -6.09 39.75 -13.08
CA ARG A 699 -6.89 40.46 -12.07
C ARG A 699 -8.06 41.11 -12.80
N PHE A 700 -8.13 40.95 -14.14
CA PHE A 700 -9.09 41.63 -14.99
C PHE A 700 -10.17 40.76 -15.60
N PRO A 701 -11.35 41.37 -15.95
CA PRO A 701 -12.44 40.58 -16.55
C PRO A 701 -12.15 40.06 -17.95
N GLU A 702 -12.80 38.94 -18.26
CA GLU A 702 -12.75 38.29 -19.55
C GLU A 702 -13.87 38.85 -20.40
N VAL A 703 -13.72 38.72 -21.74
CA VAL A 703 -14.66 39.23 -22.72
C VAL A 703 -15.03 38.08 -23.65
N ARG A 704 -16.33 37.90 -23.89
CA ARG A 704 -16.84 36.86 -24.76
C ARG A 704 -17.54 37.44 -25.96
N ARG A 705 -17.40 36.78 -27.08
CA ARG A 705 -18.06 37.11 -28.33
C ARG A 705 -18.53 35.80 -28.92
N ASP A 706 -19.71 35.82 -29.55
CA ASP A 706 -20.29 34.65 -30.21
C ASP A 706 -20.31 34.81 -31.71
N LEU A 707 -19.91 33.77 -32.43
CA LEU A 707 -19.89 33.75 -33.89
C LEU A 707 -20.74 32.60 -34.42
N ALA A 708 -21.62 32.89 -35.39
CA ALA A 708 -22.45 31.90 -36.06
C ALA A 708 -21.84 31.72 -37.48
N LEU A 709 -21.27 30.55 -37.76
CA LEU A 709 -20.55 30.33 -39.02
C LEU A 709 -21.15 29.31 -39.99
N LEU A 710 -21.47 29.77 -41.19
CA LEU A 710 -21.99 28.99 -42.30
C LEU A 710 -20.79 28.38 -43.05
N VAL A 711 -20.73 27.05 -43.12
CA VAL A 711 -19.61 26.29 -43.73
C VAL A 711 -20.16 25.08 -44.48
N ASP A 712 -19.37 24.47 -45.40
CA ASP A 712 -19.79 23.27 -46.12
C ASP A 712 -20.05 22.16 -45.10
N GLN A 713 -21.18 21.46 -45.25
CA GLN A 713 -21.63 20.39 -44.36
C GLN A 713 -20.52 19.35 -44.02
N ASP A 714 -19.59 19.11 -44.95
CA ASP A 714 -18.53 18.11 -44.79
C ASP A 714 -17.21 18.65 -44.21
N VAL A 715 -17.10 19.97 -43.96
CA VAL A 715 -15.85 20.47 -43.38
C VAL A 715 -15.82 20.16 -41.90
N PRO A 716 -14.75 19.48 -41.41
CA PRO A 716 -14.69 19.08 -40.00
C PRO A 716 -14.64 20.23 -39.02
N ALA A 717 -15.45 20.13 -37.94
CA ALA A 717 -15.54 21.19 -36.91
C ALA A 717 -14.22 21.53 -36.26
N GLN A 718 -13.38 20.52 -35.98
CA GLN A 718 -12.08 20.76 -35.35
C GLN A 718 -11.11 21.52 -36.27
N ASP A 719 -11.28 21.40 -37.59
CA ASP A 719 -10.46 22.14 -38.56
C ASP A 719 -10.78 23.62 -38.46
N ILE A 720 -12.06 23.96 -38.21
CA ILE A 720 -12.50 25.34 -38.05
C ILE A 720 -12.02 25.87 -36.70
N LEU A 721 -12.24 25.09 -35.61
CA LEU A 721 -11.83 25.46 -34.25
C LEU A 721 -10.32 25.72 -34.14
N THR A 722 -9.52 24.96 -34.90
CA THR A 722 -8.07 25.10 -34.98
C THR A 722 -7.73 26.41 -35.69
N GLN A 723 -8.43 26.72 -36.79
CA GLN A 723 -8.19 27.96 -37.52
C GLN A 723 -8.53 29.20 -36.71
N ILE A 724 -9.63 29.13 -35.91
CA ILE A 724 -10.08 30.17 -35.01
C ILE A 724 -8.99 30.43 -33.97
N ARG A 725 -8.44 29.38 -33.31
CA ARG A 725 -7.37 29.54 -32.29
C ARG A 725 -6.14 30.23 -32.84
N ALA A 726 -5.77 29.88 -34.07
CA ALA A 726 -4.61 30.42 -34.79
C ALA A 726 -4.79 31.88 -35.18
N ALA A 727 -6.04 32.35 -35.34
CA ALA A 727 -6.39 33.72 -35.75
C ALA A 727 -6.91 34.60 -34.59
N ALA A 728 -7.10 34.03 -33.38
CA ALA A 728 -7.64 34.72 -32.20
C ALA A 728 -6.65 35.59 -31.41
N GLY A 729 -5.37 35.53 -31.77
CA GLY A 729 -4.37 36.27 -31.03
C GLY A 729 -3.97 35.61 -29.72
N GLU A 730 -3.31 36.41 -28.89
CA GLU A 730 -2.64 35.98 -27.66
C GLU A 730 -3.52 35.90 -26.42
N TRP A 731 -4.69 36.55 -26.44
CA TRP A 731 -5.51 36.65 -25.23
C TRP A 731 -6.69 35.66 -25.14
N LEU A 732 -6.88 34.77 -26.13
CA LEU A 732 -7.98 33.81 -26.10
C LEU A 732 -7.83 32.77 -24.97
N THR A 733 -8.80 32.72 -24.04
CA THR A 733 -8.74 31.82 -22.89
C THR A 733 -9.64 30.61 -23.00
N ASP A 734 -10.65 30.69 -23.89
CA ASP A 734 -11.61 29.62 -24.12
C ASP A 734 -12.33 29.75 -25.46
N LEU A 735 -12.59 28.59 -26.10
CA LEU A 735 -13.33 28.45 -27.34
C LEU A 735 -14.32 27.29 -27.20
N ARG A 736 -15.61 27.57 -27.39
CA ARG A 736 -16.68 26.60 -27.18
C ARG A 736 -17.63 26.53 -28.38
N LEU A 737 -17.88 25.32 -28.90
CA LEU A 737 -18.87 25.11 -29.93
C LEU A 737 -20.15 24.75 -29.15
N PHE A 738 -21.09 25.70 -29.07
CA PHE A 738 -22.30 25.50 -28.29
C PHE A 738 -23.54 25.00 -29.09
N ASP A 739 -23.43 24.96 -30.45
CA ASP A 739 -24.50 24.53 -31.34
C ASP A 739 -24.03 24.29 -32.78
N VAL A 740 -24.68 23.30 -33.45
CA VAL A 740 -24.49 22.93 -34.86
C VAL A 740 -25.89 22.86 -35.51
N TYR A 741 -26.08 23.55 -36.64
CA TYR A 741 -27.38 23.61 -37.31
C TYR A 741 -27.29 23.17 -38.76
N HIS A 742 -28.04 22.13 -39.11
CA HIS A 742 -28.10 21.59 -40.46
C HIS A 742 -29.58 21.45 -40.84
N GLY A 743 -30.29 22.57 -40.75
CA GLY A 743 -31.72 22.64 -41.01
C GLY A 743 -32.15 23.39 -42.26
N LYS A 744 -33.45 23.76 -42.29
CA LYS A 744 -34.11 24.44 -43.41
C LYS A 744 -33.72 25.94 -43.54
N GLY A 745 -33.42 26.60 -42.43
CA GLY A 745 -33.04 28.01 -42.38
C GLY A 745 -31.84 28.42 -43.22
N ILE A 746 -31.08 27.42 -43.75
CA ILE A 746 -29.87 27.58 -44.58
C ILE A 746 -29.78 26.51 -45.68
N ASP A 747 -28.79 26.64 -46.61
CA ASP A 747 -28.52 25.71 -47.73
C ASP A 747 -28.42 24.22 -47.28
N PRO A 748 -28.93 23.22 -48.06
CA PRO A 748 -28.86 21.82 -47.60
C PRO A 748 -27.47 21.19 -47.59
N HIS A 749 -26.47 21.85 -48.23
CA HIS A 749 -25.07 21.39 -48.29
C HIS A 749 -24.18 22.19 -47.32
N ARG A 750 -24.81 23.05 -46.49
CA ARG A 750 -24.11 23.85 -45.50
C ARG A 750 -24.57 23.54 -44.06
N LYS A 751 -23.84 24.09 -43.07
CA LYS A 751 -24.12 23.97 -41.65
C LYS A 751 -23.71 25.25 -40.90
N SER A 752 -24.43 25.58 -39.82
CA SER A 752 -24.12 26.75 -39.00
C SER A 752 -23.43 26.27 -37.72
N LEU A 753 -22.25 26.85 -37.43
CA LEU A 753 -21.48 26.52 -36.24
C LEU A 753 -21.50 27.68 -35.29
N ALA A 754 -22.26 27.56 -34.20
CA ALA A 754 -22.34 28.61 -33.20
C ALA A 754 -21.19 28.40 -32.17
N VAL A 755 -20.25 29.36 -32.16
CA VAL A 755 -19.06 29.31 -31.31
C VAL A 755 -18.97 30.51 -30.38
N GLY A 756 -18.49 30.24 -29.19
CA GLY A 756 -18.28 31.20 -28.12
C GLY A 756 -16.79 31.36 -27.89
N LEU A 757 -16.32 32.60 -28.03
CA LEU A 757 -14.92 32.95 -27.93
C LEU A 757 -14.71 33.83 -26.72
N THR A 758 -13.85 33.42 -25.81
CA THR A 758 -13.51 34.16 -24.57
C THR A 758 -12.07 34.60 -24.62
N TRP A 759 -11.81 35.86 -24.27
CA TRP A 759 -10.47 36.45 -24.18
C TRP A 759 -10.28 37.10 -22.82
N GLN A 760 -9.05 37.04 -22.29
CA GLN A 760 -8.68 37.72 -21.05
C GLN A 760 -7.25 38.18 -21.16
N HIS A 761 -7.03 39.49 -20.98
CA HIS A 761 -5.70 40.08 -21.02
C HIS A 761 -5.11 39.97 -19.62
N PRO A 762 -3.82 39.60 -19.45
CA PRO A 762 -3.28 39.43 -18.09
C PRO A 762 -3.02 40.72 -17.30
N SER A 763 -2.85 41.86 -18.00
CA SER A 763 -2.48 43.12 -17.35
C SER A 763 -3.48 44.28 -17.46
N ARG A 764 -4.65 44.06 -18.06
CA ARG A 764 -5.69 45.10 -18.23
C ARG A 764 -7.02 44.54 -18.72
N THR A 765 -8.00 45.42 -18.85
CA THR A 765 -9.33 45.13 -19.40
C THR A 765 -9.23 45.23 -20.93
N LEU A 766 -10.01 44.43 -21.64
CA LEU A 766 -10.02 44.50 -23.09
C LEU A 766 -11.15 45.42 -23.56
N ASN A 767 -10.85 46.26 -24.56
CA ASN A 767 -11.81 47.21 -25.14
C ASN A 767 -12.50 46.58 -26.32
N ASP A 768 -13.73 47.05 -26.62
CA ASP A 768 -14.56 46.54 -27.70
C ASP A 768 -13.96 46.70 -29.10
N ASP A 769 -13.18 47.76 -29.32
CA ASP A 769 -12.55 48.01 -30.61
C ASP A 769 -11.58 46.90 -30.99
N GLU A 770 -10.64 46.57 -30.08
CA GLU A 770 -9.62 45.53 -30.31
C GLU A 770 -10.23 44.14 -30.42
N VAL A 771 -11.27 43.86 -29.63
CA VAL A 771 -11.94 42.56 -29.67
C VAL A 771 -12.70 42.37 -31.01
N ASN A 772 -13.41 43.42 -31.49
CA ASN A 772 -14.10 43.41 -32.79
C ASN A 772 -13.09 43.29 -33.93
N SER A 773 -11.90 43.90 -33.72
CA SER A 773 -10.78 43.84 -34.65
C SER A 773 -10.31 42.36 -34.78
N THR A 774 -10.00 41.69 -33.64
CA THR A 774 -9.59 40.29 -33.54
C THR A 774 -10.64 39.36 -34.15
N THR A 775 -11.94 39.65 -33.86
CA THR A 775 -13.08 38.87 -34.34
C THR A 775 -13.11 38.90 -35.87
N GLN A 776 -12.96 40.11 -36.48
CA GLN A 776 -12.92 40.25 -37.95
C GLN A 776 -11.75 39.48 -38.56
N ASN A 777 -10.56 39.47 -37.91
CA ASN A 777 -9.44 38.69 -38.46
C ASN A 777 -9.76 37.21 -38.48
N ILE A 778 -10.45 36.68 -37.41
CA ILE A 778 -10.89 35.26 -37.35
C ILE A 778 -11.76 34.96 -38.59
N VAL A 779 -12.82 35.76 -38.80
CA VAL A 779 -13.77 35.65 -39.91
C VAL A 779 -13.04 35.63 -41.27
N THR A 780 -12.20 36.65 -41.51
CA THR A 780 -11.41 36.83 -42.73
C THR A 780 -10.61 35.56 -43.04
N SER A 781 -9.97 34.98 -42.01
CA SER A 781 -9.17 33.76 -42.08
C SER A 781 -10.00 32.55 -42.49
N LEU A 782 -11.24 32.47 -41.99
CA LEU A 782 -12.20 31.40 -42.28
C LEU A 782 -12.83 31.58 -43.68
N GLU A 783 -12.93 32.83 -44.15
CA GLU A 783 -13.45 33.15 -45.48
C GLU A 783 -12.43 32.67 -46.50
N GLU A 784 -11.15 32.90 -46.23
CA GLU A 784 -10.08 32.50 -47.15
C GLU A 784 -9.74 31.01 -47.11
N ARG A 785 -9.90 30.34 -45.95
CA ARG A 785 -9.58 28.91 -45.82
C ARG A 785 -10.75 27.95 -46.06
N PHE A 786 -11.99 28.36 -45.76
CA PHE A 786 -13.15 27.47 -45.87
C PHE A 786 -14.34 28.07 -46.62
N ASN A 787 -14.21 29.33 -47.08
CA ASN A 787 -15.28 30.08 -47.76
C ASN A 787 -16.51 30.14 -46.85
N ALA A 788 -16.22 30.48 -45.59
CA ALA A 788 -17.17 30.62 -44.49
C ALA A 788 -17.88 31.97 -44.59
N THR A 789 -19.05 32.08 -43.93
CA THR A 789 -19.95 33.23 -43.94
C THR A 789 -20.61 33.39 -42.57
N LEU A 790 -20.86 34.64 -42.13
CA LEU A 790 -21.57 34.88 -40.88
C LEU A 790 -23.07 34.70 -41.13
N ARG A 791 -23.78 34.08 -40.17
CA ARG A 791 -25.21 33.84 -40.29
C ARG A 791 -26.04 35.14 -40.08
N MET B 1 21.60 36.21 16.92
CA MET B 1 22.87 36.68 17.49
C MET B 1 23.78 37.17 16.35
N LYS B 2 24.15 38.46 16.40
CA LYS B 2 24.96 39.08 15.37
C LYS B 2 26.33 39.41 15.93
N PHE B 3 27.38 39.38 15.10
CA PHE B 3 28.74 39.65 15.56
C PHE B 3 29.70 40.00 14.43
N SER B 4 30.80 40.66 14.81
CA SER B 4 31.93 40.97 13.94
C SER B 4 32.81 39.71 13.85
N GLU B 5 33.07 39.23 12.63
CA GLU B 5 33.92 38.07 12.41
C GLU B 5 35.36 38.34 12.90
N LYS B 6 35.86 39.58 12.67
CA LYS B 6 37.21 40.00 13.06
C LYS B 6 37.39 39.79 14.56
N TRP B 7 36.40 40.23 15.35
CA TRP B 7 36.38 40.12 16.79
C TRP B 7 36.31 38.63 17.19
N LEU B 8 35.45 37.85 16.55
CA LEU B 8 35.40 36.41 16.81
C LEU B 8 36.78 35.78 16.55
N ARG B 9 37.33 36.05 15.38
CA ARG B 9 38.59 35.46 14.98
C ARG B 9 39.75 35.87 15.86
N SER B 10 39.58 36.97 16.65
CA SER B 10 40.60 37.42 17.62
C SER B 10 40.66 36.47 18.83
N TRP B 11 39.61 35.62 19.01
CA TRP B 11 39.51 34.61 20.06
C TRP B 11 39.87 33.24 19.54
N ALA B 12 39.24 32.82 18.44
CA ALA B 12 39.46 31.51 17.80
C ALA B 12 39.41 31.75 16.30
N ASN B 13 40.54 31.51 15.61
CA ASN B 13 40.58 31.74 14.18
C ASN B 13 40.53 30.42 13.47
N PRO B 14 39.46 30.21 12.67
CA PRO B 14 39.30 28.94 11.97
C PRO B 14 40.33 28.67 10.87
N GLN B 15 41.05 29.71 10.40
CA GLN B 15 42.06 29.56 9.33
C GLN B 15 41.45 29.13 7.99
N VAL B 16 40.18 29.44 7.78
CA VAL B 16 39.47 29.17 6.52
C VAL B 16 38.91 30.51 6.04
N SER B 17 38.45 30.62 4.79
CA SER B 17 37.94 31.91 4.31
C SER B 17 36.58 32.27 4.97
N HIS B 18 36.06 33.49 4.70
CA HIS B 18 34.75 33.89 5.24
C HIS B 18 33.65 32.90 4.76
N ASP B 19 33.58 32.70 3.44
CA ASP B 19 32.57 31.82 2.81
C ASP B 19 32.57 30.41 3.43
N GLU B 20 33.76 29.84 3.68
CA GLU B 20 33.92 28.53 4.29
C GLU B 20 33.38 28.48 5.73
N LEU B 21 33.64 29.55 6.51
CA LEU B 21 33.18 29.67 7.89
C LEU B 21 31.65 29.74 7.94
N VAL B 22 31.02 30.65 7.15
CA VAL B 22 29.56 30.86 7.08
C VAL B 22 28.86 29.57 6.66
N ALA B 23 29.47 28.80 5.75
CA ALA B 23 28.95 27.51 5.26
C ALA B 23 28.95 26.47 6.40
N ARG B 24 30.12 26.25 7.01
CA ARG B 24 30.28 25.32 8.12
C ARG B 24 29.35 25.58 9.30
N LEU B 25 29.15 26.87 9.64
CA LEU B 25 28.31 27.28 10.76
C LEU B 25 26.91 26.69 10.70
N SER B 26 26.26 26.77 9.54
CA SER B 26 24.93 26.22 9.36
C SER B 26 24.98 24.69 9.45
N MET B 27 26.05 24.07 8.87
CA MET B 27 26.30 22.62 8.87
C MET B 27 26.56 22.02 10.25
N VAL B 28 26.84 22.85 11.26
CA VAL B 28 27.12 22.39 12.62
C VAL B 28 26.00 22.82 13.58
N GLY B 29 24.94 23.40 13.03
CA GLY B 29 23.75 23.78 13.79
C GLY B 29 23.62 25.22 14.24
N LEU B 30 24.39 26.11 13.62
CA LEU B 30 24.30 27.55 13.90
C LEU B 30 23.94 28.14 12.55
N GLU B 31 22.63 28.15 12.22
CA GLU B 31 22.21 28.63 10.92
C GLU B 31 22.44 30.12 10.74
N VAL B 32 23.24 30.45 9.73
CA VAL B 32 23.55 31.82 9.35
C VAL B 32 22.32 32.39 8.62
N ASP B 33 21.86 33.55 9.06
CA ASP B 33 20.71 34.24 8.46
C ASP B 33 21.17 35.38 7.58
N ALA B 34 22.38 35.93 7.86
CA ALA B 34 23.01 37.01 7.08
C ALA B 34 24.52 37.12 7.32
N ASP B 35 25.27 37.50 6.29
CA ASP B 35 26.71 37.76 6.34
C ASP B 35 26.93 38.96 5.45
N LEU B 36 27.27 40.13 6.07
CA LEU B 36 27.40 41.39 5.33
C LEU B 36 28.68 42.14 5.62
N PRO B 37 29.25 42.84 4.60
CA PRO B 37 30.41 43.70 4.87
C PRO B 37 30.05 44.86 5.79
N VAL B 38 31.01 45.30 6.63
CA VAL B 38 30.77 46.42 7.56
C VAL B 38 30.74 47.78 6.83
N ALA B 39 31.38 47.84 5.62
CA ALA B 39 31.47 49.06 4.82
C ALA B 39 31.68 48.80 3.32
N GLY B 40 31.72 49.91 2.56
CA GLY B 40 31.99 49.96 1.13
C GLY B 40 33.49 49.88 0.85
N ALA B 41 33.83 49.69 -0.42
CA ALA B 41 35.22 49.57 -0.86
C ALA B 41 35.80 50.92 -1.26
N PHE B 42 37.05 51.15 -0.85
CA PHE B 42 37.83 52.35 -1.14
C PHE B 42 39.32 52.14 -0.81
N SER B 43 40.20 52.99 -1.37
CA SER B 43 41.65 52.90 -1.19
C SER B 43 42.25 54.28 -1.17
N GLY B 44 43.45 54.39 -0.62
CA GLY B 44 44.18 55.64 -0.51
C GLY B 44 43.71 56.60 0.57
N VAL B 45 42.89 56.11 1.50
CA VAL B 45 42.37 56.96 2.58
C VAL B 45 43.12 56.65 3.89
N VAL B 46 43.78 57.66 4.46
CA VAL B 46 44.59 57.52 5.67
C VAL B 46 44.10 58.41 6.79
N VAL B 47 44.69 58.26 8.01
CA VAL B 47 44.33 59.13 9.12
C VAL B 47 45.04 60.47 8.95
N GLY B 48 44.27 61.54 8.86
CA GLY B 48 44.82 62.88 8.74
C GLY B 48 44.59 63.75 9.95
N GLU B 49 45.47 64.76 10.17
CA GLU B 49 45.30 65.73 11.25
C GLU B 49 45.27 67.17 10.75
N VAL B 50 44.18 67.88 11.08
CA VAL B 50 44.01 69.29 10.73
C VAL B 50 44.89 70.11 11.65
N LEU B 51 45.90 70.77 11.07
CA LEU B 51 46.81 71.60 11.85
C LEU B 51 46.26 73.03 11.99
N SER B 52 45.70 73.57 10.90
CA SER B 52 45.09 74.91 10.91
C SER B 52 44.00 74.99 9.86
N THR B 53 43.05 75.92 10.08
CA THR B 53 41.97 76.26 9.15
C THR B 53 42.03 77.75 8.96
N GLU B 54 41.61 78.21 7.78
CA GLU B 54 41.56 79.64 7.50
C GLU B 54 40.35 79.91 6.67
N GLN B 55 39.79 81.12 6.77
CA GLN B 55 38.60 81.42 5.96
C GLN B 55 39.04 81.65 4.51
N HIS B 56 38.43 80.88 3.59
CA HIS B 56 38.66 80.99 2.16
C HIS B 56 38.35 82.46 1.71
N PRO B 57 39.33 83.15 1.11
CA PRO B 57 39.11 84.56 0.74
C PRO B 57 38.08 84.84 -0.38
N ASP B 58 37.54 83.81 -1.06
CA ASP B 58 36.60 84.01 -2.18
C ASP B 58 35.34 83.09 -2.16
N ALA B 59 34.99 82.57 -0.96
CA ALA B 59 33.81 81.71 -0.73
C ALA B 59 33.64 81.50 0.77
N ASP B 60 32.56 82.05 1.33
CA ASP B 60 32.29 82.03 2.78
C ASP B 60 31.97 80.64 3.33
N LYS B 61 31.33 79.78 2.52
CA LYS B 61 30.96 78.43 2.93
C LYS B 61 32.18 77.45 3.04
N LEU B 62 33.37 77.92 2.59
CA LEU B 62 34.61 77.14 2.54
C LEU B 62 35.73 77.60 3.46
N ARG B 63 36.63 76.65 3.77
CA ARG B 63 37.79 76.86 4.61
C ARG B 63 39.03 76.34 3.91
N VAL B 64 40.15 77.02 4.10
CA VAL B 64 41.45 76.58 3.56
C VAL B 64 42.28 75.99 4.73
N CYS B 65 42.39 74.65 4.74
CA CYS B 65 43.05 73.86 5.79
C CYS B 65 44.44 73.35 5.41
N GLN B 66 45.30 73.20 6.42
CA GLN B 66 46.62 72.60 6.38
C GLN B 66 46.45 71.25 7.11
N VAL B 67 46.60 70.14 6.38
CA VAL B 67 46.40 68.80 6.94
C VAL B 67 47.66 67.93 6.76
N SER B 68 48.04 67.22 7.84
CA SER B 68 49.19 66.31 7.84
C SER B 68 48.76 64.84 7.73
N ASN B 69 49.53 64.00 7.00
CA ASN B 69 49.29 62.54 6.90
C ASN B 69 50.39 61.82 7.72
N GLY B 70 51.07 62.59 8.60
CA GLY B 70 52.17 62.13 9.41
C GLY B 70 53.49 62.07 8.66
N SER B 71 53.48 62.40 7.36
CA SER B 71 54.68 62.39 6.51
C SER B 71 54.91 63.74 5.83
N GLU B 72 53.81 64.44 5.54
CA GLU B 72 53.77 65.67 4.76
C GLU B 72 52.50 66.47 5.09
N THR B 73 52.58 67.82 4.90
CA THR B 73 51.45 68.74 5.09
C THR B 73 50.92 69.16 3.73
N PHE B 74 49.62 68.96 3.53
CA PHE B 74 48.91 69.28 2.30
C PHE B 74 47.84 70.31 2.56
N GLN B 75 47.64 71.21 1.58
CA GLN B 75 46.57 72.20 1.63
C GLN B 75 45.29 71.56 1.06
N VAL B 76 44.28 71.40 1.90
CA VAL B 76 43.00 70.86 1.49
C VAL B 76 41.90 71.90 1.76
N VAL B 77 41.13 72.25 0.74
CA VAL B 77 40.00 73.17 0.85
C VAL B 77 38.78 72.31 1.32
N CYS B 78 38.15 72.69 2.45
CA CYS B 78 37.02 71.93 2.98
C CYS B 78 35.79 72.81 3.27
N GLY B 79 34.61 72.32 2.91
CA GLY B 79 33.36 73.03 3.17
C GLY B 79 32.47 72.48 4.27
N ALA B 80 32.97 71.50 5.04
CA ALA B 80 32.20 70.89 6.13
C ALA B 80 32.08 71.85 7.34
N PRO B 81 30.87 71.99 7.93
CA PRO B 81 30.70 72.90 9.08
C PRO B 81 31.46 72.53 10.36
N ASN B 82 32.00 71.28 10.45
CA ASN B 82 32.75 70.85 11.63
C ASN B 82 34.29 70.92 11.49
N VAL B 83 34.82 71.30 10.29
CA VAL B 83 36.28 71.30 10.05
C VAL B 83 36.97 72.38 10.91
N ARG B 84 37.87 71.92 11.79
CA ARG B 84 38.63 72.75 12.72
C ARG B 84 39.99 72.14 13.03
N ALA B 85 40.95 72.96 13.49
CA ALA B 85 42.27 72.50 13.91
C ALA B 85 42.17 71.47 15.03
N GLY B 86 43.10 70.50 15.01
CA GLY B 86 43.23 69.42 15.97
C GLY B 86 42.47 68.16 15.61
N LEU B 87 41.47 68.30 14.75
CA LEU B 87 40.61 67.20 14.30
C LEU B 87 41.38 66.13 13.55
N LYS B 88 41.13 64.86 13.95
CA LYS B 88 41.66 63.63 13.34
C LYS B 88 40.55 63.17 12.43
N ILE B 89 40.87 63.06 11.15
CA ILE B 89 39.88 62.86 10.11
C ILE B 89 40.31 61.90 8.97
N PRO B 90 39.40 61.28 8.18
CA PRO B 90 39.87 60.46 7.04
C PRO B 90 40.34 61.39 5.91
N PHE B 91 41.63 61.36 5.62
CA PHE B 91 42.22 62.15 4.55
C PHE B 91 42.40 61.34 3.25
N ALA B 92 41.56 61.66 2.24
CA ALA B 92 41.64 61.05 0.91
C ALA B 92 42.61 61.85 0.03
N MET B 93 43.83 61.33 -0.12
CA MET B 93 44.90 61.94 -0.91
C MET B 93 44.62 61.87 -2.39
N ILE B 94 45.34 62.65 -3.22
CA ILE B 94 45.18 62.57 -4.68
C ILE B 94 45.55 61.13 -5.12
N GLY B 95 44.67 60.51 -5.90
CA GLY B 95 44.92 59.15 -6.35
C GLY B 95 43.99 58.18 -5.67
N ALA B 96 43.50 58.58 -4.44
CA ALA B 96 42.52 57.79 -3.69
C ALA B 96 41.29 57.49 -4.51
N GLU B 97 40.84 56.25 -4.40
CA GLU B 97 39.67 55.69 -5.06
C GLU B 97 38.57 55.53 -4.00
N LEU B 98 37.53 56.36 -4.06
CA LEU B 98 36.39 56.35 -3.15
C LEU B 98 35.22 55.55 -3.75
N PRO B 99 34.17 55.16 -2.97
CA PRO B 99 33.07 54.34 -3.57
C PRO B 99 32.38 54.96 -4.78
N ASP B 100 31.76 54.11 -5.63
CA ASP B 100 31.02 54.48 -6.84
C ASP B 100 31.92 55.24 -7.84
N ASP B 101 33.12 54.65 -8.10
CA ASP B 101 34.19 55.10 -9.00
C ASP B 101 34.50 56.59 -8.90
N PHE B 102 34.74 57.07 -7.66
CA PHE B 102 35.10 58.46 -7.39
C PHE B 102 36.60 58.59 -7.16
N LYS B 103 37.36 59.01 -8.18
CA LYS B 103 38.81 59.19 -8.08
C LYS B 103 39.15 60.62 -7.71
N ILE B 104 39.91 60.78 -6.62
CA ILE B 104 40.34 62.09 -6.12
C ILE B 104 41.39 62.64 -7.10
N LYS B 105 41.18 63.87 -7.58
CA LYS B 105 42.10 64.55 -8.50
C LYS B 105 42.55 65.85 -7.84
N LYS B 106 43.47 66.58 -8.52
CA LYS B 106 43.95 67.86 -8.03
C LYS B 106 42.80 68.86 -8.24
N ALA B 107 42.76 69.92 -7.42
CA ALA B 107 41.71 70.92 -7.53
C ALA B 107 42.17 72.33 -7.21
N LYS B 108 41.54 73.32 -7.87
CA LYS B 108 41.72 74.76 -7.66
C LYS B 108 40.32 75.31 -7.42
N LEU B 109 39.85 75.17 -6.18
CA LEU B 109 38.53 75.60 -5.75
C LEU B 109 38.52 77.09 -5.39
N ARG B 110 37.89 77.88 -6.27
CA ARG B 110 37.73 79.34 -6.22
C ARG B 110 39.08 80.03 -6.04
N GLY B 111 40.01 79.65 -6.92
CA GLY B 111 41.36 80.17 -6.97
C GLY B 111 42.33 79.59 -5.97
N VAL B 112 41.87 78.64 -5.11
CA VAL B 112 42.72 78.04 -4.08
C VAL B 112 43.00 76.55 -4.39
N GLU B 113 44.29 76.17 -4.35
CA GLU B 113 44.77 74.80 -4.61
C GLU B 113 44.51 73.82 -3.43
N SER B 114 43.91 72.66 -3.75
CA SER B 114 43.54 71.60 -2.82
C SER B 114 44.16 70.26 -3.29
N PHE B 115 45.00 69.67 -2.42
CA PHE B 115 45.73 68.41 -2.65
C PHE B 115 45.13 67.20 -1.89
N GLY B 116 43.84 67.03 -2.05
CA GLY B 116 43.12 65.93 -1.44
C GLY B 116 41.74 66.36 -0.99
N MET B 117 41.06 65.45 -0.28
CA MET B 117 39.74 65.66 0.24
C MET B 117 39.61 65.04 1.63
N LEU B 118 38.84 65.70 2.54
CA LEU B 118 38.54 65.18 3.89
C LEU B 118 37.14 64.57 3.80
N CYS B 119 36.91 63.40 4.47
CA CYS B 119 35.64 62.70 4.25
C CYS B 119 34.73 62.53 5.44
N SER B 120 33.45 62.36 5.09
CA SER B 120 32.35 62.02 5.96
C SER B 120 32.23 60.48 5.89
N ALA B 121 31.55 59.88 6.90
CA ALA B 121 31.27 58.46 6.95
C ALA B 121 30.46 58.06 5.72
N LYS B 122 29.50 58.93 5.31
CA LYS B 122 28.66 58.73 4.12
C LYS B 122 29.46 58.55 2.81
N GLU B 123 30.38 59.50 2.51
CA GLU B 123 31.31 59.52 1.37
C GLU B 123 32.08 58.21 1.26
N LEU B 124 32.38 57.56 2.40
CA LEU B 124 33.18 56.33 2.49
C LEU B 124 32.32 55.05 2.64
N GLN B 125 31.00 55.22 2.76
CA GLN B 125 30.01 54.16 2.96
C GLN B 125 30.29 53.45 4.31
N ILE B 126 30.61 54.27 5.33
CA ILE B 126 30.87 53.82 6.70
C ILE B 126 29.57 53.87 7.50
N SER B 127 28.90 55.01 7.44
CA SER B 127 27.60 55.24 8.06
C SER B 127 26.80 56.12 7.05
N GLU B 128 25.62 56.66 7.47
CA GLU B 128 24.83 57.54 6.61
C GLU B 128 24.97 59.00 7.12
N GLU B 129 25.97 59.21 8.03
CA GLU B 129 26.33 60.48 8.63
C GLU B 129 27.10 61.37 7.63
N ASN B 130 26.36 62.18 6.85
CA ASN B 130 26.95 63.14 5.90
C ASN B 130 26.88 64.55 6.48
N ALA B 131 26.35 64.69 7.74
CA ALA B 131 26.21 65.97 8.45
C ALA B 131 27.53 66.74 8.42
N GLY B 132 28.63 66.01 8.58
CA GLY B 132 29.98 66.55 8.52
C GLY B 132 31.03 65.48 8.34
N LEU B 133 32.30 65.86 8.58
CA LEU B 133 33.45 64.97 8.48
C LEU B 133 33.43 63.94 9.58
N LEU B 134 33.84 62.69 9.25
CA LEU B 134 33.95 61.62 10.23
C LEU B 134 35.08 61.92 11.24
N GLU B 135 34.71 62.55 12.37
CA GLU B 135 35.60 62.89 13.48
C GLU B 135 36.13 61.60 14.15
N LEU B 136 37.45 61.33 13.99
CA LEU B 136 38.15 60.16 14.53
C LEU B 136 38.72 60.45 15.93
N PRO B 137 38.88 59.42 16.82
CA PRO B 137 39.46 59.64 18.15
C PRO B 137 40.67 60.56 18.18
N ALA B 138 40.76 61.38 19.21
CA ALA B 138 41.83 62.35 19.39
C ALA B 138 43.21 61.69 19.33
N ASP B 139 43.27 60.41 19.72
CA ASP B 139 44.49 59.62 19.75
C ASP B 139 44.65 58.65 18.52
N ALA B 140 43.92 58.91 17.40
CA ALA B 140 44.03 58.09 16.17
C ALA B 140 45.50 58.10 15.59
N PRO B 141 46.00 56.98 14.99
CA PRO B 141 47.38 56.99 14.44
C PRO B 141 47.44 57.69 13.07
N VAL B 142 47.96 58.92 13.04
CA VAL B 142 48.04 59.74 11.81
C VAL B 142 48.95 59.08 10.77
N GLY B 143 48.36 58.83 9.59
CA GLY B 143 49.00 58.22 8.44
C GLY B 143 48.56 56.82 8.14
N GLN B 144 48.01 56.11 9.16
CA GLN B 144 47.53 54.72 9.03
C GLN B 144 46.32 54.61 8.07
N ASP B 145 46.23 53.56 7.27
CA ASP B 145 45.05 53.37 6.42
C ASP B 145 43.78 53.29 7.31
N VAL B 146 42.77 54.08 6.92
CA VAL B 146 41.51 54.24 7.62
C VAL B 146 40.75 52.88 7.69
N ARG B 147 40.89 52.01 6.68
CA ARG B 147 40.28 50.68 6.66
C ARG B 147 40.92 49.82 7.76
N THR B 148 42.28 49.92 7.92
CA THR B 148 43.04 49.18 8.93
C THR B 148 42.55 49.63 10.30
N TYR B 149 42.66 50.93 10.58
CA TYR B 149 42.28 51.57 11.83
C TYR B 149 40.82 51.32 12.24
N LEU B 150 39.89 51.52 11.31
CA LEU B 150 38.49 51.33 11.59
C LEU B 150 37.98 49.89 11.42
N GLU B 151 38.91 48.93 11.19
CA GLU B 151 38.63 47.50 10.99
C GLU B 151 37.47 47.26 10.02
N LEU B 152 37.57 47.89 8.83
CA LEU B 152 36.57 47.85 7.77
C LEU B 152 36.63 46.60 6.87
N ALA B 153 37.72 45.83 6.98
CA ALA B 153 37.88 44.57 6.25
C ALA B 153 37.28 43.61 7.26
N ASP B 154 35.94 43.48 7.17
CA ASP B 154 35.14 42.73 8.13
C ASP B 154 33.73 42.50 7.64
N TYR B 155 33.10 41.54 8.28
CA TYR B 155 31.74 41.15 8.02
C TYR B 155 31.04 40.96 9.32
N THR B 156 29.74 41.12 9.28
CA THR B 156 28.87 40.86 10.42
C THR B 156 28.06 39.60 10.11
N ILE B 157 28.32 38.52 10.86
CA ILE B 157 27.62 37.23 10.70
C ILE B 157 26.46 37.16 11.71
N GLU B 158 25.26 36.89 11.22
CA GLU B 158 24.07 36.77 12.05
C GLU B 158 23.61 35.35 12.04
N VAL B 159 23.49 34.81 13.23
CA VAL B 159 23.12 33.43 13.49
C VAL B 159 21.71 33.38 14.11
N GLY B 160 20.88 32.49 13.57
CA GLY B 160 19.54 32.22 14.08
C GLY B 160 19.70 31.06 15.05
N LEU B 161 19.91 31.39 16.33
CA LEU B 161 20.16 30.41 17.39
C LEU B 161 18.92 29.62 17.79
N THR B 162 19.13 28.36 18.15
CA THR B 162 18.08 27.47 18.64
C THR B 162 18.03 27.63 20.16
N PRO B 163 16.83 27.55 20.80
CA PRO B 163 16.71 27.75 22.26
C PRO B 163 17.66 26.95 23.16
N ASN B 164 18.25 25.89 22.66
CA ASN B 164 19.20 25.09 23.45
C ASN B 164 20.64 25.69 23.50
N ARG B 165 20.93 26.70 22.64
CA ARG B 165 22.26 27.27 22.58
C ARG B 165 22.33 28.69 23.12
N GLY B 166 21.90 28.86 24.36
CA GLY B 166 21.94 30.13 25.09
C GLY B 166 23.37 30.55 25.33
N ASP B 167 24.27 29.57 25.42
CA ASP B 167 25.71 29.75 25.60
C ASP B 167 26.35 30.52 24.43
N CYS B 168 25.73 30.46 23.25
CA CYS B 168 26.19 31.13 22.03
C CYS B 168 25.67 32.55 21.87
N LEU B 169 25.05 33.13 22.95
CA LEU B 169 24.54 34.49 22.97
C LEU B 169 25.62 35.52 23.35
N SER B 170 26.88 35.22 22.95
CA SER B 170 28.06 36.03 23.21
C SER B 170 29.17 35.65 22.27
N LEU B 171 30.18 36.51 22.21
CA LEU B 171 31.38 36.25 21.44
C LEU B 171 32.16 35.13 22.09
N ALA B 172 32.16 35.06 23.44
CA ALA B 172 32.84 33.99 24.18
C ALA B 172 32.28 32.62 23.82
N GLY B 173 30.95 32.52 23.74
CA GLY B 173 30.20 31.31 23.41
C GLY B 173 30.44 30.86 21.99
N LEU B 174 30.30 31.79 21.03
CA LEU B 174 30.53 31.57 19.59
C LEU B 174 31.96 31.19 19.25
N ALA B 175 32.95 31.82 19.92
CA ALA B 175 34.37 31.52 19.70
C ALA B 175 34.71 30.14 20.24
N ARG B 176 34.02 29.70 21.32
CA ARG B 176 34.27 28.37 21.86
C ARG B 176 33.85 27.31 20.84
N GLU B 177 32.68 27.54 20.18
CA GLU B 177 32.14 26.66 19.14
C GLU B 177 33.14 26.55 18.01
N VAL B 178 33.58 27.69 17.46
CA VAL B 178 34.54 27.70 16.37
C VAL B 178 35.79 26.89 16.73
N SER B 179 36.28 27.05 17.97
CA SER B 179 37.47 26.30 18.42
C SER B 179 37.20 24.79 18.37
N ALA B 180 35.97 24.37 18.77
CA ALA B 180 35.56 22.96 18.74
C ALA B 180 35.41 22.48 17.29
N ILE B 181 34.62 23.22 16.48
CA ILE B 181 34.39 22.93 15.06
C ILE B 181 35.70 22.65 14.32
N TYR B 182 36.67 23.55 14.46
CA TYR B 182 37.94 23.55 13.74
C TYR B 182 39.14 23.00 14.48
N ASP B 183 38.97 22.53 15.75
CA ASP B 183 40.07 21.99 16.55
C ASP B 183 41.24 22.99 16.56
N VAL B 184 40.95 24.25 16.89
CA VAL B 184 41.94 25.34 16.93
C VAL B 184 42.09 25.93 18.33
N PRO B 185 43.28 26.48 18.69
CA PRO B 185 43.41 27.15 20.02
C PRO B 185 42.38 28.27 20.29
N LEU B 186 41.86 28.31 21.53
CA LEU B 186 40.92 29.34 21.98
C LEU B 186 41.66 30.28 22.92
N ALA B 187 41.75 31.56 22.51
CA ALA B 187 42.46 32.65 23.21
C ALA B 187 41.43 33.63 23.82
N PRO B 188 40.86 33.34 25.02
CA PRO B 188 39.87 34.27 25.59
C PRO B 188 40.53 35.51 26.15
N VAL B 189 39.75 36.61 26.25
CA VAL B 189 40.25 37.88 26.78
C VAL B 189 40.78 37.64 28.19
N ALA B 190 42.06 38.01 28.43
CA ALA B 190 42.64 37.85 29.76
C ALA B 190 42.05 39.02 30.58
N VAL B 191 41.40 38.64 31.69
CA VAL B 191 40.71 39.53 32.58
C VAL B 191 41.40 39.51 33.91
N ASP B 192 42.24 40.52 34.10
CA ASP B 192 42.98 40.70 35.35
C ASP B 192 42.04 41.33 36.36
N ALA B 193 42.13 40.87 37.60
CA ALA B 193 41.33 41.43 38.69
C ALA B 193 41.71 42.90 38.88
N VAL B 194 40.71 43.78 38.99
CA VAL B 194 40.96 45.18 39.26
C VAL B 194 41.09 45.29 40.78
N ALA B 195 42.23 45.80 41.28
CA ALA B 195 42.46 45.97 42.73
C ALA B 195 41.63 47.12 43.31
N ALA B 196 41.02 46.87 44.49
CA ALA B 196 40.24 47.86 45.25
C ALA B 196 41.18 49.03 45.60
N GLN B 197 40.66 50.24 45.47
CA GLN B 197 41.39 51.46 45.77
C GLN B 197 40.94 51.96 47.14
N HIS B 198 39.77 51.47 47.61
CA HIS B 198 39.15 51.84 48.89
C HIS B 198 38.36 50.65 49.42
N ASP B 199 37.71 50.78 50.56
CA ASP B 199 37.01 49.68 51.21
C ASP B 199 35.49 49.82 51.28
N GLU B 200 34.93 50.86 50.63
CA GLU B 200 33.48 51.04 50.62
C GLU B 200 32.78 49.92 49.87
N THR B 201 31.81 49.31 50.57
CA THR B 201 30.96 48.24 50.07
C THR B 201 29.52 48.57 50.42
N ARG B 202 28.62 47.67 50.06
CA ARG B 202 27.20 47.70 50.38
C ARG B 202 26.88 46.24 50.62
N PRO B 203 26.20 45.95 51.75
CA PRO B 203 25.77 44.56 52.03
C PRO B 203 24.79 44.03 50.98
N VAL B 204 24.79 42.70 50.78
CA VAL B 204 23.94 41.98 49.84
C VAL B 204 23.30 40.78 50.55
N GLU B 205 21.96 40.69 50.53
CA GLU B 205 21.21 39.60 51.16
C GLU B 205 20.55 38.78 50.06
N LEU B 206 20.65 37.43 50.15
CA LEU B 206 20.03 36.52 49.22
C LEU B 206 18.83 35.97 49.91
N ALA B 207 17.71 36.71 49.85
CA ALA B 207 16.46 36.32 50.48
C ALA B 207 15.76 35.18 49.73
N ALA B 208 16.13 34.95 48.44
CA ALA B 208 15.61 33.87 47.59
C ALA B 208 16.83 33.20 46.88
N PRO B 209 17.60 32.34 47.60
CA PRO B 209 18.82 31.76 47.02
C PRO B 209 18.57 30.72 45.94
N ALA B 210 17.37 30.14 45.95
CA ALA B 210 16.97 29.17 44.96
C ALA B 210 16.77 29.88 43.61
N ALA B 211 16.35 31.17 43.63
CA ALA B 211 16.17 31.94 42.39
C ALA B 211 17.44 32.75 41.95
N CYS B 212 18.32 33.03 42.90
CA CYS B 212 19.58 33.71 42.67
C CYS B 212 20.62 33.12 43.65
N PRO B 213 21.32 32.05 43.23
CA PRO B 213 22.34 31.45 44.12
C PRO B 213 23.67 32.20 44.17
N ARG B 214 23.85 33.20 43.29
CA ARG B 214 25.08 34.01 43.27
C ARG B 214 24.76 35.41 42.83
N TYR B 215 25.23 36.38 43.62
CA TYR B 215 25.08 37.81 43.36
C TYR B 215 26.37 38.53 43.74
N LEU B 216 26.88 39.35 42.78
CA LEU B 216 28.11 40.15 42.97
C LEU B 216 27.80 41.64 42.85
N GLY B 217 28.35 42.42 43.79
CA GLY B 217 28.16 43.85 43.88
C GLY B 217 29.44 44.64 44.08
N ARG B 218 29.52 45.81 43.44
CA ARG B 218 30.73 46.62 43.53
C ARG B 218 30.43 48.09 43.48
N VAL B 219 31.05 48.84 44.42
CA VAL B 219 30.96 50.29 44.52
C VAL B 219 32.04 50.92 43.62
N ILE B 220 31.62 51.82 42.72
CA ILE B 220 32.56 52.56 41.86
C ILE B 220 32.33 54.04 42.12
N ARG B 221 33.27 54.65 42.87
CA ARG B 221 33.18 56.05 43.28
C ARG B 221 33.72 57.06 42.29
N ASN B 222 33.04 58.20 42.21
CA ASN B 222 33.39 59.41 41.48
C ASN B 222 33.67 59.18 39.99
N VAL B 223 32.62 58.72 39.30
CA VAL B 223 32.58 58.48 37.85
C VAL B 223 32.15 59.77 37.12
N ASP B 224 32.76 60.05 35.95
CA ASP B 224 32.43 61.24 35.11
C ASP B 224 31.61 60.75 33.93
N LEU B 225 30.30 60.82 34.11
CA LEU B 225 29.34 60.30 33.13
C LEU B 225 29.14 61.17 31.90
N SER B 226 29.86 62.29 31.83
CA SER B 226 29.85 63.22 30.70
C SER B 226 30.77 62.68 29.61
N ARG B 227 31.73 61.81 30.00
CA ARG B 227 32.73 61.23 29.09
C ARG B 227 32.11 60.32 28.03
N PRO B 228 32.67 60.25 26.80
CA PRO B 228 32.04 59.44 25.76
C PRO B 228 32.50 57.99 25.70
N THR B 229 31.64 57.13 25.13
CA THR B 229 31.96 55.73 24.90
C THR B 229 33.01 55.70 23.75
N PRO B 230 34.16 55.02 23.94
CA PRO B 230 35.17 54.93 22.86
C PRO B 230 34.67 54.24 21.60
N LEU B 231 35.24 54.61 20.44
CA LEU B 231 34.87 54.08 19.13
C LEU B 231 34.97 52.56 19.02
N TRP B 232 36.06 51.95 19.51
CA TRP B 232 36.18 50.50 19.41
C TRP B 232 34.95 49.79 20.02
N MET B 233 34.46 50.27 21.17
CA MET B 233 33.29 49.70 21.84
C MET B 233 31.99 49.96 21.08
N VAL B 234 31.82 51.18 20.59
CA VAL B 234 30.65 51.56 19.78
C VAL B 234 30.55 50.67 18.57
N GLU B 235 31.70 50.49 17.85
CA GLU B 235 31.80 49.64 16.67
C GLU B 235 31.51 48.19 16.98
N ARG B 236 32.12 47.62 18.04
CA ARG B 236 31.86 46.24 18.46
C ARG B 236 30.39 46.03 18.83
N LEU B 237 29.78 46.92 19.65
CA LEU B 237 28.35 46.85 19.99
C LEU B 237 27.48 46.94 18.73
N ARG B 238 27.79 47.91 17.81
CA ARG B 238 27.02 48.20 16.59
C ARG B 238 26.99 46.99 15.69
N ARG B 239 28.16 46.33 15.55
CA ARG B 239 28.34 45.13 14.76
C ARG B 239 27.64 43.96 15.35
N SER B 240 26.97 44.13 16.48
CA SER B 240 26.15 43.12 17.16
C SER B 240 24.69 43.62 17.29
N ASP B 241 24.37 44.69 16.57
CA ASP B 241 23.08 45.37 16.52
C ASP B 241 22.70 46.05 17.83
N ILE B 242 23.73 46.46 18.61
CA ILE B 242 23.49 47.20 19.82
C ILE B 242 23.85 48.64 19.57
N ARG B 243 22.85 49.52 19.69
CA ARG B 243 23.00 50.97 19.49
C ARG B 243 23.53 51.61 20.79
N SER B 244 24.58 52.44 20.67
CA SER B 244 25.23 53.17 21.79
C SER B 244 24.23 54.16 22.43
N ILE B 245 24.08 54.12 23.77
CA ILE B 245 23.13 55.03 24.40
C ILE B 245 23.88 55.97 25.40
N ASP B 246 24.63 55.40 26.35
CA ASP B 246 25.38 56.09 27.40
C ASP B 246 26.59 55.24 27.79
N PRO B 247 27.71 55.86 28.26
CA PRO B 247 28.90 55.07 28.60
C PRO B 247 28.66 53.86 29.53
N VAL B 248 27.90 54.04 30.62
CA VAL B 248 27.67 52.98 31.61
C VAL B 248 26.82 51.84 31.04
N VAL B 249 25.73 52.13 30.31
CA VAL B 249 24.88 51.08 29.70
C VAL B 249 25.67 50.38 28.63
N ASP B 250 26.49 51.15 27.87
CA ASP B 250 27.31 50.61 26.79
C ASP B 250 28.28 49.59 27.31
N VAL B 251 28.90 49.83 28.49
CA VAL B 251 29.82 48.80 28.98
C VAL B 251 29.06 47.58 29.50
N THR B 252 27.96 47.76 30.26
CA THR B 252 27.24 46.58 30.76
C THR B 252 26.72 45.73 29.56
N ASN B 253 26.28 46.41 28.49
CA ASN B 253 25.89 45.77 27.24
C ASN B 253 27.11 45.08 26.60
N TYR B 254 28.25 45.77 26.51
CA TYR B 254 29.47 45.27 25.90
C TYR B 254 29.93 44.01 26.59
N VAL B 255 29.96 44.02 27.93
CA VAL B 255 30.37 42.86 28.74
C VAL B 255 29.42 41.67 28.44
N MET B 256 28.13 41.96 28.29
CA MET B 256 27.12 40.94 28.00
C MET B 256 27.33 40.29 26.64
N ILE B 257 27.54 41.10 25.63
CA ILE B 257 27.77 40.67 24.26
C ILE B 257 29.15 40.04 24.11
N GLU B 258 30.15 40.52 24.88
CA GLU B 258 31.49 39.94 24.84
C GLU B 258 31.58 38.59 25.55
N LEU B 259 31.12 38.52 26.80
CA LEU B 259 31.28 37.34 27.65
C LEU B 259 30.05 36.49 27.86
N GLY B 260 28.86 37.09 27.72
CA GLY B 260 27.59 36.44 27.90
C GLY B 260 26.89 36.78 29.19
N GLN B 261 27.54 37.61 30.04
CA GLN B 261 27.00 38.01 31.35
C GLN B 261 26.24 39.32 31.32
N PRO B 262 24.88 39.28 31.43
CA PRO B 262 24.11 40.52 31.53
C PRO B 262 24.44 41.16 32.85
N MET B 263 24.70 42.47 32.84
CA MET B 263 25.05 43.23 34.04
C MET B 263 24.23 44.47 34.11
N HIS B 264 24.10 45.02 35.31
CA HIS B 264 23.33 46.21 35.57
C HIS B 264 24.05 47.18 36.55
N ALA B 265 23.98 48.49 36.26
CA ALA B 265 24.54 49.54 37.13
C ALA B 265 23.42 50.39 37.73
N PHE B 266 23.48 50.60 39.04
CA PHE B 266 22.57 51.45 39.81
C PHE B 266 23.32 52.72 40.23
N ASP B 267 22.56 53.80 40.52
CA ASP B 267 23.10 55.02 41.10
C ASP B 267 23.19 54.68 42.60
N LEU B 268 24.43 54.58 43.12
CA LEU B 268 24.70 54.23 44.50
C LEU B 268 23.84 55.02 45.51
N ALA B 269 23.58 56.33 45.21
CA ALA B 269 22.77 57.23 46.04
C ALA B 269 21.28 56.78 46.17
N GLU B 270 20.82 55.91 45.26
CA GLU B 270 19.46 55.40 45.22
C GLU B 270 19.27 54.07 45.96
N ILE B 271 20.37 53.60 46.62
CA ILE B 271 20.39 52.36 47.38
C ILE B 271 20.40 52.63 48.87
N ASN B 272 19.25 52.35 49.50
CA ASN B 272 19.07 52.53 50.93
C ASN B 272 19.29 51.23 51.70
N GLY B 273 20.45 51.18 52.35
CA GLY B 273 20.89 50.10 53.22
C GLY B 273 21.27 48.79 52.58
N GLY B 274 21.85 48.82 51.41
CA GLY B 274 22.25 47.57 50.82
C GLY B 274 21.16 46.79 50.11
N VAL B 275 21.61 45.84 49.31
CA VAL B 275 20.81 45.01 48.42
C VAL B 275 20.19 43.81 49.12
N ARG B 276 18.95 43.54 48.75
CA ARG B 276 18.13 42.44 49.21
C ARG B 276 17.59 41.83 47.91
N VAL B 277 18.03 40.61 47.58
CA VAL B 277 17.60 39.90 46.38
C VAL B 277 16.45 39.02 46.86
N ARG B 278 15.21 39.46 46.58
CA ARG B 278 14.02 38.80 47.09
C ARG B 278 12.89 38.76 46.10
N MET B 279 11.87 38.00 46.46
CA MET B 279 10.63 37.93 45.70
C MET B 279 9.82 39.21 45.96
N ALA B 280 9.03 39.62 44.97
CA ALA B 280 8.16 40.79 45.05
C ALA B 280 7.00 40.45 45.99
N GLU B 281 6.37 41.49 46.56
CA GLU B 281 5.17 41.30 47.34
C GLU B 281 4.04 41.42 46.31
N ASP B 282 2.90 40.70 46.50
CA ASP B 282 1.76 40.75 45.56
C ASP B 282 1.19 42.20 45.51
N GLY B 283 1.25 42.78 44.30
CA GLY B 283 0.83 44.15 44.01
C GLY B 283 1.89 45.20 44.28
N GLU B 284 3.17 44.80 44.41
CA GLU B 284 4.28 45.74 44.60
C GLU B 284 4.47 46.47 43.26
N LYS B 285 4.51 47.80 43.30
CA LYS B 285 4.62 48.61 42.08
C LYS B 285 6.03 49.12 41.83
N LEU B 286 6.50 48.98 40.57
CA LEU B 286 7.81 49.46 40.13
C LEU B 286 7.75 50.10 38.74
N VAL B 287 8.30 51.30 38.63
CA VAL B 287 8.40 52.04 37.37
C VAL B 287 9.75 51.66 36.77
N LEU B 288 9.74 51.12 35.54
CA LEU B 288 10.96 50.73 34.82
C LEU B 288 11.68 51.91 34.18
N LEU B 289 12.92 51.71 33.68
CA LEU B 289 13.65 52.83 33.08
C LEU B 289 12.96 53.35 31.79
N ASP B 290 12.12 52.51 31.18
CA ASP B 290 11.38 52.85 29.97
C ASP B 290 10.02 53.52 30.28
N GLY B 291 9.74 53.76 31.57
CA GLY B 291 8.53 54.42 32.03
C GLY B 291 7.35 53.53 32.34
N GLN B 292 7.44 52.25 31.98
CA GLN B 292 6.37 51.28 32.22
C GLN B 292 6.18 51.02 33.75
N GLU B 293 4.92 51.10 34.22
CA GLU B 293 4.60 50.88 35.63
C GLU B 293 4.03 49.49 35.79
N ILE B 294 4.87 48.60 36.31
CA ILE B 294 4.52 47.20 36.47
C ILE B 294 3.99 46.92 37.88
N THR B 295 2.91 46.15 37.92
CA THR B 295 2.26 45.70 39.15
C THR B 295 2.69 44.24 39.31
N LEU B 296 3.67 44.04 40.19
CA LEU B 296 4.32 42.74 40.39
C LEU B 296 3.50 41.69 41.17
N ARG B 297 3.89 40.43 40.94
CA ARG B 297 3.37 39.20 41.52
C ARG B 297 4.41 38.56 42.45
N ALA B 298 3.95 37.83 43.51
CA ALA B 298 4.82 37.14 44.49
C ALA B 298 5.82 36.11 43.91
N ASP B 299 5.60 35.67 42.68
CA ASP B 299 6.45 34.67 41.99
C ASP B 299 7.63 35.32 41.26
N THR B 300 7.73 36.65 41.31
CA THR B 300 8.73 37.40 40.56
C THR B 300 9.89 37.86 41.43
N LEU B 301 11.11 37.54 40.97
CA LEU B 301 12.32 37.96 41.67
C LEU B 301 12.68 39.41 41.34
N VAL B 302 12.94 40.18 42.38
CA VAL B 302 13.31 41.58 42.25
C VAL B 302 14.64 41.84 42.95
N ILE B 303 15.31 42.87 42.52
CA ILE B 303 16.48 43.36 43.20
C ILE B 303 15.89 44.54 43.92
N ALA B 304 16.05 44.53 45.23
CA ALA B 304 15.51 45.52 46.13
C ALA B 304 16.60 46.05 47.07
N ASP B 305 16.30 47.13 47.80
CA ASP B 305 17.14 47.69 48.85
C ASP B 305 16.34 47.46 50.15
N HIS B 306 16.62 48.16 51.23
CA HIS B 306 15.90 47.89 52.47
C HIS B 306 14.52 48.63 52.54
N GLN B 307 14.30 49.58 51.60
CA GLN B 307 13.07 50.37 51.50
C GLN B 307 12.11 49.87 50.40
N ARG B 308 12.60 49.58 49.18
CA ARG B 308 11.78 49.24 48.02
C ARG B 308 12.49 48.40 46.94
N ALA B 309 11.70 47.94 45.95
CA ALA B 309 12.22 47.22 44.80
C ALA B 309 12.91 48.22 43.87
N LEU B 310 14.09 47.84 43.36
CA LEU B 310 14.92 48.64 42.47
C LEU B 310 14.87 48.16 41.00
N ALA B 311 14.69 46.85 40.78
CA ALA B 311 14.70 46.27 39.44
C ALA B 311 13.94 44.97 39.40
N ILE B 312 13.53 44.51 38.21
CA ILE B 312 12.93 43.19 38.08
C ILE B 312 14.11 42.32 37.67
N ALA B 313 14.65 41.54 38.65
CA ALA B 313 15.84 40.72 38.53
C ALA B 313 16.01 40.03 37.19
N GLY B 314 17.14 40.32 36.58
CA GLY B 314 17.57 39.78 35.30
C GLY B 314 16.78 40.15 34.07
N VAL B 315 15.90 41.15 34.18
CA VAL B 315 15.10 41.53 33.03
C VAL B 315 15.27 43.02 32.79
N MET B 316 14.84 43.90 33.75
CA MET B 316 14.94 45.35 33.55
C MET B 316 15.04 46.16 34.83
N GLY B 317 15.85 47.22 34.78
CA GLY B 317 16.05 48.10 35.92
C GLY B 317 14.93 49.09 36.10
N GLY B 318 14.83 49.63 37.31
CA GLY B 318 13.85 50.66 37.62
C GLY B 318 14.37 52.03 37.23
N GLU B 319 13.44 53.01 37.10
CA GLU B 319 13.76 54.40 36.75
C GLU B 319 14.54 55.08 37.92
N HIS B 320 13.99 55.03 39.14
CA HIS B 320 14.55 55.65 40.32
C HIS B 320 16.01 55.23 40.58
N SER B 321 16.26 53.91 40.74
CA SER B 321 17.55 53.29 41.03
C SER B 321 18.63 53.46 39.97
N GLY B 322 18.23 53.68 38.72
CA GLY B 322 19.14 53.79 37.60
C GLY B 322 19.94 55.07 37.50
N VAL B 323 20.96 55.04 36.66
CA VAL B 323 21.82 56.18 36.44
C VAL B 323 21.10 57.32 35.67
N SER B 324 21.37 58.55 36.11
CA SER B 324 20.87 59.78 35.54
C SER B 324 22.11 60.67 35.29
N ASP B 325 21.90 61.97 35.03
CA ASP B 325 23.00 62.92 34.83
C ASP B 325 23.67 63.24 36.17
N SER B 326 22.83 63.41 37.23
CA SER B 326 23.26 63.67 38.61
C SER B 326 24.13 62.57 39.25
N THR B 327 24.23 61.36 38.62
CA THR B 327 25.02 60.22 39.14
C THR B 327 26.51 60.52 39.19
N ARG B 328 27.10 60.29 40.36
CA ARG B 328 28.52 60.47 40.60
C ARG B 328 29.16 59.15 41.04
N ASP B 329 28.34 58.20 41.57
CA ASP B 329 28.78 56.91 42.09
C ASP B 329 27.88 55.78 41.64
N LEU B 330 28.50 54.60 41.42
CA LEU B 330 27.82 53.41 40.90
C LEU B 330 27.84 52.22 41.83
N PHE B 331 26.87 51.35 41.61
CA PHE B 331 26.79 50.06 42.23
C PHE B 331 26.59 49.08 41.11
N LEU B 332 27.67 48.40 40.74
CA LEU B 332 27.67 47.40 39.68
C LEU B 332 27.12 46.09 40.17
N GLU B 333 26.34 45.43 39.32
CA GLU B 333 25.76 44.12 39.58
C GLU B 333 26.06 43.12 38.46
N ALA B 334 26.49 41.91 38.86
CA ALA B 334 26.68 40.71 38.04
C ALA B 334 26.19 39.56 38.92
N ALA B 335 25.09 38.91 38.52
CA ALA B 335 24.48 37.82 39.26
C ALA B 335 24.10 36.63 38.35
N PHE B 336 23.84 35.47 38.98
CA PHE B 336 23.33 34.32 38.27
C PHE B 336 21.91 34.12 38.78
N PHE B 337 20.98 34.06 37.83
CA PHE B 337 19.57 33.83 38.09
C PHE B 337 19.19 32.48 37.49
N ASP B 338 18.49 31.66 38.31
CA ASP B 338 18.04 30.33 37.90
C ASP B 338 17.09 30.45 36.69
N THR B 339 17.29 29.62 35.69
CA THR B 339 16.50 29.60 34.45
C THR B 339 15.06 29.22 34.70
N ILE B 340 14.81 28.23 35.58
CA ILE B 340 13.47 27.73 35.85
C ILE B 340 12.65 28.82 36.51
N ALA B 341 13.25 29.51 37.49
CA ALA B 341 12.66 30.61 38.27
C ALA B 341 12.31 31.84 37.41
N LEU B 342 12.98 32.01 36.27
CA LEU B 342 12.83 33.17 35.41
C LEU B 342 12.01 32.93 34.17
N ALA B 343 11.79 31.66 33.82
CA ALA B 343 11.01 31.24 32.64
C ALA B 343 9.59 31.87 32.56
N GLY B 344 9.37 32.60 31.46
CA GLY B 344 8.14 33.28 31.13
C GLY B 344 7.81 34.54 31.92
N LYS B 345 8.63 34.86 32.94
CA LYS B 345 8.40 36.03 33.80
C LYS B 345 8.38 37.34 33.04
N ALA B 346 9.39 37.61 32.17
CA ALA B 346 9.42 38.83 31.38
C ALA B 346 8.13 38.92 30.52
N ARG B 347 7.79 37.82 29.81
CA ARG B 347 6.60 37.75 28.95
C ARG B 347 5.31 38.07 29.70
N SER B 348 5.19 37.59 30.94
CA SER B 348 4.00 37.78 31.75
C SER B 348 3.73 39.24 32.07
N TYR B 349 4.74 40.13 31.89
CA TYR B 349 4.60 41.59 32.09
C TYR B 349 4.66 42.31 30.72
N GLY B 350 4.66 41.53 29.65
CA GLY B 350 4.77 42.00 28.28
C GLY B 350 6.14 42.55 27.94
N LEU B 351 7.22 42.03 28.60
CA LEU B 351 8.60 42.51 28.42
C LEU B 351 9.55 41.48 27.83
N HIS B 352 10.61 41.95 27.16
CA HIS B 352 11.66 41.12 26.53
C HIS B 352 12.90 41.97 26.40
N THR B 353 13.99 41.55 27.04
CA THR B 353 15.29 42.25 26.99
C THR B 353 16.41 41.25 26.65
N ASP B 354 17.61 41.78 26.30
CA ASP B 354 18.82 41.00 26.03
C ASP B 354 19.21 40.23 27.30
N SER B 355 18.93 40.83 28.46
CA SER B 355 19.17 40.23 29.75
C SER B 355 18.17 39.15 30.02
N SER B 356 16.85 39.45 29.86
CA SER B 356 15.80 38.43 30.10
C SER B 356 16.03 37.19 29.25
N HIS B 357 16.38 37.41 27.98
CA HIS B 357 16.66 36.35 27.04
C HIS B 357 17.80 35.43 27.45
N ARG B 358 18.97 36.01 27.76
CA ARG B 358 20.15 35.25 28.16
C ARG B 358 19.96 34.49 29.46
N PHE B 359 19.33 35.13 30.46
CA PHE B 359 19.06 34.45 31.72
C PHE B 359 18.09 33.28 31.57
N GLU B 360 17.05 33.45 30.71
CA GLU B 360 16.05 32.40 30.49
C GLU B 360 16.65 31.22 29.78
N ARG B 361 17.51 31.51 28.79
CA ARG B 361 18.22 30.52 27.97
C ARG B 361 19.40 29.90 28.77
N GLY B 362 19.89 30.62 29.77
CA GLY B 362 21.00 30.15 30.61
C GLY B 362 22.26 30.95 30.51
N VAL B 363 22.74 31.39 31.67
CA VAL B 363 23.96 32.14 31.79
C VAL B 363 24.91 31.30 32.66
N ASP B 364 26.15 31.14 32.21
CA ASP B 364 27.20 30.45 32.95
C ASP B 364 27.18 30.92 34.41
N SER B 365 26.84 29.98 35.31
CA SER B 365 26.75 30.23 36.75
C SER B 365 28.07 30.67 37.40
N GLN B 366 29.22 30.40 36.75
CA GLN B 366 30.53 30.77 37.29
C GLN B 366 31.10 32.12 36.77
N LEU B 367 30.43 32.69 35.78
CA LEU B 367 30.87 33.85 35.02
C LEU B 367 30.87 35.19 35.72
N ALA B 368 29.93 35.46 36.64
CA ALA B 368 29.78 36.78 37.31
C ALA B 368 31.08 37.49 37.68
N ARG B 369 32.07 36.78 38.24
CA ARG B 369 33.33 37.40 38.71
C ARG B 369 34.24 37.94 37.58
N LYS B 370 34.43 37.15 36.51
CA LYS B 370 35.24 37.57 35.37
C LYS B 370 34.55 38.80 34.75
N ALA B 371 33.23 38.75 34.63
CA ALA B 371 32.39 39.83 34.11
C ALA B 371 32.51 41.09 34.97
N MET B 372 32.48 40.91 36.31
CA MET B 372 32.60 42.03 37.24
C MET B 372 33.93 42.75 37.05
N GLU B 373 35.03 42.01 37.03
CA GLU B 373 36.38 42.56 36.83
C GLU B 373 36.51 43.26 35.48
N ARG B 374 36.01 42.62 34.42
CA ARG B 374 36.03 43.20 33.08
C ARG B 374 35.27 44.53 33.01
N ALA B 375 34.03 44.56 33.57
CA ALA B 375 33.23 45.78 33.56
C ALA B 375 33.85 46.87 34.44
N THR B 376 34.51 46.48 35.56
CA THR B 376 35.19 47.43 36.44
C THR B 376 36.27 48.16 35.62
N ARG B 377 37.15 47.39 34.94
CA ARG B 377 38.25 47.93 34.13
C ARG B 377 37.74 48.87 33.05
N LEU B 378 36.62 48.49 32.40
CA LEU B 378 36.05 49.29 31.31
C LEU B 378 35.43 50.57 31.84
N ILE B 379 34.72 50.50 32.97
CA ILE B 379 34.15 51.68 33.61
C ILE B 379 35.29 52.68 34.00
N LEU B 380 36.39 52.19 34.61
CA LEU B 380 37.50 53.08 34.97
C LEU B 380 38.19 53.69 33.79
N ASP B 381 38.28 52.93 32.71
CA ASP B 381 38.89 53.37 31.45
C ASP B 381 38.02 54.42 30.78
N ILE B 382 36.69 54.22 30.79
CA ILE B 382 35.76 55.07 30.06
C ILE B 382 35.35 56.31 30.87
N VAL B 383 34.97 56.13 32.14
CA VAL B 383 34.44 57.23 32.95
C VAL B 383 35.26 57.51 34.22
N GLY B 384 36.36 56.78 34.41
CA GLY B 384 37.21 56.90 35.59
C GLY B 384 36.51 56.42 36.84
N GLY B 385 36.97 56.90 37.98
CA GLY B 385 36.41 56.51 39.27
C GLY B 385 37.36 55.63 40.05
N GLU B 386 36.92 55.23 41.24
CA GLU B 386 37.73 54.41 42.15
C GLU B 386 36.94 53.22 42.57
N PRO B 387 37.48 52.01 42.37
CA PRO B 387 36.72 50.81 42.72
C PRO B 387 36.93 50.38 44.18
N GLY B 388 35.88 49.85 44.78
CA GLY B 388 35.98 49.28 46.11
C GLY B 388 36.14 47.77 45.95
N PRO B 389 36.04 46.99 47.04
CA PRO B 389 36.12 45.53 46.89
C PRO B 389 34.82 44.94 46.33
N ILE B 390 34.92 43.73 45.75
CA ILE B 390 33.76 43.02 45.26
C ILE B 390 33.13 42.32 46.47
N VAL B 391 31.79 42.42 46.58
CA VAL B 391 30.96 41.75 47.57
C VAL B 391 30.28 40.61 46.82
N GLU B 392 30.67 39.38 47.17
CA GLU B 392 30.14 38.17 46.58
C GLU B 392 29.34 37.46 47.63
N GLN B 393 28.06 37.33 47.35
CA GLN B 393 27.10 36.61 48.16
C GLN B 393 26.68 35.37 47.35
N VAL B 394 27.04 34.19 47.84
CA VAL B 394 26.79 32.92 47.16
C VAL B 394 26.09 31.88 48.08
N SER B 395 25.29 30.98 47.48
CA SER B 395 24.56 29.89 48.12
C SER B 395 24.96 28.59 47.44
N GLU B 396 26.04 27.99 47.94
CA GLU B 396 26.62 26.74 47.43
C GLU B 396 25.57 25.64 47.21
N ALA B 397 24.58 25.54 48.10
CA ALA B 397 23.48 24.57 48.02
C ALA B 397 22.60 24.73 46.79
N HIS B 398 22.39 25.97 46.33
CA HIS B 398 21.51 26.20 45.19
C HIS B 398 22.19 26.44 43.88
N LEU B 399 23.52 26.30 43.82
CA LEU B 399 24.26 26.44 42.57
C LEU B 399 23.88 25.30 41.61
N PRO B 400 23.74 25.54 40.30
CA PRO B 400 23.35 24.42 39.39
C PRO B 400 24.45 23.37 39.31
N LYS B 401 24.02 22.09 39.43
CA LYS B 401 24.84 20.90 39.38
C LYS B 401 24.11 19.83 38.62
N VAL B 402 24.75 19.42 37.51
CA VAL B 402 24.33 18.35 36.62
C VAL B 402 25.21 17.14 37.00
N ALA B 403 24.58 15.98 37.28
CA ALA B 403 25.34 14.77 37.63
C ALA B 403 26.12 14.31 36.39
N PRO B 404 27.31 13.69 36.55
CA PRO B 404 28.03 13.20 35.37
C PRO B 404 27.17 12.19 34.60
N ILE B 405 27.36 12.18 33.27
CA ILE B 405 26.61 11.32 32.37
C ILE B 405 27.52 10.19 31.92
N THR B 406 27.05 8.94 31.97
CA THR B 406 27.83 7.85 31.42
C THR B 406 27.47 7.69 29.93
N LEU B 407 28.50 7.79 29.08
CA LEU B 407 28.40 7.61 27.64
C LEU B 407 29.00 6.25 27.31
N ARG B 408 28.23 5.42 26.60
CA ARG B 408 28.65 4.07 26.15
C ARG B 408 28.91 4.15 24.65
N ALA B 409 30.09 3.69 24.21
CA ALA B 409 30.52 3.69 22.80
C ALA B 409 29.53 2.99 21.89
N GLU B 410 28.92 1.88 22.39
CA GLU B 410 27.96 1.06 21.64
C GLU B 410 26.71 1.86 21.30
N ARG B 411 26.30 2.73 22.24
CA ARG B 411 25.16 3.61 22.08
C ARG B 411 25.37 4.68 20.99
N VAL B 412 26.64 5.16 20.85
CA VAL B 412 27.02 6.13 19.83
C VAL B 412 27.02 5.43 18.47
N THR B 413 27.70 4.26 18.36
CA THR B 413 27.75 3.40 17.17
C THR B 413 26.32 3.04 16.72
N GLN B 414 25.47 2.58 17.66
CA GLN B 414 24.09 2.23 17.37
C GLN B 414 23.32 3.40 16.73
N MET B 415 23.32 4.57 17.39
CA MET B 415 22.60 5.76 16.99
C MET B 415 23.11 6.37 15.68
N LEU B 416 24.44 6.46 15.53
CA LEU B 416 25.08 7.07 14.37
C LEU B 416 25.12 6.14 13.15
N GLY B 417 24.97 4.84 13.39
CA GLY B 417 25.01 3.83 12.36
C GLY B 417 26.44 3.50 11.98
N MET B 418 27.41 3.92 12.82
CA MET B 418 28.84 3.70 12.60
C MET B 418 29.64 3.97 13.86
N PRO B 419 30.76 3.26 14.05
CA PRO B 419 31.59 3.55 15.23
C PRO B 419 32.50 4.76 15.04
N LEU B 420 32.70 5.52 16.13
CA LEU B 420 33.64 6.64 16.23
C LEU B 420 34.81 6.18 17.12
N ASP B 421 36.04 6.60 16.81
CA ASP B 421 37.21 6.19 17.63
C ASP B 421 37.17 6.90 18.99
N ALA B 422 37.69 6.21 20.04
CA ALA B 422 37.72 6.75 21.40
C ALA B 422 38.44 8.09 21.43
N ALA B 423 39.60 8.19 20.76
CA ALA B 423 40.38 9.41 20.65
C ALA B 423 39.54 10.57 20.04
N GLU B 424 38.78 10.29 18.96
CA GLU B 424 37.91 11.24 18.27
C GLU B 424 36.81 11.70 19.22
N ILE B 425 36.14 10.76 19.93
CA ILE B 425 35.08 11.05 20.89
C ILE B 425 35.58 12.03 21.97
N VAL B 426 36.70 11.67 22.64
CA VAL B 426 37.33 12.46 23.69
C VAL B 426 37.71 13.82 23.12
N ARG B 427 38.39 13.85 21.94
CA ARG B 427 38.78 15.11 21.36
C ARG B 427 37.60 16.04 21.20
N LEU B 428 36.53 15.54 20.57
CA LEU B 428 35.32 16.31 20.31
C LEU B 428 34.64 16.80 21.57
N LEU B 429 34.36 15.89 22.51
CA LEU B 429 33.70 16.28 23.77
C LEU B 429 34.55 17.25 24.58
N GLN B 430 35.88 17.04 24.63
CA GLN B 430 36.77 17.94 25.38
C GLN B 430 36.86 19.32 24.78
N ALA B 431 36.71 19.42 23.45
CA ALA B 431 36.66 20.65 22.67
C ALA B 431 35.49 21.53 23.06
N LEU B 432 34.39 20.91 23.48
CA LEU B 432 33.16 21.56 23.91
C LEU B 432 33.21 21.86 25.41
N GLU B 433 34.39 21.57 26.02
CA GLU B 433 34.76 21.77 27.42
C GLU B 433 34.06 20.82 28.37
N LEU B 434 33.72 19.61 27.86
CA LEU B 434 33.14 18.57 28.69
C LEU B 434 34.30 17.79 29.29
N THR B 435 34.09 17.22 30.49
CA THR B 435 35.11 16.49 31.27
C THR B 435 34.91 15.02 30.98
N VAL B 436 35.86 14.42 30.27
CA VAL B 436 35.78 13.03 29.82
C VAL B 436 36.79 12.11 30.53
N VAL B 437 36.30 11.30 31.47
CA VAL B 437 37.14 10.32 32.18
C VAL B 437 36.70 8.92 31.75
N ALA B 438 37.68 8.07 31.41
CA ALA B 438 37.45 6.69 31.01
C ALA B 438 36.86 5.87 32.18
N ASP B 439 35.89 5.01 31.86
CA ASP B 439 35.16 4.18 32.82
C ASP B 439 35.03 2.74 32.28
N GLY B 440 36.19 2.17 31.96
CA GLY B 440 36.29 0.83 31.42
C GLY B 440 36.29 0.82 29.91
N GLU B 441 36.02 -0.36 29.33
CA GLU B 441 35.97 -0.54 27.88
C GLU B 441 34.74 0.07 27.25
N GLY B 442 34.98 0.96 26.28
CA GLY B 442 33.96 1.67 25.50
C GLY B 442 32.89 2.34 26.34
N GLN B 443 33.33 2.94 27.46
CA GLN B 443 32.49 3.68 28.39
C GLN B 443 33.28 4.86 28.99
N TRP B 444 32.58 5.98 29.26
CA TRP B 444 33.17 7.17 29.89
C TRP B 444 32.19 7.84 30.84
N SER B 445 32.73 8.58 31.80
CA SER B 445 31.96 9.43 32.69
C SER B 445 32.25 10.83 32.20
N VAL B 446 31.19 11.54 31.75
CA VAL B 446 31.39 12.87 31.19
C VAL B 446 30.66 13.92 32.05
N GLY B 447 31.39 15.01 32.34
CA GLY B 447 30.96 16.16 33.13
C GLY B 447 30.63 17.38 32.27
N VAL B 448 29.53 18.03 32.62
CA VAL B 448 28.95 19.17 31.89
C VAL B 448 29.48 20.52 32.38
N PRO B 449 30.06 21.33 31.46
CA PRO B 449 30.53 22.68 31.87
C PRO B 449 29.39 23.67 32.19
N SER B 450 29.64 24.57 33.16
CA SER B 450 28.76 25.57 33.76
C SER B 450 27.98 26.46 32.80
N HIS B 451 28.40 26.54 31.51
CA HIS B 451 27.76 27.37 30.48
C HIS B 451 26.74 26.61 29.65
N ARG B 452 26.73 25.29 29.78
CA ARG B 452 25.86 24.48 28.95
C ARG B 452 24.64 23.98 29.72
N PHE B 453 23.44 24.36 29.22
CA PHE B 453 22.17 24.12 29.88
C PHE B 453 21.27 23.10 29.18
N ASP B 454 21.75 22.61 28.04
CA ASP B 454 21.06 21.62 27.22
C ASP B 454 21.63 20.21 27.37
N ILE B 455 22.63 19.98 28.24
CA ILE B 455 23.25 18.65 28.32
C ILE B 455 23.02 17.97 29.67
N SER B 456 22.21 16.93 29.68
CA SER B 456 21.95 16.20 30.93
C SER B 456 21.87 14.70 30.70
N LEU B 457 21.66 14.28 29.43
CA LEU B 457 21.52 12.88 29.03
C LEU B 457 22.58 12.40 28.05
N GLU B 458 22.71 11.06 27.95
CA GLU B 458 23.65 10.35 27.06
C GLU B 458 23.36 10.70 25.59
N VAL B 459 22.08 10.85 25.23
CA VAL B 459 21.67 11.21 23.86
C VAL B 459 22.14 12.65 23.46
N ASP B 460 22.22 13.57 24.45
CA ASP B 460 22.67 14.94 24.24
C ASP B 460 24.15 14.89 23.88
N LEU B 461 24.90 13.93 24.43
CA LEU B 461 26.33 13.72 24.15
C LEU B 461 26.50 13.20 22.75
N ILE B 462 25.69 12.18 22.37
CA ILE B 462 25.67 11.61 21.02
C ILE B 462 25.34 12.70 19.98
N GLU B 463 24.38 13.59 20.28
CA GLU B 463 23.97 14.74 19.47
C GLU B 463 25.20 15.62 19.14
N GLU B 464 25.96 16.00 20.19
CA GLU B 464 27.16 16.83 20.08
C GLU B 464 28.17 16.18 19.14
N LEU B 465 28.38 14.83 19.30
CA LEU B 465 29.28 14.02 18.47
C LEU B 465 28.84 14.04 17.02
N ALA B 466 27.57 13.75 16.74
CA ALA B 466 26.98 13.74 15.39
C ALA B 466 27.15 15.10 14.69
N ARG B 467 26.84 16.16 15.44
CA ARG B 467 26.88 17.57 15.07
C ARG B 467 28.26 18.00 14.56
N LEU B 468 29.31 17.73 15.35
CA LEU B 468 30.69 18.08 15.02
C LEU B 468 31.34 17.09 14.05
N TYR B 469 30.82 15.84 13.99
CA TYR B 469 31.36 14.86 13.04
C TYR B 469 30.91 15.26 11.64
N GLY B 470 29.65 15.63 11.53
CA GLY B 470 29.00 16.05 10.30
C GLY B 470 27.84 15.16 9.95
N TYR B 471 26.60 15.65 10.16
CA TYR B 471 25.34 14.96 9.84
C TYR B 471 25.36 14.30 8.47
N ASN B 472 25.86 15.02 7.45
CA ASN B 472 25.91 14.54 6.07
C ASN B 472 27.02 13.53 5.81
N ARG B 473 27.96 13.35 6.76
CA ARG B 473 29.03 12.36 6.67
C ARG B 473 28.58 10.99 7.24
N LEU B 474 27.47 10.99 7.99
CA LEU B 474 26.90 9.81 8.62
C LEU B 474 26.27 8.85 7.62
N PRO B 475 26.27 7.54 7.93
CA PRO B 475 25.66 6.58 7.00
C PRO B 475 24.15 6.70 6.77
N VAL B 476 23.66 5.98 5.76
CA VAL B 476 22.27 5.93 5.37
C VAL B 476 21.83 4.45 5.31
N ARG B 477 20.78 4.16 6.07
CA ARG B 477 20.23 2.84 6.21
C ARG B 477 18.71 3.00 6.11
N TYR B 478 17.98 1.90 5.85
CA TYR B 478 16.52 1.88 5.82
C TYR B 478 16.09 0.95 6.96
N PRO B 479 15.12 1.38 7.77
CA PRO B 479 14.74 0.58 8.94
C PRO B 479 14.15 -0.80 8.64
N GLN B 480 14.60 -1.79 9.43
CA GLN B 480 14.15 -3.16 9.38
C GLN B 480 12.73 -3.27 9.94
N ALA B 481 11.93 -4.20 9.37
CA ALA B 481 10.54 -4.41 9.75
C ALA B 481 10.07 -5.82 9.48
N ARG B 482 9.49 -6.46 10.51
CA ARG B 482 8.88 -7.78 10.46
C ARG B 482 7.44 -7.49 10.04
N LEU B 483 7.22 -7.37 8.72
CA LEU B 483 5.91 -7.05 8.17
C LEU B 483 5.08 -8.27 7.73
N ALA B 484 3.79 -8.23 8.07
CA ALA B 484 2.81 -9.26 7.81
C ALA B 484 1.74 -8.78 6.81
N PRO B 485 1.28 -9.64 5.88
CA PRO B 485 0.19 -9.23 4.96
C PRO B 485 -1.05 -8.76 5.73
N ASN B 486 -1.66 -7.66 5.27
CA ASN B 486 -2.82 -7.08 5.92
C ASN B 486 -3.63 -6.25 4.93
N ASN B 487 -4.89 -6.00 5.30
CA ASN B 487 -5.80 -5.15 4.52
C ASN B 487 -6.99 -4.73 5.35
N LYS B 488 -7.65 -3.65 4.91
CA LYS B 488 -8.89 -3.11 5.47
C LYS B 488 -10.04 -3.94 4.87
N PRO B 489 -11.25 -4.01 5.51
CA PRO B 489 -12.37 -4.77 4.91
C PRO B 489 -12.72 -4.32 3.47
N GLU B 490 -13.17 -5.28 2.67
CA GLU B 490 -13.51 -5.07 1.27
C GLU B 490 -14.70 -4.14 1.08
N ALA B 491 -15.80 -4.37 1.83
CA ALA B 491 -17.08 -3.67 1.70
C ALA B 491 -17.14 -2.34 2.48
N ARG B 492 -16.33 -1.37 2.04
CA ARG B 492 -16.26 -0.06 2.66
C ARG B 492 -15.96 1.04 1.62
N ALA B 493 -16.68 2.17 1.74
CA ALA B 493 -16.56 3.34 0.87
C ALA B 493 -15.70 4.38 1.59
N ALA B 494 -14.39 4.37 1.30
CA ALA B 494 -13.44 5.28 1.91
C ALA B 494 -13.56 6.66 1.26
N LEU B 495 -13.12 7.73 1.97
CA LEU B 495 -13.15 9.10 1.46
C LEU B 495 -12.32 9.30 0.17
N PRO B 496 -11.11 8.71 -0.01
CA PRO B 496 -10.39 8.89 -1.29
C PRO B 496 -11.17 8.35 -2.51
N LEU B 497 -11.99 7.34 -2.25
CA LEU B 497 -12.82 6.65 -3.23
C LEU B 497 -13.94 7.57 -3.70
N LEU B 498 -14.64 8.16 -2.71
CA LEU B 498 -15.78 9.05 -2.84
C LEU B 498 -15.43 10.34 -3.53
N ARG B 499 -14.26 10.89 -3.19
CA ARG B 499 -13.71 12.09 -3.79
C ARG B 499 -13.58 11.91 -5.31
N ARG B 500 -12.96 10.78 -5.72
CA ARG B 500 -12.73 10.43 -7.14
C ARG B 500 -14.02 10.18 -7.88
N LEU B 501 -15.04 9.67 -7.15
CA LEU B 501 -16.37 9.44 -7.72
C LEU B 501 -16.98 10.81 -8.03
N LEU B 502 -16.89 11.74 -7.07
CA LEU B 502 -17.40 13.09 -7.21
C LEU B 502 -16.69 13.81 -8.38
N VAL B 503 -15.34 13.63 -8.45
CA VAL B 503 -14.57 14.15 -9.57
C VAL B 503 -15.18 13.67 -10.90
N ALA B 504 -15.35 12.34 -11.05
CA ALA B 504 -15.89 11.73 -12.27
C ALA B 504 -17.30 12.22 -12.59
N ARG B 505 -18.00 12.63 -11.55
CA ARG B 505 -19.36 13.10 -11.65
C ARG B 505 -19.48 14.61 -11.81
N GLY B 506 -18.35 15.26 -12.15
CA GLY B 506 -18.25 16.66 -12.50
C GLY B 506 -18.08 17.69 -11.41
N TYR B 507 -17.44 17.31 -10.28
CA TYR B 507 -17.18 18.16 -9.12
C TYR B 507 -15.72 18.56 -8.97
N GLN B 508 -15.55 19.78 -8.51
CA GLN B 508 -14.28 20.39 -8.24
C GLN B 508 -14.12 20.40 -6.70
N GLU B 509 -12.93 20.08 -6.23
CA GLU B 509 -12.70 20.02 -4.78
C GLU B 509 -12.25 21.32 -4.19
N ALA B 510 -13.04 21.85 -3.24
CA ALA B 510 -12.77 23.06 -2.45
C ALA B 510 -12.27 22.72 -1.04
N ILE B 511 -11.49 23.62 -0.43
CA ILE B 511 -11.04 23.53 0.97
C ILE B 511 -11.29 24.90 1.58
N THR B 512 -12.21 24.99 2.55
CA THR B 512 -12.61 26.23 3.19
C THR B 512 -12.15 26.28 4.68
N PHE B 513 -12.02 27.52 5.26
CA PHE B 513 -11.63 27.70 6.66
C PHE B 513 -12.66 27.09 7.62
N SER B 514 -12.18 26.31 8.62
CA SER B 514 -13.01 25.63 9.63
C SER B 514 -13.74 26.60 10.53
N PHE B 515 -13.20 27.82 10.70
CA PHE B 515 -13.81 28.90 11.49
C PHE B 515 -14.35 29.98 10.57
N ILE B 516 -15.62 30.29 10.80
CA ILE B 516 -16.39 31.23 10.00
C ILE B 516 -16.91 32.38 10.84
N ASP B 517 -17.59 33.31 10.17
CA ASP B 517 -18.18 34.44 10.82
C ASP B 517 -19.42 33.99 11.64
N PRO B 518 -19.54 34.40 12.93
CA PRO B 518 -20.70 33.98 13.74
C PRO B 518 -22.05 34.31 13.11
N ALA B 519 -22.09 35.42 12.35
CA ALA B 519 -23.29 35.87 11.63
C ALA B 519 -23.62 34.89 10.53
N LEU B 520 -22.61 34.36 9.82
CA LEU B 520 -22.83 33.37 8.75
C LEU B 520 -23.36 32.07 9.34
N PHE B 521 -22.72 31.62 10.45
CA PHE B 521 -23.05 30.44 11.27
C PHE B 521 -24.53 30.51 11.68
N GLU B 522 -24.97 31.69 12.15
CA GLU B 522 -26.34 31.94 12.57
C GLU B 522 -27.35 31.78 11.41
N LEU B 523 -26.97 32.18 10.18
CA LEU B 523 -27.82 32.05 9.00
C LEU B 523 -28.17 30.57 8.68
N PHE B 524 -27.16 29.67 8.81
CA PHE B 524 -27.28 28.24 8.50
C PHE B 524 -27.71 27.39 9.73
N ASP B 525 -27.42 27.87 10.95
CA ASP B 525 -27.72 27.20 12.24
C ASP B 525 -28.29 28.24 13.24
N PRO B 526 -29.59 28.61 13.12
CA PRO B 526 -30.17 29.67 13.96
C PRO B 526 -30.10 29.57 15.48
N GLY B 527 -30.57 28.52 16.12
CA GLY B 527 -30.56 28.60 17.58
C GLY B 527 -29.31 28.10 18.29
N THR B 528 -28.32 27.67 17.50
CA THR B 528 -27.13 27.01 17.96
C THR B 528 -26.05 27.99 18.33
N GLN B 529 -25.47 27.78 19.53
CA GLN B 529 -24.33 28.56 20.01
C GLN B 529 -23.08 27.87 19.38
N PRO B 530 -22.32 28.56 18.50
CA PRO B 530 -21.12 27.90 17.95
C PRO B 530 -20.07 27.72 19.02
N LEU B 531 -19.11 26.83 18.78
CA LEU B 531 -17.93 26.69 19.63
C LEU B 531 -17.05 27.82 19.14
N THR B 532 -16.99 28.92 19.92
CA THR B 532 -16.29 30.16 19.63
C THR B 532 -14.90 30.24 20.23
N LEU B 533 -13.93 30.66 19.41
CA LEU B 533 -12.55 30.88 19.80
C LEU B 533 -12.40 32.04 20.81
N ALA B 534 -11.43 31.92 21.74
CA ALA B 534 -11.13 32.94 22.74
C ALA B 534 -10.23 34.02 22.12
N ASN B 535 -9.25 33.61 21.28
CA ASN B 535 -8.37 34.56 20.62
C ASN B 535 -8.46 34.44 19.09
N PRO B 536 -9.63 34.72 18.44
CA PRO B 536 -9.70 34.57 16.97
C PRO B 536 -8.80 35.55 16.25
N ILE B 537 -8.31 35.17 15.06
CA ILE B 537 -7.43 35.98 14.20
C ILE B 537 -8.15 37.29 13.84
N SER B 538 -9.46 37.19 13.51
CA SER B 538 -10.38 38.31 13.29
C SER B 538 -11.74 37.88 13.88
N ALA B 539 -12.69 38.79 14.00
CA ALA B 539 -13.99 38.47 14.57
C ALA B 539 -14.89 37.69 13.58
N ASP B 540 -14.56 37.78 12.28
CA ASP B 540 -15.29 37.08 11.21
C ASP B 540 -14.69 35.68 10.93
N MET B 541 -13.88 35.18 11.90
CA MET B 541 -13.24 33.88 11.90
C MET B 541 -13.21 33.34 13.34
N ALA B 542 -14.32 33.58 14.05
CA ALA B 542 -14.52 33.27 15.45
C ALA B 542 -15.30 32.01 15.75
N ALA B 543 -16.18 31.59 14.81
CA ALA B 543 -17.05 30.44 15.01
C ALA B 543 -16.58 29.15 14.34
N MET B 544 -16.49 28.03 15.12
CA MET B 544 -16.18 26.73 14.52
C MET B 544 -17.44 26.28 13.82
N ARG B 545 -17.29 25.90 12.57
CA ARG B 545 -18.38 25.43 11.72
C ARG B 545 -19.04 24.16 12.26
N SER B 546 -20.37 24.10 12.11
CA SER B 546 -21.22 22.96 12.46
C SER B 546 -21.74 22.35 11.16
N SER B 547 -21.33 22.95 10.02
CA SER B 547 -21.67 22.54 8.65
C SER B 547 -20.60 23.07 7.69
N LEU B 548 -20.36 22.32 6.61
CA LEU B 548 -19.38 22.70 5.59
C LEU B 548 -20.03 23.62 4.55
N TRP B 549 -21.39 23.74 4.66
CA TRP B 549 -22.28 24.51 3.81
C TRP B 549 -22.00 26.02 3.77
N PRO B 550 -21.88 26.76 4.92
CA PRO B 550 -21.58 28.21 4.82
C PRO B 550 -20.32 28.49 3.99
N GLY B 551 -19.25 27.74 4.26
CA GLY B 551 -17.99 27.82 3.54
C GLY B 551 -18.10 27.46 2.07
N LEU B 552 -18.85 26.37 1.74
CA LEU B 552 -19.05 25.96 0.35
C LEU B 552 -19.88 26.97 -0.44
N VAL B 553 -20.96 27.48 0.18
CA VAL B 553 -21.84 28.46 -0.43
C VAL B 553 -21.05 29.74 -0.71
N LYS B 554 -20.20 30.13 0.25
CA LYS B 554 -19.36 31.29 0.13
C LYS B 554 -18.35 31.18 -1.03
N ALA B 555 -17.75 29.99 -1.22
CA ALA B 555 -16.80 29.70 -2.31
C ALA B 555 -17.55 29.66 -3.64
N LEU B 556 -18.82 29.22 -3.59
CA LEU B 556 -19.66 29.15 -4.76
C LEU B 556 -19.95 30.56 -5.22
N GLN B 557 -20.35 31.48 -4.30
CA GLN B 557 -20.67 32.84 -4.73
C GLN B 557 -19.40 33.62 -5.07
N HIS B 558 -18.25 33.29 -4.45
CA HIS B 558 -16.95 33.90 -4.81
C HIS B 558 -16.73 33.74 -6.32
N ASN B 559 -17.03 32.52 -6.83
CA ASN B 559 -16.92 32.14 -8.22
C ASN B 559 -17.97 32.77 -9.10
N LEU B 560 -19.23 32.78 -8.65
CA LEU B 560 -20.35 33.40 -9.35
C LEU B 560 -20.01 34.88 -9.68
N ASN B 561 -19.44 35.60 -8.71
CA ASN B 561 -18.99 36.98 -8.84
C ASN B 561 -17.74 37.11 -9.73
N ARG B 562 -17.11 36.00 -10.08
CA ARG B 562 -15.91 35.96 -10.91
C ARG B 562 -16.20 35.40 -12.31
N GLN B 563 -17.39 35.65 -12.83
CA GLN B 563 -17.84 35.24 -14.17
C GLN B 563 -17.91 33.74 -14.34
N GLN B 564 -18.49 33.04 -13.35
CA GLN B 564 -18.68 31.58 -13.40
C GLN B 564 -20.21 31.34 -13.34
N SER B 565 -20.73 30.46 -14.22
CA SER B 565 -22.16 30.15 -14.26
C SER B 565 -22.43 28.81 -13.56
N ARG B 566 -21.60 27.79 -13.89
CA ARG B 566 -21.72 26.42 -13.42
C ARG B 566 -20.64 26.18 -12.40
N VAL B 567 -21.03 26.15 -11.11
CA VAL B 567 -20.11 25.92 -10.00
C VAL B 567 -20.55 24.64 -9.30
N ARG B 568 -19.69 23.60 -9.35
CA ARG B 568 -19.95 22.28 -8.75
C ARG B 568 -18.77 21.98 -7.82
N LEU B 569 -18.96 22.22 -6.53
CA LEU B 569 -17.91 22.05 -5.52
C LEU B 569 -18.24 21.05 -4.45
N PHE B 570 -17.20 20.40 -3.95
CA PHE B 570 -17.34 19.51 -2.80
C PHE B 570 -16.18 19.72 -1.82
N GLU B 571 -16.47 19.47 -0.54
CA GLU B 571 -15.50 19.55 0.51
C GLU B 571 -15.74 18.42 1.50
N SER B 572 -14.66 18.00 2.12
CA SER B 572 -14.62 16.98 3.16
C SER B 572 -13.85 17.57 4.32
N GLY B 573 -14.34 17.33 5.53
CA GLY B 573 -13.69 17.80 6.73
C GLY B 573 -14.56 17.71 7.97
N LEU B 574 -14.00 18.16 9.11
CA LEU B 574 -14.66 18.13 10.40
C LEU B 574 -15.76 19.17 10.57
N ARG B 575 -16.74 18.76 11.35
CA ARG B 575 -17.93 19.44 11.83
C ARG B 575 -17.68 19.60 13.33
N PHE B 576 -17.97 20.76 13.92
CA PHE B 576 -17.80 20.95 15.36
C PHE B 576 -19.18 21.20 15.94
N VAL B 577 -19.67 20.25 16.77
CA VAL B 577 -21.04 20.31 17.31
C VAL B 577 -21.08 20.21 18.83
N GLY B 578 -21.51 21.31 19.43
CA GLY B 578 -21.70 21.42 20.87
C GLY B 578 -20.62 22.26 21.51
N GLN B 579 -20.69 22.43 22.83
CA GLN B 579 -19.65 23.16 23.53
C GLN B 579 -18.60 22.12 23.96
N LEU B 580 -17.43 22.55 24.46
CA LEU B 580 -16.32 21.64 24.82
C LEU B 580 -16.78 20.35 25.52
N GLU B 581 -17.67 20.51 26.50
CA GLU B 581 -18.28 19.41 27.24
C GLU B 581 -19.37 18.78 26.37
N GLY B 582 -18.99 17.74 25.65
CA GLY B 582 -19.90 17.02 24.76
C GLY B 582 -19.64 17.22 23.28
N LEU B 583 -18.60 18.02 22.94
CA LEU B 583 -18.20 18.35 21.57
C LEU B 583 -18.03 17.11 20.69
N LYS B 584 -18.66 17.16 19.50
CA LYS B 584 -18.59 16.10 18.52
C LYS B 584 -17.82 16.70 17.36
N GLN B 585 -16.76 15.99 16.94
CA GLN B 585 -15.92 16.42 15.83
C GLN B 585 -16.03 15.35 14.76
N GLU B 586 -17.05 15.48 13.90
CA GLU B 586 -17.37 14.47 12.88
C GLU B 586 -16.94 14.85 11.48
N ALA B 587 -16.39 13.88 10.73
CA ALA B 587 -15.96 14.07 9.35
C ALA B 587 -17.18 14.01 8.46
N MET B 588 -17.30 15.03 7.59
CA MET B 588 -18.44 15.25 6.69
C MET B 588 -17.99 15.33 5.26
N LEU B 589 -18.90 15.00 4.36
CA LEU B 589 -18.69 15.15 2.94
C LEU B 589 -19.88 15.93 2.49
N ALA B 590 -19.62 17.14 2.01
CA ALA B 590 -20.66 18.04 1.57
C ALA B 590 -20.38 18.51 0.14
N GLY B 591 -21.45 18.86 -0.57
CA GLY B 591 -21.38 19.34 -1.94
C GLY B 591 -22.37 20.44 -2.18
N ALA B 592 -22.03 21.33 -3.13
CA ALA B 592 -22.89 22.47 -3.53
C ALA B 592 -22.84 22.65 -5.05
N ILE B 593 -24.01 22.79 -5.68
CA ILE B 593 -24.07 22.96 -7.13
C ILE B 593 -25.02 24.06 -7.57
N CYS B 594 -24.69 24.68 -8.72
CA CYS B 594 -25.50 25.71 -9.38
C CYS B 594 -25.18 25.77 -10.86
N GLY B 595 -26.08 26.44 -11.61
CA GLY B 595 -25.93 26.67 -13.04
C GLY B 595 -26.58 25.59 -13.88
N LYS B 596 -26.20 25.54 -15.16
CA LYS B 596 -26.75 24.55 -16.08
C LYS B 596 -26.41 23.13 -15.60
N ARG B 597 -27.33 22.18 -15.85
CA ARG B 597 -27.14 20.79 -15.49
C ARG B 597 -25.86 20.25 -16.14
N LEU B 598 -25.65 20.65 -17.41
CA LEU B 598 -24.53 20.22 -18.25
C LEU B 598 -23.66 21.39 -18.64
N PRO B 599 -22.36 21.13 -18.98
CA PRO B 599 -21.51 22.23 -19.50
C PRO B 599 -22.01 22.68 -20.88
N GLU B 600 -21.67 23.92 -21.30
CA GLU B 600 -22.09 24.42 -22.62
C GLU B 600 -21.44 23.57 -23.72
N GLY B 601 -22.29 23.03 -24.60
CA GLY B 601 -21.85 22.18 -25.70
C GLY B 601 -22.94 21.91 -26.71
N TRP B 602 -22.55 21.72 -27.99
CA TRP B 602 -23.44 21.48 -29.15
C TRP B 602 -24.45 20.36 -28.95
N ALA B 603 -24.01 19.30 -28.22
CA ALA B 603 -24.71 18.03 -27.97
C ALA B 603 -25.51 18.01 -26.67
N ASN B 604 -25.36 19.06 -25.85
CA ASN B 604 -25.96 19.19 -24.52
C ASN B 604 -27.17 20.14 -24.39
N GLY B 605 -28.21 19.64 -23.73
CA GLY B 605 -29.42 20.38 -23.40
C GLY B 605 -29.11 21.51 -22.45
N ARG B 606 -29.79 22.65 -22.64
CA ARG B 606 -29.53 23.88 -21.89
C ARG B 606 -30.32 24.01 -20.57
N ASP B 607 -30.80 22.89 -20.03
CA ASP B 607 -31.54 22.84 -18.77
C ASP B 607 -30.63 23.18 -17.58
N GLY B 608 -31.20 23.89 -16.60
CA GLY B 608 -30.50 24.24 -15.37
C GLY B 608 -30.58 23.11 -14.38
N VAL B 609 -29.54 22.96 -13.49
CA VAL B 609 -29.52 21.93 -12.44
C VAL B 609 -30.67 22.08 -11.52
N ASP B 610 -31.16 20.93 -11.02
CA ASP B 610 -32.23 20.87 -10.05
C ASP B 610 -31.93 19.82 -8.99
N PHE B 611 -32.88 19.64 -8.05
CA PHE B 611 -32.81 18.72 -6.91
C PHE B 611 -32.36 17.34 -7.30
N PHE B 612 -32.99 16.79 -8.35
CA PHE B 612 -32.81 15.41 -8.82
C PHE B 612 -31.41 15.15 -9.42
N ASP B 613 -30.68 16.21 -9.79
CA ASP B 613 -29.31 16.13 -10.28
C ASP B 613 -28.38 15.91 -9.11
N ALA B 614 -28.60 16.69 -8.04
CA ALA B 614 -27.88 16.54 -6.78
C ALA B 614 -28.26 15.18 -6.15
N LYS B 615 -29.55 14.75 -6.27
CA LYS B 615 -30.01 13.47 -5.74
C LYS B 615 -29.20 12.31 -6.29
N ALA B 616 -28.97 12.30 -7.62
CA ALA B 616 -28.21 11.25 -8.31
C ALA B 616 -26.78 11.18 -7.79
N ASP B 617 -26.21 12.36 -7.46
CA ASP B 617 -24.86 12.48 -6.94
C ASP B 617 -24.78 11.84 -5.55
N VAL B 618 -25.80 12.07 -4.71
CA VAL B 618 -25.89 11.47 -3.37
C VAL B 618 -26.09 9.97 -3.50
N GLU B 619 -26.99 9.55 -4.41
CA GLU B 619 -27.28 8.13 -4.66
C GLU B 619 -26.00 7.38 -5.02
N ALA B 620 -25.24 7.91 -5.99
CA ALA B 620 -23.97 7.34 -6.46
C ALA B 620 -22.97 7.14 -5.31
N VAL B 621 -22.90 8.10 -4.39
CA VAL B 621 -22.03 8.05 -3.21
C VAL B 621 -22.55 7.00 -2.25
N LEU B 622 -23.85 7.06 -1.93
CA LEU B 622 -24.52 6.11 -1.04
C LEU B 622 -24.47 4.65 -1.51
N ALA B 623 -24.26 4.41 -2.83
CA ALA B 623 -24.18 3.06 -3.41
C ALA B 623 -22.76 2.52 -3.57
N SER B 624 -21.75 3.37 -3.28
CA SER B 624 -20.32 3.09 -3.43
C SER B 624 -19.76 1.83 -2.74
N ALA B 625 -20.48 1.26 -1.77
CA ALA B 625 -20.05 0.07 -1.06
C ALA B 625 -21.15 -0.97 -0.98
N GLY B 626 -21.98 -0.98 -2.03
CA GLY B 626 -23.12 -1.89 -2.22
C GLY B 626 -24.09 -1.95 -1.06
N ALA B 627 -24.45 -0.77 -0.53
CA ALA B 627 -25.38 -0.67 0.59
C ALA B 627 -26.48 0.39 0.36
N LEU B 628 -26.68 0.83 -0.92
CA LEU B 628 -27.70 1.83 -1.29
C LEU B 628 -29.09 1.60 -0.65
N GLY B 629 -29.50 0.33 -0.61
CA GLY B 629 -30.77 -0.10 -0.03
C GLY B 629 -30.94 0.24 1.43
N ASP B 630 -29.82 0.31 2.19
CA ASP B 630 -29.77 0.64 3.61
C ASP B 630 -30.20 2.07 3.92
N PHE B 631 -30.14 2.96 2.90
CA PHE B 631 -30.49 4.37 3.00
C PHE B 631 -31.87 4.68 2.46
N SER B 632 -32.51 5.67 3.07
CA SER B 632 -33.81 6.21 2.68
C SER B 632 -33.80 7.72 2.74
N PHE B 633 -34.44 8.32 1.73
CA PHE B 633 -34.61 9.75 1.56
C PHE B 633 -36.04 10.00 1.96
N VAL B 634 -36.24 10.63 3.12
CA VAL B 634 -37.56 10.94 3.65
C VAL B 634 -37.80 12.47 3.59
N PRO B 635 -39.02 12.94 3.22
CA PRO B 635 -39.27 14.39 3.23
C PRO B 635 -39.00 14.98 4.61
N GLY B 636 -37.99 15.84 4.69
CA GLY B 636 -37.58 16.49 5.93
C GLY B 636 -37.47 18.00 5.83
N GLU B 637 -36.95 18.62 6.90
CA GLU B 637 -36.78 20.07 6.96
C GLU B 637 -35.48 20.47 7.65
N HIS B 638 -34.84 21.51 7.12
CA HIS B 638 -33.59 22.08 7.61
C HIS B 638 -33.66 23.60 7.48
N PRO B 639 -33.21 24.36 8.49
CA PRO B 639 -33.31 25.83 8.42
C PRO B 639 -32.60 26.51 7.25
N ALA B 640 -31.51 25.92 6.74
CA ALA B 640 -30.76 26.50 5.62
C ALA B 640 -31.37 26.11 4.26
N LEU B 641 -32.34 25.18 4.28
CA LEU B 641 -32.91 24.65 3.05
C LEU B 641 -34.39 24.95 2.82
N HIS B 642 -34.77 24.94 1.53
CA HIS B 642 -36.12 25.10 1.04
C HIS B 642 -37.01 23.94 1.61
N PRO B 643 -38.02 24.25 2.47
CA PRO B 643 -38.85 23.17 3.06
C PRO B 643 -39.68 22.34 2.08
N GLY B 644 -39.86 22.87 0.87
CA GLY B 644 -40.58 22.16 -0.19
C GLY B 644 -39.67 21.27 -1.03
N GLN B 645 -38.34 21.47 -0.92
CA GLN B 645 -37.35 20.70 -1.69
C GLN B 645 -36.18 20.24 -0.80
N THR B 646 -36.52 19.54 0.34
CA THR B 646 -35.53 19.02 1.32
C THR B 646 -35.77 17.55 1.68
N ALA B 647 -34.71 16.74 1.59
CA ALA B 647 -34.73 15.33 1.96
C ALA B 647 -33.80 15.06 3.12
N ARG B 648 -34.35 14.44 4.17
CA ARG B 648 -33.64 13.97 5.35
C ARG B 648 -33.19 12.55 4.94
N ILE B 649 -31.88 12.26 5.05
CA ILE B 649 -31.29 10.97 4.67
C ILE B 649 -31.02 10.12 5.90
N GLU B 650 -31.56 8.89 5.91
CA GLU B 650 -31.44 8.00 7.06
C GLU B 650 -30.97 6.58 6.73
N ARG B 651 -30.38 5.93 7.73
CA ARG B 651 -29.89 4.55 7.70
C ARG B 651 -30.23 3.95 9.06
N GLU B 652 -31.14 2.97 9.09
CA GLU B 652 -31.65 2.34 10.32
C GLU B 652 -32.29 3.37 11.26
N GLY B 653 -32.94 4.38 10.67
CA GLY B 653 -33.55 5.48 11.40
C GLY B 653 -32.57 6.55 11.83
N ARG B 654 -31.24 6.25 11.83
CA ARG B 654 -30.19 7.20 12.21
C ARG B 654 -29.99 8.23 11.11
N LEU B 655 -29.64 9.47 11.49
CA LEU B 655 -29.46 10.54 10.50
C LEU B 655 -28.09 10.51 9.81
N VAL B 656 -28.12 10.40 8.47
CA VAL B 656 -26.94 10.42 7.59
C VAL B 656 -26.64 11.87 7.20
N GLY B 657 -27.69 12.62 6.91
CA GLY B 657 -27.58 14.01 6.55
C GLY B 657 -28.79 14.55 5.84
N TYR B 658 -28.57 15.58 5.05
CA TYR B 658 -29.62 16.31 4.33
C TYR B 658 -29.20 16.60 2.90
N LEU B 659 -30.19 16.74 2.05
CA LEU B 659 -30.09 17.08 0.65
C LEU B 659 -31.23 18.05 0.35
N GLY B 660 -30.93 19.16 -0.29
CA GLY B 660 -31.95 20.13 -0.65
C GLY B 660 -31.48 21.39 -1.33
N ALA B 661 -32.46 22.18 -1.79
CA ALA B 661 -32.20 23.48 -2.39
C ALA B 661 -31.94 24.48 -1.26
N LEU B 662 -30.92 25.35 -1.42
CA LEU B 662 -30.65 26.41 -0.46
C LEU B 662 -31.92 27.28 -0.41
N HIS B 663 -32.39 27.55 0.83
CA HIS B 663 -33.58 28.33 1.15
C HIS B 663 -33.56 29.66 0.40
N PRO B 664 -34.67 30.01 -0.31
CA PRO B 664 -34.70 31.28 -1.06
C PRO B 664 -34.44 32.52 -0.18
N GLU B 665 -34.87 32.48 1.09
CA GLU B 665 -34.63 33.60 2.00
C GLU B 665 -33.16 33.77 2.35
N LEU B 666 -32.42 32.64 2.51
CA LEU B 666 -30.97 32.65 2.77
C LEU B 666 -30.23 33.22 1.57
N ALA B 667 -30.67 32.83 0.37
CA ALA B 667 -30.13 33.32 -0.89
C ALA B 667 -30.29 34.85 -0.95
N LYS B 668 -31.54 35.37 -0.70
CA LYS B 668 -31.81 36.82 -0.68
C LYS B 668 -30.73 37.52 0.12
N LYS B 669 -30.58 37.09 1.41
CA LYS B 669 -29.66 37.57 2.42
C LYS B 669 -28.19 37.56 1.99
N LEU B 670 -27.81 36.61 1.14
CA LEU B 670 -26.45 36.45 0.65
C LEU B 670 -26.23 37.12 -0.69
N ASP B 671 -27.31 37.66 -1.30
CA ASP B 671 -27.32 38.26 -2.62
C ASP B 671 -26.89 37.22 -3.67
N LEU B 672 -27.61 36.11 -3.65
CA LEU B 672 -27.43 34.98 -4.54
C LEU B 672 -28.75 34.89 -5.33
N GLU B 673 -28.67 35.08 -6.68
CA GLU B 673 -29.87 35.09 -7.53
C GLU B 673 -30.17 33.73 -8.17
N GLN B 674 -29.18 32.83 -8.17
CA GLN B 674 -29.32 31.49 -8.79
C GLN B 674 -29.74 30.41 -7.80
N PRO B 675 -30.58 29.42 -8.20
CA PRO B 675 -30.86 28.30 -7.28
C PRO B 675 -29.59 27.47 -7.03
N VAL B 676 -29.36 27.10 -5.74
CA VAL B 676 -28.22 26.32 -5.23
C VAL B 676 -28.68 24.98 -4.58
N PHE B 677 -28.01 23.87 -4.92
CA PHE B 677 -28.37 22.57 -4.36
C PHE B 677 -27.23 22.05 -3.51
N LEU B 678 -27.57 21.78 -2.24
CA LEU B 678 -26.64 21.35 -1.21
C LEU B 678 -26.91 19.94 -0.73
N PHE B 679 -25.85 19.26 -0.29
CA PHE B 679 -25.96 17.97 0.38
C PHE B 679 -24.83 17.91 1.37
N GLU B 680 -25.01 17.15 2.46
CA GLU B 680 -24.00 16.96 3.50
C GLU B 680 -24.25 15.62 4.12
N LEU B 681 -23.19 14.80 4.18
CA LEU B 681 -23.27 13.43 4.66
C LEU B 681 -22.27 13.19 5.77
N LEU B 682 -22.72 12.49 6.83
CA LEU B 682 -21.90 12.10 7.98
C LEU B 682 -21.14 10.88 7.50
N LEU B 683 -19.83 11.02 7.20
CA LEU B 683 -19.01 9.93 6.65
C LEU B 683 -19.05 8.63 7.44
N ALA B 684 -19.14 8.68 8.78
CA ALA B 684 -19.24 7.48 9.62
C ALA B 684 -20.41 6.56 9.20
N GLU B 685 -21.53 7.14 8.71
CA GLU B 685 -22.75 6.42 8.28
C GLU B 685 -22.76 6.01 6.81
N VAL B 686 -21.71 6.35 6.06
CA VAL B 686 -21.61 6.06 4.63
C VAL B 686 -20.56 4.99 4.34
N VAL B 687 -19.46 4.98 5.10
CA VAL B 687 -18.31 4.09 4.88
C VAL B 687 -18.68 2.58 4.88
N ASP B 688 -19.55 2.10 5.80
CA ASP B 688 -19.84 0.66 5.80
C ASP B 688 -20.82 0.21 4.70
N GLY B 689 -20.47 -0.90 4.10
CA GLY B 689 -21.26 -1.53 3.04
C GLY B 689 -21.48 -3.00 3.28
N HIS B 690 -21.85 -3.72 2.23
CA HIS B 690 -22.10 -5.16 2.34
C HIS B 690 -21.41 -5.85 1.22
N LEU B 691 -20.79 -7.00 1.54
CA LEU B 691 -20.08 -7.85 0.59
C LEU B 691 -21.09 -8.54 -0.30
N PRO B 692 -20.82 -8.66 -1.62
CA PRO B 692 -21.77 -9.37 -2.50
C PRO B 692 -22.06 -10.80 -2.04
N LYS B 693 -23.36 -11.15 -1.95
CA LYS B 693 -23.87 -12.48 -1.60
C LYS B 693 -24.60 -12.96 -2.84
N PHE B 694 -23.95 -13.87 -3.56
CA PHE B 694 -24.43 -14.39 -4.83
C PHE B 694 -25.81 -15.02 -4.73
N ARG B 695 -26.66 -14.68 -5.70
CA ARG B 695 -28.01 -15.19 -5.87
C ARG B 695 -28.06 -15.81 -7.27
N GLU B 696 -28.42 -17.11 -7.33
CA GLU B 696 -28.48 -17.92 -8.55
C GLU B 696 -29.27 -17.28 -9.70
N LEU B 697 -28.72 -17.40 -10.94
CA LEU B 697 -29.26 -16.87 -12.19
C LEU B 697 -30.16 -17.85 -12.90
N SER B 698 -31.38 -17.40 -13.18
CA SER B 698 -32.38 -18.23 -13.81
C SER B 698 -32.01 -18.50 -15.26
N ARG B 699 -32.33 -19.73 -15.73
CA ARG B 699 -32.11 -20.15 -17.12
C ARG B 699 -33.37 -19.82 -17.91
N PHE B 700 -34.36 -19.23 -17.25
CA PHE B 700 -35.68 -18.98 -17.81
C PHE B 700 -36.00 -17.51 -18.07
N PRO B 701 -36.94 -17.25 -19.02
CA PRO B 701 -37.27 -15.85 -19.33
C PRO B 701 -38.00 -15.11 -18.21
N GLU B 702 -37.79 -13.78 -18.20
CA GLU B 702 -38.45 -12.86 -17.30
C GLU B 702 -39.71 -12.38 -17.96
N VAL B 703 -40.65 -11.89 -17.14
CA VAL B 703 -41.95 -11.38 -17.56
C VAL B 703 -42.14 -9.97 -17.00
N ARG B 704 -42.52 -9.04 -17.87
CA ARG B 704 -42.74 -7.64 -17.49
C ARG B 704 -44.20 -7.25 -17.66
N ARG B 705 -44.70 -6.39 -16.75
CA ARG B 705 -46.03 -5.81 -16.75
C ARG B 705 -45.92 -4.34 -16.39
N ASP B 706 -46.60 -3.49 -17.17
CA ASP B 706 -46.58 -2.06 -16.91
C ASP B 706 -47.88 -1.64 -16.26
N LEU B 707 -47.79 -0.80 -15.22
CA LEU B 707 -48.96 -0.28 -14.50
C LEU B 707 -48.92 1.23 -14.50
N ALA B 708 -50.06 1.86 -14.85
CA ALA B 708 -50.24 3.31 -14.82
C ALA B 708 -51.14 3.60 -13.60
N LEU B 709 -50.59 4.26 -12.58
CA LEU B 709 -51.32 4.47 -11.33
C LEU B 709 -51.65 5.92 -10.98
N LEU B 710 -52.97 6.19 -10.84
CA LEU B 710 -53.54 7.47 -10.44
C LEU B 710 -53.55 7.53 -8.91
N VAL B 711 -52.82 8.50 -8.33
CA VAL B 711 -52.67 8.68 -6.88
C VAL B 711 -52.74 10.17 -6.52
N ASP B 712 -52.98 10.50 -5.24
CA ASP B 712 -53.01 11.90 -4.81
C ASP B 712 -51.62 12.51 -5.08
N GLN B 713 -51.59 13.72 -5.66
CA GLN B 713 -50.38 14.45 -6.02
C GLN B 713 -49.30 14.48 -4.90
N ASP B 714 -49.75 14.48 -3.62
CA ASP B 714 -48.86 14.56 -2.45
C ASP B 714 -48.41 13.21 -1.86
N VAL B 715 -48.90 12.08 -2.38
CA VAL B 715 -48.46 10.80 -1.82
C VAL B 715 -47.03 10.45 -2.39
N PRO B 716 -46.06 10.17 -1.49
CA PRO B 716 -44.69 9.95 -1.95
C PRO B 716 -44.52 8.71 -2.82
N ALA B 717 -43.77 8.86 -3.95
CA ALA B 717 -43.53 7.78 -4.90
C ALA B 717 -42.88 6.54 -4.29
N GLN B 718 -41.93 6.72 -3.36
CA GLN B 718 -41.24 5.60 -2.70
C GLN B 718 -42.18 4.80 -1.79
N ASP B 719 -43.22 5.46 -1.26
CA ASP B 719 -44.22 4.79 -0.43
C ASP B 719 -45.04 3.82 -1.28
N ILE B 720 -45.31 4.19 -2.54
CA ILE B 720 -46.03 3.35 -3.48
C ILE B 720 -45.11 2.21 -3.94
N LEU B 721 -43.86 2.53 -4.34
CA LEU B 721 -42.88 1.54 -4.80
C LEU B 721 -42.59 0.46 -3.74
N THR B 722 -42.62 0.86 -2.45
CA THR B 722 -42.42 -0.04 -1.31
C THR B 722 -43.63 -0.96 -1.19
N GLN B 723 -44.86 -0.42 -1.35
CA GLN B 723 -46.07 -1.23 -1.27
C GLN B 723 -46.16 -2.25 -2.39
N ILE B 724 -45.73 -1.86 -3.60
CA ILE B 724 -45.67 -2.71 -4.77
C ILE B 724 -44.72 -3.90 -4.50
N ARG B 725 -43.50 -3.64 -3.99
CA ARG B 725 -42.52 -4.70 -3.69
C ARG B 725 -43.05 -5.72 -2.69
N ALA B 726 -43.76 -5.23 -1.66
CA ALA B 726 -44.35 -6.02 -0.60
C ALA B 726 -45.49 -6.91 -1.09
N ALA B 727 -46.19 -6.49 -2.17
CA ALA B 727 -47.33 -7.19 -2.76
C ALA B 727 -47.02 -7.98 -4.05
N ALA B 728 -45.77 -7.87 -4.56
CA ALA B 728 -45.32 -8.53 -5.80
C ALA B 728 -44.91 -10.01 -5.68
N GLY B 729 -44.85 -10.55 -4.48
CA GLY B 729 -44.40 -11.93 -4.32
C GLY B 729 -42.89 -12.09 -4.37
N GLU B 730 -42.46 -13.34 -4.49
CA GLU B 730 -41.06 -13.77 -4.42
C GLU B 730 -40.26 -13.66 -5.71
N TRP B 731 -40.93 -13.53 -6.87
CA TRP B 731 -40.23 -13.59 -8.15
C TRP B 731 -39.93 -12.23 -8.80
N LEU B 732 -40.30 -11.10 -8.15
CA LEU B 732 -40.03 -9.77 -8.70
C LEU B 732 -38.51 -9.46 -8.74
N THR B 733 -37.96 -9.24 -9.95
CA THR B 733 -36.53 -9.00 -10.14
C THR B 733 -36.17 -7.55 -10.34
N ASP B 734 -37.16 -6.74 -10.77
CA ASP B 734 -36.99 -5.32 -11.03
C ASP B 734 -38.30 -4.55 -11.00
N LEU B 735 -38.23 -3.31 -10.46
CA LEU B 735 -39.34 -2.34 -10.40
C LEU B 735 -38.77 -0.98 -10.81
N ARG B 736 -39.36 -0.40 -11.86
CA ARG B 736 -38.90 0.85 -12.45
C ARG B 736 -40.03 1.87 -12.60
N LEU B 737 -39.83 3.09 -12.09
CA LEU B 737 -40.78 4.18 -12.31
C LEU B 737 -40.22 4.88 -13.56
N PHE B 738 -40.88 4.67 -14.71
CA PHE B 738 -40.38 5.21 -15.98
C PHE B 738 -41.01 6.56 -16.40
N ASP B 739 -42.06 7.03 -15.67
CA ASP B 739 -42.76 8.28 -15.96
C ASP B 739 -43.72 8.71 -14.83
N VAL B 740 -43.85 10.03 -14.67
CA VAL B 740 -44.75 10.71 -13.73
C VAL B 740 -45.54 11.76 -14.54
N TYR B 741 -46.88 11.75 -14.42
CA TYR B 741 -47.74 12.66 -15.17
C TYR B 741 -48.63 13.47 -14.25
N HIS B 742 -48.50 14.79 -14.31
CA HIS B 742 -49.30 15.73 -13.52
C HIS B 742 -49.87 16.77 -14.48
N GLY B 743 -50.55 16.28 -15.52
CA GLY B 743 -51.11 17.11 -16.59
C GLY B 743 -52.60 17.26 -16.62
N LYS B 744 -53.11 17.70 -17.79
CA LYS B 744 -54.53 17.97 -18.07
C LYS B 744 -55.38 16.71 -18.21
N GLY B 745 -54.80 15.62 -18.71
CA GLY B 745 -55.47 14.34 -18.93
C GLY B 745 -56.12 13.69 -17.71
N ILE B 746 -55.80 14.21 -16.50
CA ILE B 746 -56.29 13.74 -15.20
C ILE B 746 -56.55 14.92 -14.23
N ASP B 747 -57.14 14.61 -13.03
CA ASP B 747 -57.47 15.57 -11.96
C ASP B 747 -56.26 16.46 -11.55
N PRO B 748 -56.44 17.77 -11.23
CA PRO B 748 -55.28 18.61 -10.87
C PRO B 748 -54.61 18.29 -9.53
N HIS B 749 -55.28 17.49 -8.68
CA HIS B 749 -54.76 17.08 -7.37
C HIS B 749 -54.25 15.63 -7.39
N ARG B 750 -54.19 15.04 -8.59
CA ARG B 750 -53.72 13.66 -8.78
C ARG B 750 -52.50 13.61 -9.70
N LYS B 751 -51.85 12.43 -9.78
CA LYS B 751 -50.69 12.16 -10.63
C LYS B 751 -50.71 10.70 -11.11
N SER B 752 -50.20 10.47 -12.32
CA SER B 752 -50.12 9.13 -12.89
C SER B 752 -48.67 8.64 -12.76
N LEU B 753 -48.49 7.46 -12.15
CA LEU B 753 -47.17 6.86 -11.98
C LEU B 753 -47.06 5.65 -12.86
N ALA B 754 -46.29 5.78 -13.96
CA ALA B 754 -46.08 4.67 -14.88
C ALA B 754 -44.90 3.84 -14.36
N VAL B 755 -45.21 2.58 -13.96
CA VAL B 755 -44.24 1.64 -13.39
C VAL B 755 -44.13 0.36 -14.22
N GLY B 756 -42.92 -0.14 -14.29
CA GLY B 756 -42.55 -1.37 -14.99
C GLY B 756 -42.13 -2.39 -13.96
N LEU B 757 -42.84 -3.54 -13.98
CA LEU B 757 -42.64 -4.63 -13.03
C LEU B 757 -42.13 -5.84 -13.76
N THR B 758 -40.96 -6.35 -13.37
CA THR B 758 -40.31 -7.52 -13.96
C THR B 758 -40.24 -8.65 -12.94
N TRP B 759 -40.60 -9.87 -13.36
CA TRP B 759 -40.52 -11.09 -12.54
C TRP B 759 -39.75 -12.17 -13.29
N GLN B 760 -38.99 -12.97 -12.56
CA GLN B 760 -38.28 -14.11 -13.13
C GLN B 760 -38.24 -15.22 -12.07
N HIS B 761 -38.76 -16.40 -12.44
CA HIS B 761 -38.74 -17.57 -11.55
C HIS B 761 -37.39 -18.27 -11.73
N PRO B 762 -36.70 -18.73 -10.65
CA PRO B 762 -35.38 -19.37 -10.84
C PRO B 762 -35.38 -20.77 -11.45
N SER B 763 -36.50 -21.51 -11.35
CA SER B 763 -36.54 -22.90 -11.79
C SER B 763 -37.50 -23.22 -12.94
N ARG B 764 -38.19 -22.21 -13.51
CA ARG B 764 -39.16 -22.43 -14.61
C ARG B 764 -39.63 -21.12 -15.23
N THR B 765 -40.50 -21.24 -16.24
CA THR B 765 -41.14 -20.14 -16.94
C THR B 765 -42.38 -19.73 -16.12
N LEU B 766 -42.71 -18.44 -16.14
CA LEU B 766 -43.89 -17.94 -15.46
C LEU B 766 -45.06 -17.89 -16.42
N ASN B 767 -46.24 -18.34 -15.96
CA ASN B 767 -47.45 -18.34 -16.77
C ASN B 767 -48.23 -17.04 -16.57
N ASP B 768 -49.03 -16.67 -17.57
CA ASP B 768 -49.82 -15.44 -17.58
C ASP B 768 -50.85 -15.36 -16.47
N ASP B 769 -51.43 -16.50 -16.07
CA ASP B 769 -52.45 -16.56 -15.03
C ASP B 769 -51.91 -16.08 -13.69
N GLU B 770 -50.77 -16.64 -13.25
CA GLU B 770 -50.13 -16.29 -11.98
C GLU B 770 -49.62 -14.86 -11.96
N VAL B 771 -49.10 -14.37 -13.09
CA VAL B 771 -48.57 -13.01 -13.18
C VAL B 771 -49.73 -11.99 -13.09
N ASN B 772 -50.84 -12.24 -13.80
CA ASN B 772 -52.05 -11.40 -13.75
C ASN B 772 -52.64 -11.42 -12.34
N SER B 773 -52.53 -12.60 -11.67
CA SER B 773 -52.98 -12.81 -10.31
C SER B 773 -52.19 -11.89 -9.37
N THR B 774 -50.84 -11.95 -9.42
CA THR B 774 -49.89 -11.13 -8.66
C THR B 774 -50.12 -9.64 -8.91
N THR B 775 -50.34 -9.26 -10.20
CA THR B 775 -50.58 -7.89 -10.63
C THR B 775 -51.83 -7.34 -9.95
N GLN B 776 -52.95 -8.11 -9.97
CA GLN B 776 -54.19 -7.71 -9.31
C GLN B 776 -54.02 -7.53 -7.80
N ASN B 777 -53.22 -8.42 -7.13
CA ASN B 777 -52.98 -8.23 -5.70
C ASN B 777 -52.23 -6.94 -5.41
N ILE B 778 -51.25 -6.55 -6.27
CA ILE B 778 -50.52 -5.27 -6.14
C ILE B 778 -51.55 -4.11 -6.17
N VAL B 779 -52.39 -4.06 -7.22
CA VAL B 779 -53.43 -3.04 -7.43
C VAL B 779 -54.35 -2.92 -6.21
N THR B 780 -54.93 -4.08 -5.79
CA THR B 780 -55.84 -4.20 -4.64
C THR B 780 -55.22 -3.57 -3.38
N SER B 781 -53.92 -3.86 -3.15
CA SER B 781 -53.14 -3.37 -2.02
C SER B 781 -52.99 -1.85 -2.05
N LEU B 782 -52.81 -1.27 -3.27
CA LEU B 782 -52.67 0.17 -3.50
C LEU B 782 -54.03 0.89 -3.42
N GLU B 783 -55.13 0.18 -3.75
CA GLU B 783 -56.48 0.71 -3.66
C GLU B 783 -56.81 0.86 -2.18
N GLU B 784 -56.44 -0.13 -1.35
CA GLU B 784 -56.73 -0.07 0.07
C GLU B 784 -55.80 0.83 0.87
N ARG B 785 -54.54 1.00 0.44
CA ARG B 785 -53.58 1.84 1.18
C ARG B 785 -53.49 3.31 0.72
N PHE B 786 -53.76 3.58 -0.57
CA PHE B 786 -53.61 4.94 -1.10
C PHE B 786 -54.82 5.43 -1.93
N ASN B 787 -55.85 4.57 -2.08
CA ASN B 787 -57.04 4.85 -2.90
C ASN B 787 -56.61 5.17 -4.31
N ALA B 788 -55.71 4.31 -4.81
CA ALA B 788 -55.12 4.34 -6.14
C ALA B 788 -56.12 3.77 -7.16
N THR B 789 -55.91 4.14 -8.45
CA THR B 789 -56.75 3.78 -9.58
C THR B 789 -55.88 3.53 -10.82
N LEU B 790 -56.28 2.57 -11.67
CA LEU B 790 -55.57 2.34 -12.92
C LEU B 790 -56.01 3.37 -13.93
N ARG B 791 -55.07 3.89 -14.73
CA ARG B 791 -55.35 4.91 -15.74
C ARG B 791 -56.11 4.31 -16.94
N GLU C 90 -44.48 26.90 -2.29
CA GLU C 90 -45.55 26.17 -2.99
C GLU C 90 -44.99 25.39 -4.17
N ARG C 91 -43.66 25.51 -4.41
CA ARG C 91 -42.92 24.83 -5.47
C ARG C 91 -42.33 23.52 -4.86
N ILE C 92 -43.21 22.75 -4.21
CA ILE C 92 -42.89 21.49 -3.55
C ILE C 92 -42.72 20.35 -4.62
N ASP C 93 -41.97 19.27 -4.28
CA ASP C 93 -41.67 18.12 -5.13
C ASP C 93 -41.57 16.88 -4.24
N VAL C 94 -41.61 15.62 -4.81
CA VAL C 94 -41.47 14.44 -3.96
C VAL C 94 -39.99 13.92 -4.02
N THR C 95 -39.75 12.69 -3.51
CA THR C 95 -38.43 12.11 -3.45
C THR C 95 -38.45 10.78 -4.29
N LEU C 96 -38.57 11.08 -5.59
CA LEU C 96 -38.53 10.23 -6.74
C LEU C 96 -37.06 9.88 -6.94
N PRO C 97 -36.72 8.90 -7.80
CA PRO C 97 -35.30 8.64 -8.07
C PRO C 97 -34.57 9.84 -8.71
N GLY C 98 -33.25 9.86 -8.58
CA GLY C 98 -32.44 10.94 -9.16
C GLY C 98 -32.35 10.82 -10.67
N ARG C 99 -31.93 11.89 -11.34
CA ARG C 99 -31.80 11.90 -12.80
C ARG C 99 -30.43 11.40 -13.28
N GLY C 100 -30.45 10.74 -14.42
CA GLY C 100 -29.28 10.31 -15.15
C GLY C 100 -28.73 8.97 -14.78
N GLN C 101 -27.52 8.79 -15.27
CA GLN C 101 -26.64 7.65 -15.18
C GLN C 101 -26.14 7.42 -13.77
N LEU C 102 -26.10 6.16 -13.37
CA LEU C 102 -25.50 5.82 -12.09
C LEU C 102 -24.30 4.91 -12.33
N SER C 103 -23.62 4.47 -11.28
CA SER C 103 -22.42 3.65 -11.49
C SER C 103 -22.75 2.24 -11.95
N GLY C 104 -21.80 1.61 -12.64
CA GLY C 104 -21.83 0.22 -13.06
C GLY C 104 -21.09 -0.55 -11.97
N GLY C 105 -20.07 -1.30 -12.36
CA GLY C 105 -19.26 -2.03 -11.40
C GLY C 105 -18.10 -2.78 -12.01
N LEU C 106 -17.30 -3.41 -11.14
CA LEU C 106 -16.19 -4.24 -11.60
C LEU C 106 -16.60 -5.70 -11.61
N HIS C 107 -15.79 -6.52 -12.30
CA HIS C 107 -15.98 -7.93 -12.40
C HIS C 107 -15.47 -8.53 -11.06
N PRO C 108 -16.17 -9.57 -10.50
CA PRO C 108 -15.75 -10.16 -9.21
C PRO C 108 -14.31 -10.65 -9.15
N VAL C 109 -13.75 -11.16 -10.26
CA VAL C 109 -12.36 -11.59 -10.34
C VAL C 109 -11.42 -10.39 -10.16
N THR C 110 -11.69 -9.29 -10.87
CA THR C 110 -10.93 -8.03 -10.77
C THR C 110 -10.88 -7.53 -9.32
N ARG C 111 -12.05 -7.54 -8.63
CA ARG C 111 -12.16 -7.14 -7.22
C ARG C 111 -11.24 -8.03 -6.40
N THR C 112 -11.31 -9.33 -6.63
CA THR C 112 -10.50 -10.32 -5.91
C THR C 112 -8.98 -10.10 -6.15
N LEU C 113 -8.54 -9.94 -7.43
CA LEU C 113 -7.14 -9.69 -7.73
C LEU C 113 -6.65 -8.41 -7.04
N GLU C 114 -7.43 -7.30 -7.13
CA GLU C 114 -7.07 -6.05 -6.47
C GLU C 114 -6.77 -6.32 -5.00
N ARG C 115 -7.72 -6.96 -4.30
CA ARG C 115 -7.64 -7.32 -2.89
C ARG C 115 -6.39 -8.16 -2.54
N ILE C 116 -6.09 -9.21 -3.32
CA ILE C 116 -4.91 -10.06 -3.10
C ILE C 116 -3.64 -9.21 -3.22
N GLU C 117 -3.53 -8.41 -4.29
CA GLU C 117 -2.36 -7.54 -4.50
C GLU C 117 -2.15 -6.60 -3.34
N GLN C 118 -3.23 -5.97 -2.85
CA GLN C 118 -3.19 -5.00 -1.77
C GLN C 118 -2.63 -5.58 -0.49
N CYS C 119 -2.92 -6.85 -0.17
CA CYS C 119 -2.39 -7.51 1.04
C CYS C 119 -0.85 -7.52 1.08
N PHE C 120 -0.20 -7.61 -0.11
CA PHE C 120 1.25 -7.66 -0.27
C PHE C 120 1.88 -6.33 -0.66
N SER C 121 1.23 -5.53 -1.54
CA SER C 121 1.80 -4.24 -1.99
C SER C 121 2.02 -3.26 -0.82
N ARG C 122 1.19 -3.38 0.23
CA ARG C 122 1.20 -2.62 1.48
C ARG C 122 2.40 -3.00 2.36
N ILE C 123 3.10 -4.09 2.02
CA ILE C 123 4.25 -4.56 2.78
C ILE C 123 5.47 -4.75 1.83
N GLY C 124 5.55 -3.94 0.79
CA GLY C 124 6.70 -3.95 -0.09
C GLY C 124 6.72 -4.82 -1.33
N TYR C 125 5.64 -5.53 -1.61
CA TYR C 125 5.66 -6.37 -2.80
C TYR C 125 5.33 -5.55 -4.04
N GLU C 126 6.11 -5.79 -5.12
CA GLU C 126 5.94 -5.14 -6.41
C GLU C 126 5.08 -6.00 -7.30
N VAL C 127 4.20 -5.37 -8.07
CA VAL C 127 3.33 -6.10 -8.98
C VAL C 127 4.11 -6.31 -10.28
N ALA C 128 4.29 -7.60 -10.67
CA ALA C 128 5.03 -8.00 -11.86
C ALA C 128 4.09 -8.65 -12.88
N GLU C 129 4.28 -8.25 -14.15
CA GLU C 129 3.51 -8.77 -15.27
C GLU C 129 4.43 -9.31 -16.33
N GLY C 130 3.91 -10.23 -17.12
CA GLY C 130 4.63 -10.86 -18.22
C GLY C 130 3.73 -11.24 -19.36
N PRO C 131 4.29 -11.85 -20.44
CA PRO C 131 3.45 -12.23 -21.60
C PRO C 131 2.62 -13.47 -21.33
N GLU C 132 1.46 -13.60 -21.99
CA GLU C 132 0.58 -14.77 -21.85
C GLU C 132 1.01 -15.91 -22.83
N VAL C 133 1.63 -15.52 -23.96
CA VAL C 133 2.21 -16.46 -24.91
C VAL C 133 3.67 -16.56 -24.50
N GLU C 134 4.02 -17.71 -23.94
CA GLU C 134 5.32 -18.00 -23.38
C GLU C 134 6.09 -19.13 -24.06
N ASP C 135 7.38 -19.28 -23.68
CA ASP C 135 8.22 -20.35 -24.17
C ASP C 135 8.38 -21.45 -23.10
N ASP C 136 8.75 -22.65 -23.58
CA ASP C 136 9.05 -23.88 -22.84
C ASP C 136 9.98 -23.60 -21.65
N TYR C 137 11.03 -22.81 -21.91
CA TYR C 137 12.02 -22.54 -20.89
C TYR C 137 11.44 -21.81 -19.68
N HIS C 138 10.81 -20.66 -19.91
CA HIS C 138 10.22 -19.87 -18.85
C HIS C 138 9.07 -20.57 -18.14
N ASN C 139 8.22 -21.27 -18.94
CA ASN C 139 7.03 -21.92 -18.40
C ASN C 139 7.29 -23.24 -17.69
N PHE C 140 8.28 -24.02 -18.16
CA PHE C 140 8.53 -25.31 -17.55
C PHE C 140 9.97 -25.56 -17.07
N GLU C 141 10.94 -25.50 -17.99
CA GLU C 141 12.32 -25.84 -17.73
C GLU C 141 12.92 -25.10 -16.56
N ALA C 142 12.74 -23.77 -16.53
CA ALA C 142 13.23 -22.90 -15.48
C ALA C 142 12.61 -23.21 -14.11
N LEU C 143 11.52 -23.98 -14.10
CA LEU C 143 10.76 -24.32 -12.90
C LEU C 143 10.92 -25.75 -12.45
N ASN C 144 11.99 -26.39 -12.93
CA ASN C 144 12.38 -27.76 -12.60
C ASN C 144 11.35 -28.80 -13.06
N ILE C 145 10.62 -28.50 -14.15
CA ILE C 145 9.64 -29.41 -14.79
C ILE C 145 10.38 -30.10 -15.96
N PRO C 146 10.79 -31.38 -15.79
CA PRO C 146 11.55 -32.06 -16.87
C PRO C 146 10.75 -32.24 -18.16
N GLY C 147 11.46 -32.41 -19.29
CA GLY C 147 10.85 -32.60 -20.60
C GLY C 147 9.78 -33.68 -20.70
N HIS C 148 9.92 -34.77 -19.90
CA HIS C 148 9.00 -35.91 -19.95
C HIS C 148 7.83 -35.80 -18.94
N HIS C 149 7.76 -34.68 -18.21
CA HIS C 149 6.75 -34.42 -17.18
C HIS C 149 5.32 -34.28 -17.77
N PRO C 150 4.31 -34.98 -17.16
CA PRO C 150 2.94 -34.96 -17.69
C PRO C 150 2.28 -33.59 -17.83
N ALA C 151 2.70 -32.57 -17.05
CA ALA C 151 2.15 -31.22 -17.13
C ALA C 151 2.40 -30.59 -18.51
N ARG C 152 3.52 -30.94 -19.15
CA ARG C 152 3.92 -30.43 -20.46
C ARG C 152 3.06 -30.93 -21.60
N ALA C 153 2.48 -32.14 -21.49
CA ALA C 153 1.64 -32.77 -22.51
C ALA C 153 0.47 -31.90 -23.01
N MET C 154 0.03 -32.19 -24.25
CA MET C 154 -1.07 -31.52 -24.95
C MET C 154 -2.41 -31.82 -24.31
N HIS C 155 -2.43 -32.73 -23.32
CA HIS C 155 -3.65 -33.03 -22.61
C HIS C 155 -3.94 -31.94 -21.57
N ASP C 156 -2.90 -31.15 -21.15
CA ASP C 156 -2.97 -30.08 -20.14
C ASP C 156 -2.54 -28.70 -20.65
N THR C 157 -1.58 -28.64 -21.58
CA THR C 157 -1.02 -27.40 -22.10
C THR C 157 -1.42 -27.13 -23.53
N PHE C 158 -1.79 -25.86 -23.78
CA PHE C 158 -2.15 -25.29 -25.07
C PHE C 158 -0.87 -24.88 -25.77
N TYR C 159 -0.67 -25.36 -27.00
CA TYR C 159 0.55 -25.09 -27.75
C TYR C 159 0.30 -24.38 -29.06
N PHE C 160 1.32 -23.63 -29.53
CA PHE C 160 1.27 -22.98 -30.84
C PHE C 160 2.14 -23.78 -31.78
N ASN C 161 3.30 -24.22 -31.27
CA ASN C 161 4.28 -25.08 -31.90
C ASN C 161 5.02 -25.88 -30.79
N ALA C 162 6.14 -26.49 -31.13
CA ALA C 162 6.96 -27.32 -30.25
C ALA C 162 7.45 -26.63 -28.98
N ASN C 163 7.79 -25.31 -29.04
CA ASN C 163 8.34 -24.58 -27.87
C ASN C 163 7.44 -23.45 -27.33
N MET C 164 6.52 -22.93 -28.17
CA MET C 164 5.61 -21.83 -27.84
C MET C 164 4.25 -22.35 -27.40
N LEU C 165 3.75 -21.75 -26.30
CA LEU C 165 2.52 -22.14 -25.60
C LEU C 165 1.77 -20.97 -24.98
N LEU C 166 0.60 -21.26 -24.43
CA LEU C 166 -0.14 -20.33 -23.59
C LEU C 166 0.25 -20.75 -22.17
N ARG C 167 0.74 -19.81 -21.36
CA ARG C 167 1.18 -20.08 -20.00
C ARG C 167 0.11 -20.76 -19.12
N THR C 168 0.57 -21.80 -18.40
CA THR C 168 -0.19 -22.68 -17.50
C THR C 168 -0.26 -22.07 -16.08
N HIS C 169 0.57 -21.04 -15.85
CA HIS C 169 0.73 -20.32 -14.57
C HIS C 169 1.40 -18.98 -14.81
N THR C 170 1.48 -18.15 -13.77
CA THR C 170 2.16 -16.86 -13.82
C THR C 170 3.58 -17.00 -13.31
N SER C 171 4.02 -18.25 -12.99
CA SER C 171 5.38 -18.57 -12.53
C SER C 171 6.42 -18.02 -13.52
N PRO C 172 6.24 -18.12 -14.90
CA PRO C 172 7.21 -17.53 -15.83
C PRO C 172 7.55 -16.06 -15.60
N VAL C 173 6.62 -15.29 -15.04
CA VAL C 173 6.80 -13.87 -14.73
C VAL C 173 7.84 -13.74 -13.61
N GLN C 174 7.74 -14.61 -12.59
CA GLN C 174 8.68 -14.69 -11.48
C GLN C 174 10.07 -15.12 -11.97
N VAL C 175 10.12 -15.91 -13.05
CA VAL C 175 11.37 -16.35 -13.67
C VAL C 175 12.03 -15.15 -14.36
N ARG C 176 11.25 -14.45 -15.19
CA ARG C 176 11.71 -13.28 -15.93
C ARG C 176 12.25 -12.20 -14.98
N THR C 177 11.65 -12.12 -13.76
CA THR C 177 12.09 -11.20 -12.72
C THR C 177 13.46 -11.60 -12.13
N MET C 178 13.66 -12.92 -11.83
CA MET C 178 14.88 -13.53 -11.31
C MET C 178 16.08 -13.39 -12.25
N GLU C 179 15.79 -13.36 -13.55
CA GLU C 179 16.78 -13.22 -14.61
C GLU C 179 17.18 -11.74 -14.71
N SER C 180 16.18 -10.83 -14.69
CA SER C 180 16.37 -9.38 -14.80
C SER C 180 17.13 -8.72 -13.61
N GLN C 181 16.91 -9.21 -12.37
CA GLN C 181 17.50 -8.66 -11.14
C GLN C 181 18.09 -9.69 -10.17
N GLN C 182 18.90 -9.21 -9.18
CA GLN C 182 19.52 -10.02 -8.12
C GLN C 182 18.73 -9.80 -6.80
N PRO C 183 18.73 -10.71 -5.80
CA PRO C 183 17.93 -10.48 -4.58
C PRO C 183 18.29 -9.20 -3.83
N PRO C 184 17.37 -8.58 -3.05
CA PRO C 184 16.00 -9.02 -2.72
C PRO C 184 15.00 -8.88 -3.85
N ILE C 185 14.05 -9.82 -3.91
CA ILE C 185 12.93 -9.86 -4.83
C ILE C 185 11.66 -10.05 -3.96
N ARG C 186 10.62 -9.20 -4.11
CA ARG C 186 9.31 -9.30 -3.42
C ARG C 186 8.27 -8.98 -4.47
N ILE C 187 7.68 -10.01 -5.08
CA ILE C 187 6.72 -9.78 -6.16
C ILE C 187 5.46 -10.61 -6.05
N VAL C 188 4.38 -10.05 -6.60
CA VAL C 188 3.09 -10.70 -6.74
C VAL C 188 2.78 -10.65 -8.24
N CYS C 189 2.33 -11.78 -8.79
CA CYS C 189 2.10 -11.92 -10.20
C CYS C 189 0.68 -12.36 -10.54
N PRO C 190 -0.26 -11.38 -10.63
CA PRO C 190 -1.63 -11.72 -11.02
C PRO C 190 -1.71 -11.82 -12.56
N GLY C 191 -2.63 -12.64 -13.05
CA GLY C 191 -2.77 -12.75 -14.49
C GLY C 191 -3.63 -13.87 -15.00
N ARG C 192 -3.90 -13.80 -16.31
CA ARG C 192 -4.68 -14.80 -17.02
C ARG C 192 -3.72 -15.95 -17.30
N VAL C 193 -4.17 -17.20 -17.00
CA VAL C 193 -3.47 -18.47 -17.21
C VAL C 193 -4.41 -19.44 -17.93
N TYR C 194 -3.85 -20.43 -18.63
CA TYR C 194 -4.59 -21.35 -19.48
C TYR C 194 -4.27 -22.81 -19.25
N ARG C 195 -5.32 -23.65 -19.28
CA ARG C 195 -5.24 -25.09 -19.10
C ARG C 195 -6.15 -25.78 -20.09
N CYS C 196 -5.61 -26.80 -20.77
CA CYS C 196 -6.29 -27.56 -21.78
C CYS C 196 -7.41 -28.41 -21.21
N ASP C 197 -7.09 -29.27 -20.21
CA ASP C 197 -8.06 -30.16 -19.56
C ASP C 197 -9.13 -29.37 -18.77
N SER C 198 -10.23 -29.05 -19.47
CA SER C 198 -11.36 -28.31 -18.95
C SER C 198 -12.72 -28.96 -19.29
N ASP C 199 -13.76 -28.49 -18.58
CA ASP C 199 -15.17 -28.89 -18.67
C ASP C 199 -15.88 -28.02 -17.64
N LEU C 200 -16.45 -28.69 -16.63
CA LEU C 200 -17.07 -28.07 -15.47
C LEU C 200 -16.00 -28.19 -14.40
N THR C 201 -16.11 -27.39 -13.32
CA THR C 201 -15.15 -27.31 -12.19
C THR C 201 -13.80 -26.67 -12.66
N HIS C 202 -13.50 -26.75 -13.98
CA HIS C 202 -12.29 -26.18 -14.60
C HIS C 202 -12.63 -25.54 -15.94
N SER C 203 -12.10 -24.30 -16.15
CA SER C 203 -12.27 -23.49 -17.37
C SER C 203 -10.95 -23.47 -18.18
N PRO C 204 -10.98 -23.37 -19.54
CA PRO C 204 -9.72 -23.32 -20.31
C PRO C 204 -8.87 -22.07 -20.02
N MET C 205 -9.50 -20.98 -19.57
CA MET C 205 -8.83 -19.75 -19.13
C MET C 205 -9.30 -19.41 -17.73
N PHE C 206 -8.39 -18.88 -16.89
CA PHE C 206 -8.65 -18.43 -15.51
C PHE C 206 -7.56 -17.52 -15.00
N HIS C 207 -7.71 -17.05 -13.76
CA HIS C 207 -6.79 -16.12 -13.15
C HIS C 207 -6.20 -16.65 -11.88
N GLN C 208 -4.93 -16.31 -11.66
CA GLN C 208 -4.22 -16.70 -10.47
C GLN C 208 -3.20 -15.67 -10.07
N VAL C 209 -2.87 -15.62 -8.79
CA VAL C 209 -1.85 -14.72 -8.25
C VAL C 209 -0.75 -15.61 -7.68
N GLU C 210 0.47 -15.37 -8.11
CA GLU C 210 1.63 -16.11 -7.59
C GLU C 210 2.58 -15.16 -6.87
N GLY C 211 3.19 -15.64 -5.80
CA GLY C 211 4.11 -14.81 -5.04
C GLY C 211 5.51 -15.36 -4.96
N LEU C 212 6.48 -14.46 -4.80
CA LEU C 212 7.91 -14.83 -4.69
C LEU C 212 8.64 -13.83 -3.82
N LEU C 213 9.41 -14.35 -2.85
CA LEU C 213 10.27 -13.57 -1.97
C LEU C 213 11.61 -14.29 -1.93
N VAL C 214 12.68 -13.61 -2.37
CA VAL C 214 14.03 -14.18 -2.36
C VAL C 214 14.93 -13.21 -1.63
N ASP C 215 15.47 -13.62 -0.49
CA ASP C 215 16.39 -12.79 0.32
C ASP C 215 17.49 -13.64 0.97
N GLU C 216 18.28 -13.06 1.90
CA GLU C 216 19.42 -13.77 2.49
C GLU C 216 19.05 -14.82 3.52
N GLY C 217 18.16 -14.56 4.46
CA GLY C 217 17.84 -15.62 5.43
C GLY C 217 16.37 -15.97 5.56
N VAL C 218 15.76 -16.45 4.46
CA VAL C 218 14.34 -16.80 4.42
C VAL C 218 14.09 -18.25 4.87
N SER C 219 13.06 -18.47 5.73
CA SER C 219 12.73 -19.79 6.26
C SER C 219 11.29 -20.20 5.95
N PHE C 220 10.99 -21.46 6.24
CA PHE C 220 9.67 -22.04 6.12
C PHE C 220 8.75 -21.41 7.17
N ALA C 221 9.34 -20.93 8.30
CA ALA C 221 8.62 -20.26 9.38
C ALA C 221 8.12 -18.94 8.82
N ASP C 222 9.00 -18.24 8.05
CA ASP C 222 8.67 -16.97 7.37
C ASP C 222 7.48 -17.18 6.43
N LEU C 223 7.49 -18.29 5.65
CA LEU C 223 6.45 -18.66 4.71
C LEU C 223 5.12 -18.90 5.40
N LYS C 224 5.12 -19.66 6.52
CA LYS C 224 3.92 -19.96 7.29
C LYS C 224 3.27 -18.68 7.79
N GLY C 225 4.08 -17.80 8.36
CA GLY C 225 3.64 -16.51 8.90
C GLY C 225 2.95 -15.67 7.85
N THR C 226 3.62 -15.52 6.67
CA THR C 226 3.15 -14.79 5.50
C THR C 226 1.75 -15.31 5.04
N ILE C 227 1.65 -16.62 4.78
CA ILE C 227 0.44 -17.26 4.28
C ILE C 227 -0.73 -17.12 5.29
N GLU C 228 -0.49 -17.48 6.56
CA GLU C 228 -1.50 -17.42 7.60
C GLU C 228 -2.07 -15.97 7.75
N GLU C 229 -1.18 -14.97 7.75
CA GLU C 229 -1.58 -13.59 7.85
C GLU C 229 -2.27 -13.10 6.59
N PHE C 230 -1.86 -13.61 5.42
CA PHE C 230 -2.52 -13.23 4.19
C PHE C 230 -3.98 -13.68 4.20
N LEU C 231 -4.19 -14.96 4.48
CA LEU C 231 -5.53 -15.55 4.50
C LEU C 231 -6.48 -14.87 5.48
N ARG C 232 -6.00 -14.51 6.70
CA ARG C 232 -6.81 -13.82 7.71
C ARG C 232 -7.22 -12.46 7.23
N ALA C 233 -6.25 -11.75 6.58
CA ALA C 233 -6.42 -10.42 5.98
C ALA C 233 -7.45 -10.48 4.86
N PHE C 234 -7.29 -11.49 3.97
CA PHE C 234 -8.16 -11.71 2.82
C PHE C 234 -9.61 -12.04 3.19
N PHE C 235 -9.80 -12.98 4.11
CA PHE C 235 -11.14 -13.43 4.48
C PHE C 235 -11.71 -12.66 5.63
N GLU C 236 -10.98 -11.62 6.11
CA GLU C 236 -11.41 -10.72 7.19
C GLU C 236 -11.88 -11.49 8.45
N LYS C 237 -11.16 -12.56 8.84
CA LYS C 237 -11.47 -13.41 10.01
C LYS C 237 -10.17 -13.92 10.60
N GLN C 238 -10.13 -14.19 11.93
CA GLN C 238 -8.93 -14.78 12.58
C GLN C 238 -9.09 -16.29 12.55
N LEU C 239 -9.23 -16.83 11.33
CA LEU C 239 -9.46 -18.24 11.03
C LEU C 239 -8.25 -19.15 11.26
N GLU C 240 -8.54 -20.46 11.41
CA GLU C 240 -7.49 -21.46 11.58
C GLU C 240 -6.90 -21.78 10.24
N VAL C 241 -5.56 -21.83 10.18
CA VAL C 241 -4.81 -22.15 8.96
C VAL C 241 -4.03 -23.45 9.17
N ARG C 242 -4.17 -24.37 8.20
CA ARG C 242 -3.52 -25.68 8.20
C ARG C 242 -2.56 -25.78 7.02
N PHE C 243 -1.35 -26.29 7.30
CA PHE C 243 -0.32 -26.55 6.29
C PHE C 243 -0.14 -28.07 6.16
N ARG C 244 -0.49 -28.64 5.00
CA ARG C 244 -0.33 -30.08 4.72
C ARG C 244 0.83 -30.30 3.77
N PRO C 245 1.76 -31.25 4.05
CA PRO C 245 2.85 -31.50 3.08
C PRO C 245 2.31 -31.93 1.72
N SER C 246 2.85 -31.35 0.66
CA SER C 246 2.49 -31.69 -0.70
C SER C 246 3.77 -31.70 -1.53
N PHE C 247 3.62 -31.69 -2.87
CA PHE C 247 4.72 -31.70 -3.78
C PHE C 247 4.50 -30.77 -4.95
N PHE C 248 5.60 -30.17 -5.44
CA PHE C 248 5.72 -29.35 -6.63
C PHE C 248 7.16 -29.47 -7.13
N PRO C 249 7.39 -29.48 -8.44
CA PRO C 249 8.78 -29.57 -8.93
C PRO C 249 9.62 -28.32 -8.62
N PHE C 250 8.98 -27.15 -8.56
CA PHE C 250 9.59 -25.83 -8.31
C PHE C 250 9.81 -25.48 -6.84
N THR C 251 9.20 -26.23 -5.90
CA THR C 251 9.37 -25.99 -4.46
C THR C 251 9.71 -27.25 -3.66
N GLU C 252 10.45 -27.09 -2.56
CA GLU C 252 10.81 -28.15 -1.62
C GLU C 252 11.34 -27.55 -0.30
N PRO C 253 10.69 -27.80 0.87
CA PRO C 253 9.41 -28.48 1.07
C PRO C 253 8.24 -27.68 0.51
N SER C 254 7.09 -28.32 0.36
CA SER C 254 5.90 -27.72 -0.20
C SER C 254 4.68 -28.03 0.67
N ALA C 255 3.66 -27.16 0.59
CA ALA C 255 2.44 -27.37 1.35
C ALA C 255 1.17 -26.96 0.62
N GLU C 256 0.07 -27.67 0.94
CA GLU C 256 -1.26 -27.33 0.47
C GLU C 256 -1.86 -26.65 1.69
N VAL C 257 -2.45 -25.46 1.48
CA VAL C 257 -2.98 -24.67 2.57
C VAL C 257 -4.50 -24.74 2.62
N ASP C 258 -4.97 -25.16 3.80
CA ASP C 258 -6.36 -25.34 4.19
C ASP C 258 -6.76 -24.28 5.22
N ILE C 259 -8.06 -23.95 5.22
CA ILE C 259 -8.73 -23.03 6.15
C ILE C 259 -10.05 -23.70 6.53
N GLN C 260 -10.60 -23.39 7.70
CA GLN C 260 -11.87 -23.97 8.12
C GLN C 260 -13.06 -23.54 7.22
N CYS C 261 -14.25 -24.21 7.40
CA CYS C 261 -15.58 -24.09 6.76
C CYS C 261 -15.86 -25.30 5.83
N GLY C 276 -14.06 -30.69 7.85
CA GLY C 276 -14.34 -29.28 8.15
C GLY C 276 -13.28 -28.29 7.71
N TRP C 277 -12.54 -28.62 6.62
CA TRP C 277 -11.44 -27.84 6.05
C TRP C 277 -11.56 -27.72 4.56
N LEU C 278 -11.03 -26.61 4.01
CA LEU C 278 -11.02 -26.27 2.60
C LEU C 278 -9.60 -25.94 2.14
N GLU C 279 -9.18 -26.53 1.02
CA GLU C 279 -7.86 -26.22 0.44
C GLU C 279 -8.04 -24.92 -0.38
N VAL C 280 -7.25 -23.87 -0.10
CA VAL C 280 -7.39 -22.60 -0.80
C VAL C 280 -6.20 -22.15 -1.63
N MET C 281 -5.01 -22.65 -1.29
CA MET C 281 -3.79 -22.31 -2.00
C MET C 281 -2.63 -23.26 -1.69
N GLY C 282 -1.55 -23.12 -2.43
CA GLY C 282 -0.32 -23.88 -2.26
C GLY C 282 0.86 -22.93 -2.13
N CYS C 283 1.96 -23.45 -1.61
CA CYS C 283 3.20 -22.70 -1.40
C CYS C 283 4.34 -23.70 -1.24
N GLY C 284 5.51 -23.18 -0.88
CA GLY C 284 6.71 -23.96 -0.67
C GLY C 284 7.95 -23.10 -0.73
N MET C 285 9.08 -23.68 -0.33
CA MET C 285 10.39 -23.02 -0.35
C MET C 285 10.93 -23.22 -1.75
N VAL C 286 11.41 -22.16 -2.42
CA VAL C 286 11.92 -22.29 -3.80
C VAL C 286 12.99 -23.41 -3.93
N HIS C 287 12.85 -24.25 -4.95
CA HIS C 287 13.81 -25.35 -5.17
C HIS C 287 15.23 -24.81 -5.50
N PRO C 288 16.31 -25.40 -4.90
CA PRO C 288 17.68 -24.94 -5.23
C PRO C 288 17.96 -24.87 -6.72
N ASN C 289 17.52 -25.90 -7.50
CA ASN C 289 17.71 -25.91 -8.95
C ASN C 289 17.03 -24.73 -9.66
N VAL C 290 15.87 -24.28 -9.15
CA VAL C 290 15.11 -23.14 -9.72
C VAL C 290 15.92 -21.83 -9.63
N LEU C 291 16.53 -21.61 -8.46
CA LEU C 291 17.38 -20.46 -8.21
C LEU C 291 18.63 -20.56 -9.05
N ARG C 292 19.35 -21.69 -8.94
CA ARG C 292 20.59 -22.01 -9.65
C ARG C 292 20.46 -21.72 -11.13
N MET C 293 19.35 -22.19 -11.75
CA MET C 293 19.02 -22.00 -13.16
C MET C 293 18.88 -20.54 -13.55
N SER C 294 18.47 -19.69 -12.59
CA SER C 294 18.30 -18.25 -12.82
C SER C 294 19.41 -17.40 -12.14
N ASN C 295 20.63 -17.98 -12.06
CA ASN C 295 21.85 -17.40 -11.48
C ASN C 295 21.71 -16.90 -10.00
N ILE C 296 20.87 -17.53 -9.18
CA ILE C 296 20.77 -17.17 -7.77
C ILE C 296 21.41 -18.29 -6.96
N ASP C 297 22.46 -17.98 -6.19
CA ASP C 297 23.20 -18.96 -5.40
C ASP C 297 22.35 -19.47 -4.23
N PRO C 298 21.94 -20.77 -4.27
CA PRO C 298 21.14 -21.33 -3.16
C PRO C 298 21.84 -21.38 -1.80
N GLU C 299 23.18 -21.18 -1.76
CA GLU C 299 23.93 -21.16 -0.50
C GLU C 299 23.78 -19.82 0.21
N LYS C 300 23.73 -18.72 -0.58
CA LYS C 300 23.56 -17.37 -0.07
C LYS C 300 22.09 -16.97 0.01
N PHE C 301 21.27 -17.37 -0.95
CA PHE C 301 19.86 -16.96 -0.94
C PHE C 301 18.86 -18.09 -0.85
N GLN C 302 17.84 -17.87 -0.02
CA GLN C 302 16.71 -18.74 0.23
C GLN C 302 15.51 -17.94 -0.28
N GLY C 303 14.40 -18.62 -0.51
CA GLY C 303 13.18 -17.98 -0.98
C GLY C 303 11.96 -18.85 -0.82
N PHE C 304 10.79 -18.22 -0.83
CA PHE C 304 9.54 -18.93 -0.77
C PHE C 304 8.64 -18.41 -1.86
N ALA C 305 7.77 -19.28 -2.35
CA ALA C 305 6.79 -18.92 -3.37
C ALA C 305 5.44 -19.47 -2.98
N PHE C 306 4.37 -18.89 -3.53
CA PHE C 306 2.99 -19.28 -3.25
C PHE C 306 2.12 -19.07 -4.48
N GLY C 307 1.05 -19.81 -4.56
CA GLY C 307 0.12 -19.74 -5.67
C GLY C 307 -1.31 -19.90 -5.22
N MET C 308 -2.23 -19.21 -5.90
CA MET C 308 -3.65 -19.29 -5.59
C MET C 308 -4.49 -18.98 -6.83
N GLY C 309 -5.67 -19.60 -6.93
CA GLY C 309 -6.62 -19.34 -8.00
C GLY C 309 -7.58 -18.23 -7.59
N ALA C 310 -7.70 -17.18 -8.44
CA ALA C 310 -8.60 -16.05 -8.15
C ALA C 310 -10.06 -16.44 -8.16
N GLU C 311 -10.47 -17.30 -9.12
CA GLU C 311 -11.87 -17.68 -9.23
C GLU C 311 -12.32 -18.46 -8.01
N ARG C 312 -11.48 -19.41 -7.53
CA ARG C 312 -11.74 -20.23 -6.35
C ARG C 312 -11.99 -19.32 -5.14
N LEU C 313 -11.12 -18.31 -4.94
CA LEU C 313 -11.18 -17.33 -3.86
C LEU C 313 -12.44 -16.47 -3.94
N ALA C 314 -12.76 -15.95 -5.15
CA ALA C 314 -13.96 -15.16 -5.46
C ALA C 314 -15.23 -15.97 -5.14
N MET C 315 -15.24 -17.26 -5.53
CA MET C 315 -16.34 -18.18 -5.26
C MET C 315 -16.55 -18.37 -3.74
N LEU C 316 -15.44 -18.46 -2.98
CA LEU C 316 -15.50 -18.62 -1.54
C LEU C 316 -16.04 -17.40 -0.85
N ARG C 317 -15.54 -16.23 -1.32
CA ARG C 317 -15.89 -14.91 -0.83
C ARG C 317 -17.33 -14.50 -1.12
N TYR C 318 -17.79 -14.69 -2.37
CA TYR C 318 -19.08 -14.16 -2.80
C TYR C 318 -20.21 -15.18 -2.86
N GLY C 319 -19.90 -16.45 -2.57
CA GLY C 319 -20.88 -17.52 -2.58
C GLY C 319 -21.26 -17.99 -3.98
N VAL C 320 -20.34 -17.85 -4.95
CA VAL C 320 -20.59 -18.25 -6.33
C VAL C 320 -20.42 -19.80 -6.43
N ASN C 321 -21.51 -20.45 -6.90
CA ASN C 321 -21.70 -21.88 -7.05
C ASN C 321 -21.07 -22.44 -8.33
N ASP C 322 -21.36 -21.80 -9.48
CA ASP C 322 -20.91 -22.22 -10.79
C ASP C 322 -19.85 -21.29 -11.34
N LEU C 323 -18.66 -21.85 -11.57
CA LEU C 323 -17.48 -21.17 -12.10
C LEU C 323 -17.69 -20.62 -13.54
N ARG C 324 -18.65 -21.18 -14.30
CA ARG C 324 -18.92 -20.77 -15.69
C ARG C 324 -19.56 -19.38 -15.81
N LEU C 325 -20.13 -18.86 -14.71
CA LEU C 325 -20.77 -17.55 -14.65
C LEU C 325 -19.76 -16.44 -14.88
N PHE C 326 -18.49 -16.68 -14.51
CA PHE C 326 -17.38 -15.74 -14.64
C PHE C 326 -17.03 -15.34 -16.08
N PHE C 327 -17.28 -16.20 -17.06
CA PHE C 327 -16.89 -15.88 -18.45
C PHE C 327 -18.09 -15.64 -19.40
N ASP C 328 -19.33 -15.76 -18.90
CA ASP C 328 -20.56 -15.54 -19.68
C ASP C 328 -20.87 -14.05 -19.79
N ASN C 329 -20.47 -13.28 -18.74
CA ASN C 329 -20.66 -11.83 -18.61
C ASN C 329 -22.17 -11.45 -18.65
N ASP C 330 -23.05 -12.28 -18.01
CA ASP C 330 -24.46 -11.97 -17.93
C ASP C 330 -24.57 -10.81 -16.96
N LEU C 331 -25.33 -9.77 -17.35
CA LEU C 331 -25.49 -8.57 -16.54
C LEU C 331 -26.18 -8.89 -15.22
N ARG C 332 -27.06 -9.91 -15.23
CA ARG C 332 -27.76 -10.42 -14.07
C ARG C 332 -26.77 -11.02 -13.06
N PHE C 333 -25.59 -11.49 -13.53
CA PHE C 333 -24.50 -11.98 -12.68
C PHE C 333 -23.68 -10.75 -12.23
N LEU C 334 -23.05 -10.07 -13.20
CA LEU C 334 -22.20 -8.92 -13.01
C LEU C 334 -22.76 -7.87 -12.05
N GLY C 335 -24.01 -7.46 -12.26
CA GLY C 335 -24.70 -6.47 -11.44
C GLY C 335 -24.65 -6.68 -9.94
N GLN C 336 -24.57 -7.95 -9.51
CA GLN C 336 -24.50 -8.36 -8.11
C GLN C 336 -23.20 -7.93 -7.36
N PHE C 337 -22.20 -7.39 -8.07
CA PHE C 337 -20.88 -7.01 -7.52
C PHE C 337 -20.59 -5.51 -7.63
N ARG C 338 -21.66 -4.72 -7.75
CA ARG C 338 -21.59 -3.26 -7.81
C ARG C 338 -21.22 -2.64 -6.42
N LEU D 87 -24.62 1.41 -50.70
CA LEU D 87 -24.08 2.24 -49.61
C LEU D 87 -25.13 3.26 -49.11
N ALA D 88 -25.80 2.87 -48.01
CA ALA D 88 -26.76 3.69 -47.27
C ALA D 88 -25.97 4.25 -46.09
N ALA D 89 -24.63 3.97 -46.11
CA ALA D 89 -23.62 4.39 -45.14
C ALA D 89 -23.36 5.90 -45.30
N GLU D 90 -24.44 6.63 -45.63
CA GLU D 90 -24.47 8.07 -45.81
C GLU D 90 -25.13 8.77 -44.61
N ARG D 91 -25.14 8.05 -43.48
CA ARG D 91 -25.55 8.57 -42.18
C ARG D 91 -24.26 8.99 -41.43
N ILE D 92 -23.42 9.75 -42.16
CA ILE D 92 -22.13 10.30 -41.74
C ILE D 92 -22.31 11.41 -40.68
N ASP D 93 -21.25 11.65 -39.89
CA ASP D 93 -21.16 12.67 -38.84
C ASP D 93 -19.71 13.13 -38.73
N VAL D 94 -19.41 14.30 -38.07
CA VAL D 94 -18.01 14.72 -37.91
C VAL D 94 -17.50 14.31 -36.51
N THR D 95 -16.36 14.89 -36.06
CA THR D 95 -15.75 14.57 -34.78
C THR D 95 -15.73 15.90 -33.92
N LEU D 96 -16.98 16.21 -33.57
CA LEU D 96 -17.47 17.25 -32.71
C LEU D 96 -17.20 16.80 -31.31
N PRO D 97 -17.27 17.69 -30.29
CA PRO D 97 -17.05 17.22 -28.90
C PRO D 97 -18.08 16.16 -28.45
N GLY D 98 -17.69 15.38 -27.45
CA GLY D 98 -18.55 14.36 -26.86
C GLY D 98 -19.70 14.97 -26.09
N ARG D 99 -20.77 14.18 -25.83
CA ARG D 99 -21.92 14.71 -25.08
C ARG D 99 -21.79 14.51 -23.59
N GLY D 100 -22.36 15.47 -22.85
CA GLY D 100 -22.51 15.41 -21.42
C GLY D 100 -21.37 15.97 -20.63
N GLN D 101 -21.45 15.64 -19.35
CA GLN D 101 -20.58 15.95 -18.24
C GLN D 101 -19.21 15.30 -18.38
N LEU D 102 -18.18 16.03 -18.03
CA LEU D 102 -16.86 15.43 -17.98
C LEU D 102 -16.33 15.54 -16.55
N SER D 103 -15.09 15.13 -16.30
CA SER D 103 -14.59 15.16 -14.94
C SER D 103 -14.29 16.57 -14.41
N GLY D 104 -14.29 16.68 -13.07
CA GLY D 104 -13.89 17.87 -12.35
C GLY D 104 -12.45 17.64 -11.94
N GLY D 105 -12.16 17.77 -10.65
CA GLY D 105 -10.83 17.54 -10.14
C GLY D 105 -10.66 17.68 -8.66
N LEU D 106 -9.46 17.35 -8.16
CA LEU D 106 -9.16 17.47 -6.74
C LEU D 106 -8.40 18.76 -6.47
N HIS D 107 -8.35 19.14 -5.22
CA HIS D 107 -7.64 20.31 -4.76
C HIS D 107 -6.14 19.93 -4.73
N PRO D 108 -5.22 20.86 -5.12
CA PRO D 108 -3.79 20.52 -5.14
C PRO D 108 -3.21 20.02 -3.82
N VAL D 109 -3.70 20.50 -2.66
CA VAL D 109 -3.29 20.02 -1.32
C VAL D 109 -3.68 18.54 -1.16
N THR D 110 -4.94 18.20 -1.50
CA THR D 110 -5.44 16.81 -1.44
C THR D 110 -4.57 15.86 -2.25
N ARG D 111 -4.20 16.26 -3.48
CA ARG D 111 -3.32 15.50 -4.38
C ARG D 111 -2.00 15.27 -3.67
N THR D 112 -1.45 16.33 -3.08
CA THR D 112 -0.19 16.28 -2.39
C THR D 112 -0.25 15.33 -1.16
N LEU D 113 -1.28 15.46 -0.28
CA LEU D 113 -1.43 14.59 0.87
C LEU D 113 -1.53 13.11 0.42
N GLU D 114 -2.37 12.82 -0.59
CA GLU D 114 -2.50 11.46 -1.10
C GLU D 114 -1.10 10.90 -1.42
N ARG D 115 -0.33 11.63 -2.24
CA ARG D 115 1.01 11.29 -2.67
C ARG D 115 1.97 11.03 -1.48
N ILE D 116 2.00 11.91 -0.47
CA ILE D 116 2.86 11.75 0.70
C ILE D 116 2.50 10.45 1.43
N GLU D 117 1.20 10.22 1.68
CA GLU D 117 0.73 8.99 2.33
C GLU D 117 1.16 7.73 1.60
N GLN D 118 1.02 7.73 0.26
CA GLN D 118 1.34 6.59 -0.59
C GLN D 118 2.79 6.18 -0.49
N CYS D 119 3.72 7.16 -0.35
CA CYS D 119 5.15 6.87 -0.22
C CYS D 119 5.46 5.95 1.00
N PHE D 120 4.68 6.10 2.10
CA PHE D 120 4.82 5.36 3.33
C PHE D 120 3.86 4.17 3.49
N SER D 121 2.58 4.30 3.04
CA SER D 121 1.60 3.20 3.18
C SER D 121 2.00 1.95 2.45
N ARG D 122 2.80 2.11 1.38
CA ARG D 122 3.36 1.05 0.53
C ARG D 122 4.48 0.28 1.23
N ILE D 123 4.87 0.75 2.41
CA ILE D 123 6.01 0.25 3.15
C ILE D 123 5.61 -0.13 4.57
N GLY D 124 4.31 -0.21 4.81
CA GLY D 124 3.78 -0.59 6.12
C GLY D 124 3.29 0.52 7.04
N TYR D 125 3.29 1.77 6.59
CA TYR D 125 2.80 2.82 7.47
C TYR D 125 1.27 2.91 7.45
N GLU D 126 0.68 3.04 8.62
CA GLU D 126 -0.76 3.17 8.81
C GLU D 126 -1.12 4.64 8.86
N VAL D 127 -2.25 4.99 8.27
CA VAL D 127 -2.71 6.37 8.29
C VAL D 127 -3.50 6.55 9.57
N ALA D 128 -3.07 7.53 10.39
CA ALA D 128 -3.68 7.84 11.68
C ALA D 128 -4.30 9.22 11.66
N GLU D 129 -5.52 9.31 12.22
CA GLU D 129 -6.25 10.56 12.34
C GLU D 129 -6.65 10.80 13.77
N GLY D 130 -6.83 12.07 14.09
CA GLY D 130 -7.25 12.52 15.41
C GLY D 130 -8.13 13.75 15.35
N PRO D 131 -8.59 14.24 16.52
CA PRO D 131 -9.43 15.45 16.53
C PRO D 131 -8.61 16.73 16.29
N GLU D 132 -9.27 17.77 15.73
CA GLU D 132 -8.64 19.07 15.46
C GLU D 132 -8.70 19.98 16.70
N VAL D 133 -9.74 19.75 17.56
CA VAL D 133 -9.89 20.43 18.84
C VAL D 133 -9.26 19.47 19.85
N GLU D 134 -8.10 19.87 20.36
CA GLU D 134 -7.26 19.09 21.23
C GLU D 134 -7.04 19.69 22.62
N ASP D 135 -6.44 18.89 23.53
CA ASP D 135 -6.09 19.33 24.87
C ASP D 135 -4.58 19.62 24.96
N ASP D 136 -4.19 20.45 25.93
CA ASP D 136 -2.79 20.84 26.16
C ASP D 136 -1.87 19.62 26.47
N TYR D 137 -2.42 18.52 27.06
CA TYR D 137 -1.59 17.35 27.31
C TYR D 137 -1.12 16.74 26.01
N HIS D 138 -2.06 16.40 25.13
CA HIS D 138 -1.74 15.78 23.86
C HIS D 138 -0.96 16.70 22.92
N ASN D 139 -1.34 17.99 22.88
CA ASN D 139 -0.74 18.95 21.98
C ASN D 139 0.63 19.47 22.41
N PHE D 140 0.86 19.57 23.74
CA PHE D 140 2.11 20.11 24.23
C PHE D 140 2.86 19.23 25.25
N GLU D 141 2.23 18.96 26.39
CA GLU D 141 2.87 18.28 27.51
C GLU D 141 3.50 16.96 27.15
N ALA D 142 2.76 16.11 26.44
CA ALA D 142 3.20 14.80 25.98
C ALA D 142 4.39 14.88 25.00
N LEU D 143 4.64 16.08 24.44
CA LEU D 143 5.68 16.33 23.46
C LEU D 143 6.89 17.07 23.98
N ASN D 144 7.06 17.05 25.32
CA ASN D 144 8.16 17.67 26.05
C ASN D 144 8.20 19.19 25.89
N ILE D 145 7.01 19.81 25.72
CA ILE D 145 6.83 21.28 25.65
C ILE D 145 6.33 21.74 27.04
N PRO D 146 7.24 22.31 27.88
CA PRO D 146 6.83 22.73 29.25
C PRO D 146 5.75 23.82 29.28
N GLY D 147 5.04 23.95 30.41
CA GLY D 147 3.98 24.92 30.59
C GLY D 147 4.32 26.37 30.30
N HIS D 148 5.60 26.75 30.51
CA HIS D 148 6.11 28.11 30.33
C HIS D 148 6.67 28.38 28.92
N HIS D 149 6.60 27.37 28.02
CA HIS D 149 7.13 27.42 26.66
C HIS D 149 6.36 28.41 25.74
N PRO D 150 7.09 29.28 25.00
CA PRO D 150 6.44 30.30 24.15
C PRO D 150 5.48 29.80 23.06
N ALA D 151 5.62 28.54 22.63
CA ALA D 151 4.73 27.95 21.63
C ALA D 151 3.27 27.89 22.14
N ARG D 152 3.11 27.70 23.47
CA ARG D 152 1.80 27.60 24.15
C ARG D 152 1.03 28.91 24.17
N ALA D 153 1.72 30.07 24.18
CA ALA D 153 1.13 31.41 24.20
C ALA D 153 0.04 31.67 23.12
N MET D 154 -0.87 32.60 23.43
CA MET D 154 -1.98 33.04 22.58
C MET D 154 -1.50 33.82 21.37
N HIS D 155 -0.19 34.10 21.30
CA HIS D 155 0.36 34.76 20.14
C HIS D 155 0.53 33.75 18.98
N ASP D 156 0.58 32.42 19.29
CA ASP D 156 0.79 31.32 18.34
C ASP D 156 -0.34 30.28 18.32
N THR D 157 -0.96 30.05 19.48
CA THR D 157 -1.99 29.03 19.66
C THR D 157 -3.39 29.61 19.84
N PHE D 158 -4.36 29.01 19.13
CA PHE D 158 -5.78 29.34 19.19
C PHE D 158 -6.38 28.55 20.34
N TYR D 159 -7.08 29.23 21.24
CA TYR D 159 -7.64 28.61 22.44
C TYR D 159 -9.13 28.74 22.53
N PHE D 160 -9.78 27.77 23.20
CA PHE D 160 -11.22 27.81 23.48
C PHE D 160 -11.37 28.23 24.95
N ASN D 161 -10.53 27.62 25.80
CA ASN D 161 -10.40 27.88 27.23
C ASN D 161 -8.94 27.58 27.64
N ALA D 162 -8.69 27.46 28.94
CA ALA D 162 -7.36 27.24 29.51
C ALA D 162 -6.66 25.96 29.03
N ASN D 163 -7.45 24.91 28.75
CA ASN D 163 -6.96 23.57 28.44
C ASN D 163 -7.22 23.11 26.99
N MET D 164 -8.26 23.64 26.38
CA MET D 164 -8.71 23.28 25.04
C MET D 164 -8.30 24.30 23.99
N LEU D 165 -7.79 23.78 22.88
CA LEU D 165 -7.21 24.53 21.76
C LEU D 165 -7.48 23.91 20.39
N LEU D 166 -7.07 24.61 19.34
CA LEU D 166 -7.02 24.07 18.00
C LEU D 166 -5.57 23.62 17.84
N ARG D 167 -5.36 22.35 17.46
CA ARG D 167 -4.02 21.77 17.31
C ARG D 167 -3.11 22.58 16.37
N THR D 168 -1.86 22.77 16.85
CA THR D 168 -0.76 23.51 16.20
C THR D 168 0.03 22.59 15.25
N HIS D 169 -0.22 21.27 15.36
CA HIS D 169 0.42 20.18 14.60
C HIS D 169 -0.42 18.93 14.69
N THR D 170 -0.05 17.88 13.94
CA THR D 170 -0.72 16.59 13.96
C THR D 170 0.02 15.65 14.93
N SER D 171 1.06 16.16 15.64
CA SER D 171 1.83 15.41 16.64
C SER D 171 0.90 14.77 17.69
N PRO D 172 -0.18 15.46 18.19
CA PRO D 172 -1.11 14.81 19.15
C PRO D 172 -1.70 13.47 18.69
N VAL D 173 -1.84 13.28 17.37
CA VAL D 173 -2.35 12.04 16.79
C VAL D 173 -1.35 10.90 17.06
N GLN D 174 -0.05 11.22 16.88
CA GLN D 174 1.05 10.29 17.16
C GLN D 174 1.13 9.95 18.65
N VAL D 175 0.70 10.88 19.51
CA VAL D 175 0.66 10.68 20.95
C VAL D 175 -0.47 9.70 21.26
N ARG D 176 -1.67 9.96 20.72
CA ARG D 176 -2.86 9.14 20.94
C ARG D 176 -2.61 7.71 20.47
N THR D 177 -1.77 7.55 19.41
CA THR D 177 -1.38 6.24 18.91
C THR D 177 -0.45 5.49 19.90
N MET D 178 0.57 6.19 20.46
CA MET D 178 1.53 5.68 21.45
C MET D 178 0.88 5.23 22.75
N GLU D 179 -0.23 5.89 23.10
CA GLU D 179 -1.02 5.59 24.30
C GLU D 179 -1.89 4.34 24.04
N SER D 180 -2.53 4.29 22.87
CA SER D 180 -3.41 3.19 22.46
C SER D 180 -2.69 1.82 22.25
N GLN D 181 -1.44 1.83 21.70
CA GLN D 181 -0.66 0.62 21.39
C GLN D 181 0.80 0.63 21.84
N GLN D 182 1.45 -0.55 21.83
CA GLN D 182 2.86 -0.74 22.18
C GLN D 182 3.68 -0.94 20.84
N PRO D 183 5.01 -0.66 20.78
CA PRO D 183 5.74 -0.83 19.51
C PRO D 183 5.66 -2.26 18.91
N PRO D 184 5.80 -2.43 17.57
CA PRO D 184 6.10 -1.42 16.52
C PRO D 184 4.94 -0.50 16.20
N ILE D 185 5.27 0.75 15.90
CA ILE D 185 4.36 1.81 15.47
C ILE D 185 4.98 2.37 14.16
N ARG D 186 4.19 2.44 13.08
CA ARG D 186 4.59 3.04 11.79
C ARG D 186 3.38 3.82 11.32
N ILE D 187 3.39 5.12 11.54
CA ILE D 187 2.23 5.94 11.18
C ILE D 187 2.58 7.23 10.46
N VAL D 188 1.63 7.69 9.64
CA VAL D 188 1.66 8.97 8.96
C VAL D 188 0.38 9.67 9.36
N CYS D 189 0.49 10.95 9.73
CA CYS D 189 -0.63 11.72 10.24
C CYS D 189 -0.89 13.01 9.44
N PRO D 190 -1.68 12.88 8.36
CA PRO D 190 -2.02 14.09 7.57
C PRO D 190 -3.20 14.78 8.21
N GLY D 191 -3.28 16.11 8.06
CA GLY D 191 -4.41 16.81 8.66
C GLY D 191 -4.33 18.31 8.64
N ARG D 192 -5.47 18.92 8.98
CA ARG D 192 -5.59 20.36 9.11
C ARG D 192 -5.00 20.72 10.48
N VAL D 193 -4.14 21.77 10.50
CA VAL D 193 -3.46 22.33 11.69
C VAL D 193 -3.66 23.83 11.68
N TYR D 194 -3.58 24.47 12.87
CA TYR D 194 -3.87 25.89 13.03
C TYR D 194 -2.81 26.64 13.80
N ARG D 195 -2.52 27.87 13.33
CA ARG D 195 -1.56 28.77 13.95
C ARG D 195 -2.13 30.17 13.98
N CYS D 196 -2.00 30.81 15.15
CA CYS D 196 -2.50 32.15 15.39
C CYS D 196 -1.73 33.21 14.61
N ASP D 197 -0.38 33.25 14.77
CA ASP D 197 0.51 34.19 14.08
C ASP D 197 0.52 33.98 12.53
N SER D 198 -0.40 34.66 11.86
CA SER D 198 -0.59 34.60 10.41
C SER D 198 -0.73 36.01 9.78
N ASP D 199 -0.67 36.04 8.43
CA ASP D 199 -0.82 37.19 7.53
C ASP D 199 -0.60 36.64 6.13
N LEU D 200 0.50 37.08 5.50
CA LEU D 200 0.97 36.60 4.21
C LEU D 200 2.09 35.65 4.60
N THR D 201 2.49 34.76 3.66
CA THR D 201 3.53 33.72 3.82
C THR D 201 3.04 32.63 4.83
N HIS D 202 2.07 32.96 5.72
CA HIS D 202 1.48 32.06 6.72
C HIS D 202 -0.02 32.30 6.83
N SER D 203 -0.80 31.19 6.82
CA SER D 203 -2.25 31.16 6.92
C SER D 203 -2.69 30.66 8.32
N PRO D 204 -3.85 31.12 8.88
CA PRO D 204 -4.29 30.61 10.21
C PRO D 204 -4.62 29.11 10.22
N MET D 205 -4.95 28.54 9.05
CA MET D 205 -5.20 27.11 8.84
C MET D 205 -4.34 26.64 7.67
N PHE D 206 -3.80 25.40 7.78
CA PHE D 206 -2.98 24.72 6.77
C PHE D 206 -2.90 23.24 7.03
N HIS D 207 -2.20 22.53 6.16
CA HIS D 207 -2.08 21.08 6.22
C HIS D 207 -0.66 20.63 6.34
N GLN D 208 -0.45 19.58 7.14
CA GLN D 208 0.83 18.97 7.32
C GLN D 208 0.73 17.48 7.52
N VAL D 209 1.80 16.74 7.19
CA VAL D 209 1.88 15.30 7.39
C VAL D 209 3.03 15.08 8.37
N GLU D 210 2.76 14.35 9.44
CA GLU D 210 3.78 13.99 10.41
C GLU D 210 4.00 12.48 10.46
N GLY D 211 5.23 12.04 10.65
CA GLY D 211 5.54 10.63 10.68
C GLY D 211 6.16 10.16 11.98
N LEU D 212 5.95 8.88 12.30
CA LEU D 212 6.50 8.26 13.50
C LEU D 212 6.75 6.78 13.29
N LEU D 213 7.95 6.33 13.66
CA LEU D 213 8.35 4.94 13.61
C LEU D 213 9.00 4.63 14.94
N VAL D 214 8.45 3.67 15.69
CA VAL D 214 9.00 3.26 16.98
C VAL D 214 9.18 1.76 16.92
N ASP D 215 10.45 1.28 16.98
CA ASP D 215 10.75 -0.16 16.99
C ASP D 215 11.95 -0.46 17.89
N GLU D 216 12.47 -1.71 17.87
CA GLU D 216 13.54 -2.10 18.77
C GLU D 216 14.91 -1.53 18.43
N GLY D 217 15.35 -1.55 17.18
CA GLY D 217 16.67 -1.02 16.87
C GLY D 217 16.74 0.07 15.82
N VAL D 218 16.09 1.22 16.09
CA VAL D 218 16.04 2.33 15.13
C VAL D 218 17.21 3.32 15.31
N SER D 219 17.85 3.75 14.19
CA SER D 219 18.97 4.71 14.23
C SER D 219 18.72 5.97 13.43
N PHE D 220 19.63 6.95 13.58
CA PHE D 220 19.62 8.20 12.85
C PHE D 220 19.95 7.92 11.38
N ALA D 221 20.69 6.82 11.12
CA ALA D 221 21.04 6.36 9.77
C ALA D 221 19.74 5.93 9.10
N ASP D 222 18.87 5.20 9.86
CA ASP D 222 17.54 4.75 9.40
C ASP D 222 16.71 5.96 8.99
N LEU D 223 16.72 7.03 9.82
CA LEU D 223 15.99 8.26 9.59
C LEU D 223 16.46 8.98 8.32
N LYS D 224 17.78 9.10 8.12
CA LYS D 224 18.35 9.73 6.95
C LYS D 224 17.91 9.00 5.67
N GLY D 225 18.00 7.66 5.68
CA GLY D 225 17.61 6.80 4.57
C GLY D 225 16.16 6.99 4.16
N THR D 226 15.27 6.96 5.16
CA THR D 226 13.84 7.16 5.05
C THR D 226 13.51 8.53 4.37
N ILE D 227 14.02 9.63 4.96
CA ILE D 227 13.78 10.98 4.49
C ILE D 227 14.31 11.19 3.07
N GLU D 228 15.56 10.82 2.82
CA GLU D 228 16.20 10.97 1.52
C GLU D 228 15.41 10.25 0.42
N GLU D 229 15.01 9.00 0.69
CA GLU D 229 14.23 8.22 -0.26
C GLU D 229 12.82 8.74 -0.40
N PHE D 230 12.24 9.30 0.67
CA PHE D 230 10.91 9.87 0.56
C PHE D 230 10.92 11.05 -0.39
N LEU D 231 11.85 12.00 -0.17
CA LEU D 231 11.96 13.18 -1.00
C LEU D 231 12.21 12.87 -2.48
N ARG D 232 13.07 11.88 -2.74
CA ARG D 232 13.41 11.41 -4.08
C ARG D 232 12.16 10.90 -4.80
N ALA D 233 11.39 10.07 -4.07
CA ALA D 233 10.11 9.43 -4.48
C ALA D 233 9.09 10.51 -4.75
N PHE D 234 8.96 11.47 -3.82
CA PHE D 234 8.00 12.56 -3.90
C PHE D 234 8.24 13.51 -5.09
N PHE D 235 9.48 13.96 -5.26
CA PHE D 235 9.81 14.93 -6.31
C PHE D 235 10.21 14.27 -7.60
N GLU D 236 10.14 12.91 -7.66
CA GLU D 236 10.43 12.11 -8.86
C GLU D 236 11.80 12.46 -9.49
N LYS D 237 12.83 12.67 -8.65
CA LYS D 237 14.20 13.00 -9.06
C LYS D 237 15.18 12.37 -8.08
N GLN D 238 16.42 12.06 -8.54
CA GLN D 238 17.47 11.53 -7.67
C GLN D 238 18.28 12.70 -7.11
N LEU D 239 17.56 13.64 -6.46
CA LEU D 239 18.08 14.89 -5.91
C LEU D 239 18.97 14.73 -4.67
N GLU D 240 19.80 15.77 -4.44
CA GLU D 240 20.68 15.81 -3.28
C GLU D 240 19.89 16.23 -2.08
N VAL D 241 20.11 15.50 -0.97
CA VAL D 241 19.44 15.77 0.31
C VAL D 241 20.47 16.15 1.35
N ARG D 242 20.21 17.27 2.05
CA ARG D 242 21.08 17.82 3.10
C ARG D 242 20.36 17.79 4.45
N PHE D 243 21.08 17.34 5.49
CA PHE D 243 20.58 17.30 6.84
C PHE D 243 21.36 18.31 7.69
N ARG D 244 20.70 19.36 8.20
CA ARG D 244 21.34 20.38 9.06
C ARG D 244 20.89 20.22 10.52
N PRO D 245 21.80 20.22 11.51
CA PRO D 245 21.34 20.11 12.91
C PRO D 245 20.42 21.25 13.31
N SER D 246 19.33 20.91 14.00
CA SER D 246 18.35 21.88 14.48
C SER D 246 17.89 21.44 15.85
N PHE D 247 16.78 22.01 16.33
CA PHE D 247 16.25 21.70 17.64
C PHE D 247 14.74 21.60 17.62
N PHE D 248 14.20 20.71 18.46
CA PHE D 248 12.78 20.50 18.75
C PHE D 248 12.69 19.91 20.15
N PRO D 249 11.67 20.29 20.96
CA PRO D 249 11.56 19.70 22.32
C PRO D 249 11.27 18.20 22.31
N PHE D 250 10.55 17.71 21.28
CA PHE D 250 10.11 16.33 21.09
C PHE D 250 11.14 15.40 20.43
N THR D 251 12.22 15.94 19.84
CA THR D 251 13.27 15.13 19.18
C THR D 251 14.69 15.51 19.62
N GLU D 252 15.61 14.54 19.61
CA GLU D 252 17.03 14.71 19.88
C GLU D 252 17.82 13.48 19.42
N PRO D 253 18.79 13.60 18.48
CA PRO D 253 19.15 14.78 17.68
C PRO D 253 18.03 15.14 16.70
N SER D 254 18.09 16.36 16.15
CA SER D 254 17.08 16.86 15.22
C SER D 254 17.76 17.49 14.00
N ALA D 255 17.02 17.52 12.88
CA ALA D 255 17.55 18.10 11.65
C ALA D 255 16.51 18.87 10.82
N GLU D 256 16.99 19.91 10.12
CA GLU D 256 16.21 20.64 9.13
C GLU D 256 16.70 20.04 7.80
N VAL D 257 15.75 19.63 6.96
CA VAL D 257 16.09 18.99 5.71
C VAL D 257 15.92 19.92 4.54
N ASP D 258 17.02 20.04 3.77
CA ASP D 258 17.22 20.82 2.57
C ASP D 258 17.35 19.91 1.36
N ILE D 259 16.95 20.44 0.20
CA ILE D 259 17.03 19.82 -1.13
C ILE D 259 17.50 20.91 -2.08
N GLN D 260 18.15 20.54 -3.19
CA GLN D 260 18.60 21.54 -4.15
C GLN D 260 17.42 22.28 -4.81
N CYS D 261 17.68 23.42 -5.46
CA CYS D 261 16.64 24.19 -6.13
C CYS D 261 16.34 23.57 -7.56
N VAL D 262 16.44 22.22 -7.71
CA VAL D 262 16.14 21.47 -8.96
C VAL D 262 14.61 21.45 -9.23
N ILE D 263 13.82 22.02 -8.30
CA ILE D 263 12.37 22.15 -8.46
C ILE D 263 12.03 23.67 -8.34
N CYS D 264 13.07 24.50 -8.52
CA CYS D 264 13.10 25.96 -8.60
C CYS D 264 12.60 26.72 -7.32
N SER D 265 12.56 28.08 -7.46
CA SER D 265 12.04 29.17 -6.61
C SER D 265 11.18 30.01 -7.60
N GLY D 266 10.85 29.37 -8.72
CA GLY D 266 10.10 29.87 -9.87
C GLY D 266 10.43 29.03 -11.08
N ASN D 267 9.54 28.05 -11.44
CA ASN D 267 9.68 27.09 -12.56
C ASN D 267 10.16 27.74 -13.87
N GLY D 276 22.05 27.63 -3.08
CA GLY D 276 21.40 26.69 -4.00
C GLY D 276 20.61 25.54 -3.35
N TRP D 277 20.05 25.80 -2.13
CA TRP D 277 19.31 24.84 -1.31
C TRP D 277 18.04 25.40 -0.77
N LEU D 278 17.05 24.53 -0.50
CA LEU D 278 15.73 24.85 0.01
C LEU D 278 15.42 23.97 1.22
N GLU D 279 14.94 24.57 2.31
CA GLU D 279 14.48 23.82 3.48
C GLU D 279 13.04 23.31 3.18
N VAL D 280 12.79 21.98 3.24
CA VAL D 280 11.46 21.45 2.91
C VAL D 280 10.73 20.75 4.05
N MET D 281 11.49 20.28 5.06
CA MET D 281 10.92 19.54 6.19
C MET D 281 11.91 19.41 7.36
N GLY D 282 11.42 18.93 8.49
CA GLY D 282 12.20 18.66 9.68
C GLY D 282 11.96 17.23 10.14
N CYS D 283 12.85 16.74 11.00
CA CYS D 283 12.82 15.38 11.56
C CYS D 283 13.71 15.33 12.78
N GLY D 284 13.89 14.14 13.31
CA GLY D 284 14.72 13.89 14.48
C GLY D 284 14.39 12.55 15.11
N MET D 285 15.22 12.12 16.06
CA MET D 285 15.06 10.87 16.82
C MET D 285 14.13 11.22 17.97
N VAL D 286 13.07 10.44 18.22
CA VAL D 286 12.13 10.73 19.31
C VAL D 286 12.86 10.95 20.69
N HIS D 287 12.49 12.01 21.41
CA HIS D 287 13.09 12.27 22.72
C HIS D 287 12.73 11.18 23.76
N PRO D 288 13.72 10.69 24.54
CA PRO D 288 13.43 9.69 25.60
C PRO D 288 12.25 10.05 26.50
N ASN D 289 12.14 11.32 26.93
CA ASN D 289 11.01 11.77 27.76
C ASN D 289 9.65 11.63 27.08
N VAL D 290 9.59 11.80 25.72
CA VAL D 290 8.36 11.70 24.93
C VAL D 290 7.81 10.26 24.99
N LEU D 291 8.73 9.29 24.83
CA LEU D 291 8.41 7.86 24.90
C LEU D 291 8.01 7.51 26.31
N ARG D 292 8.87 7.83 27.30
CA ARG D 292 8.68 7.58 28.72
C ARG D 292 7.30 8.01 29.19
N MET D 293 6.88 9.25 28.79
CA MET D 293 5.57 9.85 29.11
C MET D 293 4.41 9.04 28.59
N SER D 294 4.61 8.33 27.46
CA SER D 294 3.60 7.50 26.82
C SER D 294 3.87 6.01 27.00
N ASN D 295 4.46 5.64 28.16
CA ASN D 295 4.77 4.28 28.61
C ASN D 295 5.67 3.45 27.62
N ILE D 296 6.54 4.09 26.85
CA ILE D 296 7.47 3.34 25.99
C ILE D 296 8.88 3.45 26.60
N ASP D 297 9.50 2.30 26.95
CA ASP D 297 10.83 2.27 27.56
C ASP D 297 11.92 2.71 26.56
N PRO D 298 12.56 3.88 26.78
CA PRO D 298 13.62 4.35 25.86
C PRO D 298 14.88 3.47 25.80
N GLU D 299 15.03 2.51 26.74
CA GLU D 299 16.16 1.57 26.75
C GLU D 299 15.93 0.45 25.76
N LYS D 300 14.66 0.00 25.63
CA LYS D 300 14.25 -1.05 24.70
C LYS D 300 13.86 -0.48 23.33
N PHE D 301 13.17 0.66 23.30
CA PHE D 301 12.73 1.21 22.02
C PHE D 301 13.28 2.55 21.67
N GLN D 302 13.67 2.67 20.39
CA GLN D 302 14.18 3.86 19.73
C GLN D 302 13.11 4.22 18.69
N GLY D 303 13.14 5.46 18.21
CA GLY D 303 12.19 5.89 17.22
C GLY D 303 12.59 7.17 16.54
N PHE D 304 12.02 7.44 15.38
CA PHE D 304 12.26 8.67 14.65
C PHE D 304 10.93 9.25 14.24
N ALA D 305 10.88 10.59 14.14
CA ALA D 305 9.70 11.30 13.69
C ALA D 305 10.10 12.35 12.66
N PHE D 306 9.13 12.81 11.85
CA PHE D 306 9.34 13.80 10.81
C PHE D 306 8.08 14.63 10.61
N GLY D 307 8.25 15.83 10.09
CA GLY D 307 7.14 16.74 9.83
C GLY D 307 7.37 17.52 8.54
N MET D 308 6.29 17.83 7.84
CA MET D 308 6.33 18.62 6.59
C MET D 308 5.02 19.36 6.36
N GLY D 309 5.10 20.52 5.71
CA GLY D 309 3.92 21.31 5.32
C GLY D 309 3.46 20.93 3.93
N ALA D 310 2.15 20.57 3.78
CA ALA D 310 1.60 20.17 2.50
C ALA D 310 1.57 21.31 1.48
N GLU D 311 1.22 22.51 1.92
CA GLU D 311 1.13 23.63 1.00
C GLU D 311 2.47 23.98 0.41
N ARG D 312 3.52 24.00 1.25
CA ARG D 312 4.91 24.28 0.84
C ARG D 312 5.34 23.31 -0.27
N LEU D 313 5.07 22.00 -0.07
CA LEU D 313 5.37 20.90 -0.99
C LEU D 313 4.61 21.06 -2.31
N ALA D 314 3.28 21.34 -2.24
CA ALA D 314 2.40 21.57 -3.37
C ALA D 314 2.90 22.77 -4.20
N MET D 315 3.31 23.85 -3.51
CA MET D 315 3.86 25.03 -4.16
C MET D 315 5.15 24.71 -4.93
N LEU D 316 6.01 23.85 -4.35
CA LEU D 316 7.26 23.43 -4.97
C LEU D 316 7.02 22.60 -6.19
N ARG D 317 6.06 21.65 -6.06
CA ARG D 317 5.64 20.71 -7.09
C ARG D 317 4.93 21.36 -8.27
N TYR D 318 3.96 22.26 -8.01
CA TYR D 318 3.09 22.80 -9.05
C TYR D 318 3.45 24.18 -9.54
N GLY D 319 4.47 24.79 -8.93
CA GLY D 319 4.91 26.14 -9.28
C GLY D 319 3.96 27.23 -8.80
N VAL D 320 3.28 26.99 -7.67
CA VAL D 320 2.37 27.97 -7.08
C VAL D 320 3.20 28.98 -6.28
N ASN D 321 3.06 30.25 -6.66
CA ASN D 321 3.77 31.42 -6.12
C ASN D 321 3.13 31.98 -4.85
N ASP D 322 1.80 32.16 -4.87
CA ASP D 322 1.05 32.74 -3.75
C ASP D 322 0.24 31.69 -3.01
N LEU D 323 0.57 31.51 -1.73
CA LEU D 323 -0.05 30.56 -0.79
C LEU D 323 -1.56 30.84 -0.57
N ARG D 324 -2.01 32.09 -0.81
CA ARG D 324 -3.40 32.49 -0.58
C ARG D 324 -4.38 31.92 -1.59
N LEU D 325 -3.89 31.41 -2.73
CA LEU D 325 -4.71 30.81 -3.80
C LEU D 325 -5.37 29.53 -3.32
N PHE D 326 -4.72 28.84 -2.35
CA PHE D 326 -5.17 27.59 -1.75
C PHE D 326 -6.51 27.68 -0.99
N PHE D 327 -6.83 28.84 -0.41
CA PHE D 327 -8.06 28.95 0.39
C PHE D 327 -9.17 29.84 -0.26
N ASP D 328 -8.89 30.44 -1.45
CA ASP D 328 -9.86 31.28 -2.18
C ASP D 328 -10.86 30.45 -2.96
N ASN D 329 -10.41 29.27 -3.44
CA ASN D 329 -11.19 28.29 -4.22
C ASN D 329 -11.70 28.90 -5.55
N ASP D 330 -10.87 29.74 -6.21
CA ASP D 330 -11.23 30.28 -7.53
C ASP D 330 -11.11 29.12 -8.51
N LEU D 331 -12.14 28.93 -9.34
CA LEU D 331 -12.21 27.85 -10.32
C LEU D 331 -11.09 27.94 -11.34
N ARG D 332 -10.66 29.17 -11.63
CA ARG D 332 -9.53 29.47 -12.51
C ARG D 332 -8.21 28.94 -11.91
N PHE D 333 -8.13 28.82 -10.56
CA PHE D 333 -6.97 28.22 -9.88
C PHE D 333 -7.17 26.69 -9.90
N LEU D 334 -8.24 26.23 -9.23
CA LEU D 334 -8.61 24.83 -9.07
C LEU D 334 -8.57 24.01 -10.36
N GLY D 335 -9.19 24.52 -11.42
CA GLY D 335 -9.24 23.85 -12.73
C GLY D 335 -7.92 23.39 -13.29
N GLN D 336 -6.83 24.06 -12.94
CA GLN D 336 -5.47 23.75 -13.38
C GLN D 336 -4.88 22.43 -12.83
N PHE D 337 -5.60 21.75 -11.90
CA PHE D 337 -5.16 20.51 -11.24
C PHE D 337 -6.05 19.32 -11.55
N ARG D 338 -6.77 19.40 -12.68
CA ARG D 338 -7.65 18.34 -13.18
C ARG D 338 -6.82 17.14 -13.75
C1 2U9 E . 9.07 -19.74 -9.12
C2 2U9 E . 9.23 -20.64 -8.08
C3 2U9 E . 8.14 -21.21 -7.43
C7 2U9 E . 4.43 -21.08 -7.48
C8 2U9 E . 3.50 -21.96 -6.69
C9 2U9 E . 1.71 -23.09 -6.10
C10 2U9 E . 2.48 -23.38 -5.03
C11 2U9 E . 0.31 -23.59 -6.28
C12 2U9 E . -1.51 -23.55 -7.71
C13 2U9 E . -2.54 -23.26 -6.57
C14 2U9 E . -3.97 -23.16 -7.08
C15 2U9 E . -2.04 -22.69 -8.84
O3 2U9 E . -4.50 -21.79 -9.29
S1 2U9 E . -3.81 -22.97 -8.84
O2 2U9 E . -4.11 -24.21 -9.48
N1 2U9 E . -0.31 -23.21 -7.40
O1 2U9 E . -0.20 -24.32 -5.43
N 2U9 E . 2.29 -22.27 -7.06
S 2U9 E . 4.02 -22.62 -5.17
O 2U9 E . 5.79 -21.47 -7.16
C4 2U9 E . 6.86 -20.89 -7.83
C5 2U9 E . 6.68 -19.98 -8.88
C6 2U9 E . 7.77 -19.43 -9.51
C 2U9 E . 10.26 -19.13 -9.82
C1 2U9 F . 5.83 12.63 18.45
C2 2U9 F . 5.05 13.37 17.58
C3 2U9 F . 5.62 14.22 16.65
C7 2U9 F . 7.09 15.75 14.56
C8 2U9 F . 8.15 16.58 13.89
C9 2U9 F . 9.04 18.20 12.70
C10 2U9 F . 10.18 17.54 13.02
C11 2U9 F . 8.98 19.43 11.87
C12 2U9 F . 7.52 20.97 10.97
C13 2U9 F . 8.18 20.95 9.57
C14 2U9 F . 7.52 21.97 8.66
C15 2U9 F . 6.03 20.95 10.63
O3 2U9 F . 5.83 23.52 10.01
S1 2U9 F . 5.91 22.23 9.38
O2 2U9 F . 4.90 21.88 8.42
N1 2U9 F . 7.76 19.92 11.66
O1 2U9 F . 10.01 19.92 11.42
N 2U9 F . 7.87 17.63 13.21
S 2U9 F . 9.85 16.17 13.98
O 2U9 F . 7.71 15.15 15.71
C4 2U9 F . 7.00 14.35 16.58
C5 2U9 F . 7.80 13.61 17.44
C6 2U9 F . 7.20 12.77 18.36
C 2U9 F . 5.19 11.71 19.47
#